data_1SS2
#
_entry.id   1SS2
#
_entity_poly.entity_id   1
_entity_poly.type   'polypeptide(L)'
_entity_poly.pdbx_seq_one_letter_code
;EAEFVRICSKSYLTLENGKVFLTGGDLPALDGARVEFRCDPDFHLVGSSRSVCSQGQWSTPKPHCQVN
;
_entity_poly.pdbx_strand_id   A
#
# COMPACT_ATOMS: atom_id res chain seq x y z
N GLU A 1 -14.34 -15.23 -19.92
CA GLU A 1 -15.32 -16.16 -19.32
C GLU A 1 -15.39 -15.97 -17.81
N ALA A 2 -14.22 -15.90 -17.17
CA ALA A 2 -14.14 -15.73 -15.72
C ALA A 2 -12.69 -15.52 -15.28
N GLU A 3 -11.96 -14.69 -16.02
CA GLU A 3 -10.57 -14.43 -15.71
C GLU A 3 -10.43 -13.81 -14.32
N PHE A 4 -9.44 -14.28 -13.56
CA PHE A 4 -9.21 -13.78 -12.22
C PHE A 4 -8.84 -12.29 -12.25
N VAL A 5 -9.45 -11.52 -11.36
CA VAL A 5 -9.19 -10.08 -11.29
C VAL A 5 -7.71 -9.80 -11.03
N ARG A 6 -7.16 -8.86 -11.78
CA ARG A 6 -5.76 -8.49 -11.65
C ARG A 6 -5.53 -7.57 -10.44
N ILE A 7 -5.91 -8.05 -9.25
CA ILE A 7 -5.75 -7.27 -8.04
C ILE A 7 -4.32 -6.76 -7.89
N CYS A 8 -4.19 -5.52 -7.42
CA CYS A 8 -2.88 -4.90 -7.23
C CYS A 8 -1.99 -5.76 -6.34
N SER A 9 -0.68 -5.56 -6.46
CA SER A 9 0.28 -6.32 -5.67
C SER A 9 -0.10 -6.37 -4.20
N LYS A 10 -0.13 -7.57 -3.65
CA LYS A 10 -0.49 -7.78 -2.24
C LYS A 10 0.71 -7.49 -1.33
N SER A 11 1.91 -7.55 -1.89
CA SER A 11 3.13 -7.31 -1.13
C SER A 11 3.09 -5.99 -0.38
N TYR A 12 2.56 -4.96 -1.05
CA TYR A 12 2.46 -3.62 -0.44
C TYR A 12 1.76 -3.67 0.92
N LEU A 13 0.84 -4.61 1.07
CA LEU A 13 0.10 -4.75 2.33
C LEU A 13 1.05 -4.80 3.52
N THR A 14 2.14 -5.56 3.36
CA THR A 14 3.13 -5.69 4.42
C THR A 14 4.27 -4.70 4.23
N LEU A 15 4.78 -4.15 5.33
CA LEU A 15 5.88 -3.19 5.28
C LEU A 15 6.79 -3.34 6.48
N GLU A 16 8.09 -3.48 6.23
CA GLU A 16 9.08 -3.63 7.28
C GLU A 16 9.30 -2.32 8.01
N ASN A 17 9.52 -2.43 9.32
CA ASN A 17 9.76 -1.26 10.16
C ASN A 17 8.60 -0.28 10.09
N GLY A 18 7.39 -0.80 9.92
CA GLY A 18 6.22 0.06 9.85
C GLY A 18 4.93 -0.72 9.73
N LYS A 19 3.86 -0.02 9.38
CA LYS A 19 2.54 -0.64 9.23
C LYS A 19 1.78 -0.02 8.06
N VAL A 20 1.01 -0.85 7.37
CA VAL A 20 0.23 -0.37 6.23
C VAL A 20 -1.25 -0.28 6.58
N PHE A 21 -1.88 0.82 6.17
CA PHE A 21 -3.30 1.05 6.45
C PHE A 21 -4.13 0.97 5.17
N LEU A 22 -5.09 0.04 5.15
CA LEU A 22 -5.96 -0.15 4.00
C LEU A 22 -7.32 0.46 4.26
N THR A 23 -7.96 0.97 3.22
CA THR A 23 -9.28 1.58 3.35
C THR A 23 -10.03 1.58 2.02
N GLY A 24 -11.29 1.15 2.07
CA GLY A 24 -12.11 1.12 0.88
C GLY A 24 -11.60 0.16 -0.17
N GLY A 25 -11.31 -1.08 0.24
CA GLY A 25 -10.82 -2.07 -0.69
C GLY A 25 -10.52 -3.41 -0.02
N ASP A 26 -10.92 -4.49 -0.67
CA ASP A 26 -10.69 -5.84 -0.16
C ASP A 26 -11.15 -6.87 -1.18
N LEU A 27 -10.24 -7.77 -1.56
CA LEU A 27 -10.56 -8.80 -2.54
C LEU A 27 -11.83 -9.55 -2.15
N PRO A 28 -12.71 -9.83 -3.12
CA PRO A 28 -12.51 -9.46 -4.53
C PRO A 28 -13.05 -8.07 -4.86
N ALA A 29 -12.53 -7.05 -4.18
CA ALA A 29 -12.98 -5.68 -4.43
C ALA A 29 -11.89 -4.68 -4.03
N LEU A 30 -12.02 -3.45 -4.52
CA LEU A 30 -11.04 -2.42 -4.22
C LEU A 30 -11.53 -1.04 -4.65
N ASP A 31 -12.27 -0.98 -5.76
CA ASP A 31 -12.80 0.29 -6.28
C ASP A 31 -11.80 1.43 -6.05
N GLY A 32 -10.57 1.21 -6.47
CA GLY A 32 -9.54 2.23 -6.29
C GLY A 32 -9.17 2.41 -4.83
N ALA A 33 -8.94 1.30 -4.14
CA ALA A 33 -8.60 1.32 -2.73
C ALA A 33 -7.39 2.21 -2.45
N ARG A 34 -7.45 2.96 -1.36
CA ARG A 34 -6.37 3.85 -0.98
C ARG A 34 -5.63 3.29 0.24
N VAL A 35 -4.35 3.62 0.35
CA VAL A 35 -3.55 3.13 1.47
C VAL A 35 -2.54 4.17 1.96
N GLU A 36 -2.50 4.33 3.28
CA GLU A 36 -1.59 5.27 3.93
C GLU A 36 -0.43 4.52 4.59
N PHE A 37 0.79 4.98 4.34
CA PHE A 37 1.98 4.35 4.91
C PHE A 37 2.52 5.14 6.09
N ARG A 38 3.02 4.42 7.09
CA ARG A 38 3.60 5.04 8.28
C ARG A 38 4.46 4.03 9.04
N CYS A 39 5.71 4.38 9.29
CA CYS A 39 6.64 3.51 9.99
C CYS A 39 6.59 3.72 11.51
N ASP A 40 7.25 2.82 12.22
CA ASP A 40 7.31 2.86 13.68
C ASP A 40 7.77 4.22 14.19
N PRO A 41 7.43 4.57 15.45
CA PRO A 41 7.81 5.85 16.06
C PRO A 41 9.32 5.97 16.27
N ASP A 42 10.04 6.10 15.15
CA ASP A 42 11.49 6.22 15.18
C ASP A 42 12.00 6.51 13.77
N PHE A 43 11.30 5.98 12.78
CA PHE A 43 11.65 6.20 11.38
C PHE A 43 10.64 7.14 10.73
N HIS A 44 11.13 8.14 10.00
CA HIS A 44 10.25 9.08 9.34
C HIS A 44 10.15 8.76 7.85
N LEU A 45 8.92 8.61 7.38
CA LEU A 45 8.66 8.29 5.98
C LEU A 45 8.93 9.49 5.09
N VAL A 46 9.75 9.30 4.06
CA VAL A 46 10.11 10.37 3.14
C VAL A 46 10.06 9.90 1.69
N GLY A 47 8.89 9.46 1.23
CA GLY A 47 8.77 9.00 -0.15
C GLY A 47 7.35 8.76 -0.58
N SER A 48 7.12 7.58 -1.18
CA SER A 48 5.81 7.20 -1.67
C SER A 48 4.87 6.83 -0.52
N SER A 49 4.71 7.76 0.42
CA SER A 49 3.85 7.54 1.58
C SER A 49 2.42 7.22 1.15
N ARG A 50 1.93 7.95 0.15
CA ARG A 50 0.58 7.76 -0.35
C ARG A 50 0.58 6.91 -1.62
N SER A 51 -0.30 5.91 -1.66
CA SER A 51 -0.40 5.02 -2.81
C SER A 51 -1.83 4.50 -2.96
N VAL A 52 -2.27 4.31 -4.20
CA VAL A 52 -3.63 3.84 -4.45
C VAL A 52 -3.66 2.82 -5.58
N CYS A 53 -4.40 1.73 -5.35
CA CYS A 53 -4.53 0.66 -6.34
C CYS A 53 -5.32 1.14 -7.56
N SER A 54 -4.82 0.80 -8.74
CA SER A 54 -5.47 1.19 -10.00
C SER A 54 -4.91 0.40 -11.18
N GLN A 55 -5.80 -0.17 -11.97
CA GLN A 55 -5.41 -0.96 -13.14
C GLN A 55 -4.40 -2.04 -12.76
N GLY A 56 -4.69 -2.75 -11.67
CA GLY A 56 -3.80 -3.82 -11.23
C GLY A 56 -2.39 -3.33 -10.98
N GLN A 57 -2.27 -2.17 -10.34
CA GLN A 57 -0.96 -1.60 -10.03
C GLN A 57 -1.12 -0.36 -9.14
N TRP A 58 -0.21 -0.22 -8.18
CA TRP A 58 -0.25 0.91 -7.26
C TRP A 58 0.44 2.13 -7.87
N SER A 59 -0.14 3.31 -7.63
CA SER A 59 0.41 4.55 -8.17
C SER A 59 1.89 4.69 -7.81
N THR A 60 2.18 4.64 -6.51
CA THR A 60 3.56 4.76 -6.04
C THR A 60 4.01 3.49 -5.32
N PRO A 61 5.21 2.98 -5.65
CA PRO A 61 5.74 1.77 -5.03
C PRO A 61 6.08 1.95 -3.55
N LYS A 62 6.99 1.14 -3.06
CA LYS A 62 7.42 1.20 -1.65
C LYS A 62 8.45 2.30 -1.44
N PRO A 63 8.22 3.18 -0.45
CA PRO A 63 9.14 4.28 -0.13
C PRO A 63 10.31 3.83 0.73
N HIS A 64 10.79 4.71 1.62
CA HIS A 64 11.91 4.38 2.48
C HIS A 64 11.87 5.20 3.77
N CYS A 65 11.91 4.51 4.91
CA CYS A 65 11.90 5.17 6.21
C CYS A 65 13.30 5.28 6.79
N GLN A 66 13.66 6.49 7.23
CA GLN A 66 14.98 6.73 7.81
C GLN A 66 14.90 6.84 9.33
N VAL A 67 15.88 6.27 10.02
CA VAL A 67 15.92 6.30 11.47
C VAL A 67 16.35 7.69 11.96
N ASN A 68 15.67 8.19 12.97
CA ASN A 68 15.99 9.50 13.50
C ASN A 68 17.34 9.49 14.21
N GLU A 1 -9.71 -20.86 -17.44
CA GLU A 1 -9.89 -21.85 -16.34
C GLU A 1 -9.15 -21.42 -15.08
N ALA A 2 -7.89 -21.01 -15.25
CA ALA A 2 -7.08 -20.55 -14.12
C ALA A 2 -7.66 -19.29 -13.50
N GLU A 3 -7.71 -19.28 -12.17
CA GLU A 3 -8.25 -18.14 -11.43
C GLU A 3 -7.27 -16.95 -11.49
N PHE A 4 -6.96 -16.37 -10.33
CA PHE A 4 -6.05 -15.22 -10.24
C PHE A 4 -6.69 -13.98 -10.86
N VAL A 5 -6.57 -12.86 -10.16
CA VAL A 5 -7.13 -11.60 -10.63
C VAL A 5 -6.31 -10.42 -10.13
N ARG A 6 -6.03 -9.47 -11.01
CA ARG A 6 -5.25 -8.29 -10.65
C ARG A 6 -5.99 -7.41 -9.65
N ILE A 7 -5.30 -7.03 -8.58
CA ILE A 7 -5.87 -6.19 -7.54
C ILE A 7 -4.78 -5.46 -6.75
N CYS A 8 -3.79 -4.94 -7.47
CA CYS A 8 -2.68 -4.22 -6.85
C CYS A 8 -1.87 -5.12 -5.92
N SER A 9 -0.55 -4.97 -5.96
CA SER A 9 0.34 -5.76 -5.12
C SER A 9 -0.12 -5.77 -3.67
N LYS A 10 -0.17 -6.96 -3.08
CA LYS A 10 -0.59 -7.13 -1.69
C LYS A 10 0.57 -6.89 -0.73
N SER A 11 1.79 -7.16 -1.20
CA SER A 11 2.99 -6.99 -0.39
C SER A 11 3.06 -5.58 0.20
N TYR A 12 2.60 -4.59 -0.55
CA TYR A 12 2.62 -3.21 -0.10
C TYR A 12 2.00 -3.06 1.29
N LEU A 13 0.96 -3.85 1.55
CA LEU A 13 0.28 -3.81 2.85
C LEU A 13 1.27 -3.99 3.99
N THR A 14 2.17 -4.96 3.84
CA THR A 14 3.17 -5.24 4.86
C THR A 14 4.46 -4.48 4.59
N LEU A 15 5.00 -3.86 5.64
CA LEU A 15 6.24 -3.10 5.53
C LEU A 15 7.07 -3.21 6.80
N GLU A 16 8.36 -3.48 6.64
CA GLU A 16 9.26 -3.63 7.78
C GLU A 16 9.32 -2.34 8.59
N ASN A 17 9.17 -2.46 9.90
CA ASN A 17 9.20 -1.30 10.78
C ASN A 17 8.18 -0.26 10.34
N GLY A 18 6.97 -0.71 10.02
CA GLY A 18 5.93 0.19 9.58
C GLY A 18 4.62 -0.52 9.31
N LYS A 19 3.54 0.25 9.19
CA LYS A 19 2.22 -0.32 8.93
C LYS A 19 1.43 0.57 7.98
N VAL A 20 0.53 -0.05 7.23
CA VAL A 20 -0.30 0.67 6.26
C VAL A 20 -1.76 0.70 6.70
N PHE A 21 -2.41 1.83 6.48
CA PHE A 21 -3.82 2.00 6.86
C PHE A 21 -4.72 1.98 5.63
N LEU A 22 -5.82 1.22 5.74
CA LEU A 22 -6.79 1.09 4.65
C LEU A 22 -6.19 0.30 3.51
N THR A 23 -6.94 -0.70 3.05
CA THR A 23 -6.49 -1.54 1.96
C THR A 23 -7.32 -1.28 0.70
N GLY A 24 -8.63 -1.21 0.86
CA GLY A 24 -9.51 -0.96 -0.26
C GLY A 24 -9.76 -2.22 -1.08
N GLY A 25 -10.20 -3.28 -0.40
CA GLY A 25 -10.46 -4.53 -1.08
C GLY A 25 -11.68 -5.25 -0.54
N ASP A 26 -12.35 -6.01 -1.39
CA ASP A 26 -13.54 -6.74 -0.99
C ASP A 26 -13.81 -7.89 -1.96
N LEU A 27 -12.89 -8.86 -1.96
CA LEU A 27 -12.99 -10.02 -2.84
C LEU A 27 -14.44 -10.49 -2.97
N PRO A 28 -14.87 -10.84 -4.19
CA PRO A 28 -14.02 -10.80 -5.39
C PRO A 28 -14.07 -9.45 -6.12
N ALA A 29 -13.67 -8.39 -5.43
CA ALA A 29 -13.67 -7.05 -6.04
C ALA A 29 -12.83 -6.06 -5.23
N LEU A 30 -11.89 -5.41 -5.92
CA LEU A 30 -11.01 -4.43 -5.27
C LEU A 30 -11.74 -3.11 -5.10
N ASP A 31 -12.24 -2.58 -6.22
CA ASP A 31 -13.00 -1.32 -6.25
C ASP A 31 -12.44 -0.24 -5.31
N GLY A 32 -11.83 0.79 -5.89
CA GLY A 32 -11.30 1.90 -5.12
C GLY A 32 -10.32 1.49 -4.04
N ALA A 33 -9.28 0.76 -4.41
CA ALA A 33 -8.27 0.33 -3.46
C ALA A 33 -7.39 1.50 -3.03
N ARG A 34 -7.18 1.65 -1.73
CA ARG A 34 -6.35 2.72 -1.20
C ARG A 34 -5.45 2.21 -0.08
N VAL A 35 -4.31 2.88 0.12
CA VAL A 35 -3.38 2.49 1.17
C VAL A 35 -2.52 3.67 1.61
N GLU A 36 -2.43 3.87 2.93
CA GLU A 36 -1.66 4.95 3.50
C GLU A 36 -0.40 4.40 4.16
N PHE A 37 0.76 4.81 3.65
CA PHE A 37 2.04 4.35 4.19
C PHE A 37 2.48 5.23 5.36
N ARG A 38 3.07 4.59 6.37
CA ARG A 38 3.57 5.28 7.55
C ARG A 38 4.56 4.38 8.28
N CYS A 39 5.74 4.93 8.57
CA CYS A 39 6.78 4.17 9.25
C CYS A 39 6.66 4.28 10.77
N ASP A 40 7.03 3.21 11.45
CA ASP A 40 7.00 3.15 12.90
C ASP A 40 7.74 4.34 13.52
N PRO A 41 7.25 4.84 14.67
CA PRO A 41 7.85 5.98 15.37
C PRO A 41 9.38 5.92 15.38
N ASP A 42 10.00 7.08 15.56
CA ASP A 42 11.46 7.21 15.57
C ASP A 42 11.99 7.28 14.14
N PHE A 43 11.42 6.46 13.26
CA PHE A 43 11.83 6.44 11.86
C PHE A 43 10.76 7.12 11.01
N HIS A 44 11.18 8.07 10.18
CA HIS A 44 10.24 8.78 9.32
C HIS A 44 10.32 8.26 7.89
N LEU A 45 9.15 7.92 7.34
CA LEU A 45 9.07 7.40 5.98
C LEU A 45 9.26 8.53 4.97
N VAL A 46 10.19 8.34 4.04
CA VAL A 46 10.48 9.36 3.03
C VAL A 46 10.50 8.76 1.62
N GLY A 47 9.34 8.40 1.09
CA GLY A 47 9.29 7.84 -0.24
C GLY A 47 7.89 7.77 -0.80
N SER A 48 7.22 8.91 -0.86
CA SER A 48 5.85 8.96 -1.37
C SER A 48 5.01 7.92 -0.65
N SER A 49 4.84 8.13 0.65
CA SER A 49 4.09 7.21 1.50
C SER A 49 2.59 7.25 1.22
N ARG A 50 2.22 7.35 -0.06
CA ARG A 50 0.82 7.38 -0.46
C ARG A 50 0.64 6.59 -1.76
N SER A 51 -0.38 5.74 -1.80
CA SER A 51 -0.65 4.92 -3.00
C SER A 51 -2.14 4.70 -3.20
N VAL A 52 -2.57 4.76 -4.45
CA VAL A 52 -3.98 4.55 -4.79
C VAL A 52 -4.12 3.82 -6.12
N CYS A 53 -4.92 2.76 -6.12
CA CYS A 53 -5.14 1.95 -7.33
C CYS A 53 -5.99 2.70 -8.35
N SER A 54 -5.84 2.31 -9.61
CA SER A 54 -6.58 2.93 -10.70
C SER A 54 -6.64 1.99 -11.91
N GLN A 55 -5.61 1.16 -12.03
CA GLN A 55 -5.53 0.20 -13.13
C GLN A 55 -4.77 -1.05 -12.70
N GLY A 56 -5.13 -1.59 -11.53
CA GLY A 56 -4.48 -2.77 -11.02
C GLY A 56 -3.04 -2.52 -10.64
N GLN A 57 -2.76 -1.33 -10.12
CA GLN A 57 -1.42 -0.94 -9.71
C GLN A 57 -1.48 0.22 -8.72
N TRP A 58 -0.54 0.24 -7.78
CA TRP A 58 -0.50 1.31 -6.78
C TRP A 58 0.24 2.53 -7.33
N SER A 59 -0.25 3.72 -6.98
CA SER A 59 0.32 4.97 -7.44
C SER A 59 1.85 5.00 -7.27
N THR A 60 2.33 4.57 -6.12
CA THR A 60 3.77 4.58 -5.86
C THR A 60 4.23 3.29 -5.17
N PRO A 61 5.43 2.81 -5.52
CA PRO A 61 5.99 1.57 -4.96
C PRO A 61 6.25 1.68 -3.45
N LYS A 62 7.11 0.79 -2.95
CA LYS A 62 7.45 0.77 -1.53
C LYS A 62 8.58 1.74 -1.21
N PRO A 63 8.38 2.63 -0.23
CA PRO A 63 9.38 3.62 0.17
C PRO A 63 10.47 3.03 1.08
N HIS A 64 11.01 3.86 1.96
CA HIS A 64 12.05 3.42 2.89
C HIS A 64 12.05 4.28 4.16
N CYS A 65 12.45 3.66 5.28
CA CYS A 65 12.49 4.37 6.56
C CYS A 65 13.90 4.89 6.86
N GLN A 66 13.98 6.11 7.38
CA GLN A 66 15.26 6.71 7.73
C GLN A 66 15.41 6.79 9.24
N VAL A 67 16.59 6.44 9.74
CA VAL A 67 16.88 6.46 11.16
C VAL A 67 17.28 7.88 11.59
N ASN A 68 16.42 8.84 11.26
CA ASN A 68 16.65 10.23 11.58
C ASN A 68 18.02 10.69 11.08
N GLU A 1 -11.80 -7.41 -16.61
CA GLU A 1 -12.94 -7.65 -17.54
C GLU A 1 -13.56 -9.03 -17.31
N ALA A 2 -12.70 -10.04 -17.20
CA ALA A 2 -13.15 -11.40 -16.97
C ALA A 2 -11.97 -12.36 -16.81
N GLU A 3 -12.08 -13.26 -15.84
CA GLU A 3 -11.02 -14.24 -15.58
C GLU A 3 -9.75 -13.56 -15.10
N PHE A 4 -9.14 -14.13 -14.06
CA PHE A 4 -7.89 -13.60 -13.51
C PHE A 4 -8.08 -12.18 -12.99
N VAL A 5 -8.05 -12.01 -11.68
CA VAL A 5 -8.22 -10.71 -11.06
C VAL A 5 -6.89 -9.94 -11.05
N ARG A 6 -6.93 -8.69 -11.51
CA ARG A 6 -5.73 -7.86 -11.54
C ARG A 6 -5.56 -7.09 -10.24
N ILE A 7 -5.75 -7.78 -9.12
CA ILE A 7 -5.63 -7.16 -7.81
C ILE A 7 -4.21 -6.62 -7.60
N CYS A 8 -4.12 -5.43 -7.01
CA CYS A 8 -2.84 -4.81 -6.74
C CYS A 8 -1.99 -5.68 -5.82
N SER A 9 -0.68 -5.74 -6.10
CA SER A 9 0.24 -6.55 -5.31
C SER A 9 0.04 -6.32 -3.81
N LYS A 10 -0.11 -7.42 -3.08
CA LYS A 10 -0.29 -7.35 -1.63
C LYS A 10 1.05 -7.22 -0.91
N SER A 11 2.10 -6.95 -1.68
CA SER A 11 3.44 -6.80 -1.11
C SER A 11 3.54 -5.53 -0.28
N TYR A 12 2.93 -4.45 -0.74
CA TYR A 12 2.97 -3.17 -0.04
C TYR A 12 2.36 -3.30 1.36
N LEU A 13 1.26 -4.04 1.47
CA LEU A 13 0.60 -4.23 2.76
C LEU A 13 1.59 -4.63 3.85
N THR A 14 2.48 -5.54 3.52
CA THR A 14 3.48 -6.00 4.48
C THR A 14 4.77 -5.18 4.35
N LEU A 15 5.23 -4.61 5.47
CA LEU A 15 6.43 -3.80 5.47
C LEU A 15 7.20 -3.95 6.77
N GLU A 16 8.51 -4.16 6.66
CA GLU A 16 9.38 -4.31 7.82
C GLU A 16 9.53 -2.97 8.54
N ASN A 17 9.40 -2.99 9.85
CA ASN A 17 9.53 -1.77 10.66
C ASN A 17 8.51 -0.72 10.19
N GLY A 18 7.30 -1.17 9.90
CA GLY A 18 6.27 -0.25 9.45
C GLY A 18 4.95 -0.95 9.17
N LYS A 19 3.88 -0.16 9.22
CA LYS A 19 2.54 -0.68 8.97
C LYS A 19 1.88 0.11 7.84
N VAL A 20 1.13 -0.58 6.99
CA VAL A 20 0.48 0.07 5.86
C VAL A 20 -1.04 0.13 6.03
N PHE A 21 -1.61 1.24 5.59
CA PHE A 21 -3.05 1.45 5.67
C PHE A 21 -3.68 1.25 4.30
N LEU A 22 -4.85 0.59 4.26
CA LEU A 22 -5.52 0.33 3.00
C LEU A 22 -7.02 0.55 3.10
N THR A 23 -7.41 1.76 3.49
CA THR A 23 -8.82 2.11 3.61
C THR A 23 -9.57 1.82 2.31
N GLY A 24 -10.80 1.36 2.42
CA GLY A 24 -11.58 1.04 1.25
C GLY A 24 -11.34 -0.38 0.75
N GLY A 25 -12.41 -1.07 0.37
CA GLY A 25 -12.28 -2.42 -0.11
C GLY A 25 -13.63 -3.05 -0.45
N ASP A 26 -13.63 -3.96 -1.42
CA ASP A 26 -14.86 -4.61 -1.84
C ASP A 26 -14.55 -6.00 -2.38
N LEU A 27 -13.93 -6.83 -1.53
CA LEU A 27 -13.54 -8.19 -1.90
C LEU A 27 -14.64 -8.86 -2.74
N PRO A 28 -14.26 -9.55 -3.82
CA PRO A 28 -12.87 -9.69 -4.24
C PRO A 28 -12.39 -8.57 -5.18
N ALA A 29 -12.42 -7.33 -4.70
CA ALA A 29 -11.99 -6.20 -5.52
C ALA A 29 -11.77 -4.95 -4.67
N LEU A 30 -10.62 -4.32 -4.86
CA LEU A 30 -10.29 -3.12 -4.11
C LEU A 30 -10.24 -1.90 -5.04
N ASP A 31 -11.28 -1.74 -5.85
CA ASP A 31 -11.36 -0.62 -6.78
C ASP A 31 -11.41 0.70 -6.02
N GLY A 32 -10.60 1.66 -6.47
CA GLY A 32 -10.56 2.96 -5.83
C GLY A 32 -10.13 2.87 -4.37
N ALA A 33 -9.26 1.92 -4.08
CA ALA A 33 -8.76 1.74 -2.71
C ALA A 33 -7.69 2.78 -2.38
N ARG A 34 -7.80 3.37 -1.19
CA ARG A 34 -6.83 4.36 -0.75
C ARG A 34 -5.89 3.77 0.28
N VAL A 35 -4.61 4.07 0.14
CA VAL A 35 -3.60 3.55 1.03
C VAL A 35 -2.65 4.64 1.53
N GLU A 36 -2.35 4.60 2.82
CA GLU A 36 -1.44 5.57 3.43
C GLU A 36 -0.42 4.83 4.30
N PHE A 37 0.85 4.96 3.93
CA PHE A 37 1.93 4.29 4.64
C PHE A 37 2.29 5.00 5.95
N ARG A 38 2.69 4.21 6.93
CA ARG A 38 3.09 4.73 8.24
C ARG A 38 4.23 3.89 8.80
N CYS A 39 5.39 4.50 9.02
CA CYS A 39 6.54 3.79 9.55
C CYS A 39 6.55 3.81 11.07
N ASP A 40 7.08 2.74 11.66
CA ASP A 40 7.16 2.63 13.12
C ASP A 40 7.85 3.84 13.74
N PRO A 41 7.50 4.18 15.00
CA PRO A 41 8.07 5.32 15.73
C PRO A 41 9.58 5.42 15.55
N ASP A 42 10.11 6.63 15.78
CA ASP A 42 11.54 6.91 15.66
C ASP A 42 11.94 7.06 14.20
N PHE A 43 11.26 6.33 13.32
CA PHE A 43 11.56 6.39 11.88
C PHE A 43 10.44 7.12 11.14
N HIS A 44 10.80 8.14 10.37
CA HIS A 44 9.82 8.90 9.60
C HIS A 44 9.87 8.53 8.12
N LEU A 45 8.69 8.34 7.53
CA LEU A 45 8.60 7.98 6.12
C LEU A 45 8.98 9.17 5.25
N VAL A 46 9.82 8.93 4.25
CA VAL A 46 10.26 10.00 3.35
C VAL A 46 10.17 9.58 1.89
N GLY A 47 8.95 9.27 1.43
CA GLY A 47 8.79 8.87 0.05
C GLY A 47 7.33 8.83 -0.39
N SER A 48 6.97 7.76 -1.09
CA SER A 48 5.62 7.58 -1.58
C SER A 48 4.66 7.20 -0.45
N SER A 49 4.53 8.10 0.53
CA SER A 49 3.66 7.86 1.67
C SER A 49 2.20 7.74 1.25
N ARG A 50 1.96 7.76 -0.06
CA ARG A 50 0.61 7.65 -0.60
C ARG A 50 0.60 6.78 -1.87
N SER A 51 -0.36 5.86 -1.93
CA SER A 51 -0.50 4.95 -3.06
C SER A 51 -1.96 4.55 -3.24
N VAL A 52 -2.42 4.47 -4.48
CA VAL A 52 -3.81 4.10 -4.76
C VAL A 52 -3.90 2.93 -5.72
N CYS A 53 -4.72 1.95 -5.36
CA CYS A 53 -4.93 0.78 -6.20
C CYS A 53 -5.92 1.09 -7.32
N SER A 54 -5.74 0.45 -8.47
CA SER A 54 -6.63 0.68 -9.60
C SER A 54 -6.72 -0.57 -10.48
N GLN A 55 -6.68 -0.39 -11.80
CA GLN A 55 -6.76 -1.51 -12.73
C GLN A 55 -5.68 -2.53 -12.43
N GLY A 56 -4.50 -2.04 -12.08
CA GLY A 56 -3.38 -2.91 -11.77
C GLY A 56 -2.14 -2.12 -11.41
N GLN A 57 -1.35 -2.66 -10.48
CA GLN A 57 -0.14 -2.00 -10.03
C GLN A 57 -0.48 -0.75 -9.21
N TRP A 58 0.38 -0.44 -8.23
CA TRP A 58 0.16 0.71 -7.37
C TRP A 58 0.69 1.99 -8.01
N SER A 59 0.02 3.11 -7.72
CA SER A 59 0.41 4.40 -8.26
C SER A 59 1.90 4.68 -8.02
N THR A 60 2.31 4.61 -6.75
CA THR A 60 3.70 4.85 -6.41
C THR A 60 4.32 3.67 -5.66
N PRO A 61 5.54 3.26 -6.05
CA PRO A 61 6.25 2.14 -5.41
C PRO A 61 6.53 2.42 -3.94
N LYS A 62 6.44 1.37 -3.11
CA LYS A 62 6.67 1.52 -1.67
C LYS A 62 7.88 2.40 -1.38
N PRO A 63 7.74 3.36 -0.44
CA PRO A 63 8.81 4.28 -0.06
C PRO A 63 9.89 3.62 0.81
N HIS A 64 10.43 4.37 1.77
CA HIS A 64 11.45 3.86 2.66
C HIS A 64 11.45 4.59 3.99
N CYS A 65 11.94 3.92 5.04
CA CYS A 65 12.00 4.51 6.37
C CYS A 65 13.37 5.12 6.64
N GLN A 66 13.38 6.28 7.31
CA GLN A 66 14.63 6.95 7.64
C GLN A 66 14.64 7.41 9.09
N VAL A 67 15.83 7.34 9.70
CA VAL A 67 16.01 7.75 11.08
C VAL A 67 16.00 9.26 11.20
N ASN A 68 15.25 9.78 12.16
CA ASN A 68 15.17 11.22 12.36
C ASN A 68 16.52 11.79 12.79
N GLU A 1 -19.60 -15.28 -8.49
CA GLU A 1 -18.42 -15.20 -9.40
C GLU A 1 -18.04 -13.74 -9.67
N ALA A 2 -17.66 -13.45 -10.91
CA ALA A 2 -17.27 -12.10 -11.30
C ALA A 2 -16.10 -11.60 -10.45
N GLU A 3 -15.09 -12.45 -10.29
CA GLU A 3 -13.91 -12.10 -9.51
C GLU A 3 -13.17 -10.93 -10.13
N PHE A 4 -12.72 -10.00 -9.30
CA PHE A 4 -11.99 -8.83 -9.76
C PHE A 4 -10.74 -9.25 -10.54
N VAL A 5 -10.05 -10.28 -10.02
CA VAL A 5 -8.84 -10.80 -10.65
C VAL A 5 -7.71 -9.78 -10.62
N ARG A 6 -6.49 -10.27 -10.38
CA ARG A 6 -5.31 -9.42 -10.33
C ARG A 6 -5.41 -8.41 -9.19
N ILE A 7 -5.63 -8.90 -7.98
CA ILE A 7 -5.73 -8.03 -6.81
C ILE A 7 -4.51 -7.13 -6.67
N CYS A 8 -4.72 -5.92 -6.15
CA CYS A 8 -3.64 -4.96 -5.97
C CYS A 8 -2.44 -5.60 -5.30
N SER A 9 -1.25 -5.12 -5.64
CA SER A 9 0.00 -5.66 -5.08
C SER A 9 -0.11 -5.80 -3.56
N LYS A 10 0.20 -6.99 -3.08
CA LYS A 10 0.15 -7.28 -1.65
C LYS A 10 1.45 -6.90 -0.96
N SER A 11 2.54 -6.87 -1.73
CA SER A 11 3.86 -6.52 -1.20
C SER A 11 3.83 -5.19 -0.45
N TYR A 12 3.12 -4.22 -1.00
CA TYR A 12 3.02 -2.91 -0.38
C TYR A 12 2.48 -3.03 1.05
N LEU A 13 1.48 -3.89 1.23
CA LEU A 13 0.88 -4.10 2.54
C LEU A 13 1.90 -4.60 3.54
N THR A 14 2.85 -5.41 3.07
CA THR A 14 3.89 -5.95 3.93
C THR A 14 5.12 -5.05 3.91
N LEU A 15 5.04 -3.95 4.65
CA LEU A 15 6.12 -2.99 4.73
C LEU A 15 7.03 -3.28 5.92
N GLU A 16 8.32 -3.43 5.65
CA GLU A 16 9.28 -3.71 6.71
C GLU A 16 9.44 -2.51 7.64
N ASN A 17 9.29 -2.73 8.94
CA ASN A 17 9.40 -1.67 9.92
C ASN A 17 8.31 -0.63 9.70
N GLY A 18 7.07 -1.09 9.56
CA GLY A 18 5.95 -0.18 9.35
C GLY A 18 4.62 -0.80 9.72
N LYS A 19 3.53 -0.19 9.25
CA LYS A 19 2.20 -0.69 9.53
C LYS A 19 1.26 -0.49 8.35
N VAL A 20 1.37 0.67 7.70
CA VAL A 20 0.54 1.03 6.55
C VAL A 20 -0.96 0.86 6.81
N PHE A 21 -1.73 1.85 6.39
CA PHE A 21 -3.18 1.82 6.58
C PHE A 21 -3.92 1.57 5.28
N LEU A 22 -5.01 0.81 5.37
CA LEU A 22 -5.82 0.49 4.21
C LEU A 22 -7.26 0.99 4.39
N THR A 23 -7.82 1.59 3.36
CA THR A 23 -9.18 2.12 3.42
C THR A 23 -9.88 1.96 2.07
N GLY A 24 -11.15 1.58 2.12
CA GLY A 24 -11.93 1.40 0.92
C GLY A 24 -11.42 0.25 0.07
N GLY A 25 -11.12 -0.88 0.72
CA GLY A 25 -10.64 -2.04 0.00
C GLY A 25 -10.37 -3.22 0.91
N ASP A 26 -10.89 -4.38 0.52
CA ASP A 26 -10.70 -5.61 1.28
C ASP A 26 -10.97 -6.81 0.38
N LEU A 27 -9.98 -7.68 0.23
CA LEU A 27 -10.10 -8.87 -0.61
C LEU A 27 -11.49 -9.50 -0.49
N PRO A 28 -12.11 -9.84 -1.63
CA PRO A 28 -11.53 -9.67 -2.96
C PRO A 28 -11.90 -8.34 -3.61
N ALA A 29 -11.84 -7.25 -2.84
CA ALA A 29 -12.18 -5.92 -3.37
C ALA A 29 -11.00 -5.33 -4.14
N LEU A 30 -11.32 -4.53 -5.16
CA LEU A 30 -10.29 -3.89 -5.98
C LEU A 30 -10.88 -2.73 -6.76
N ASP A 31 -11.06 -1.59 -6.08
CA ASP A 31 -11.60 -0.40 -6.71
C ASP A 31 -11.41 0.82 -5.82
N GLY A 32 -10.73 1.83 -6.36
CA GLY A 32 -10.47 3.04 -5.61
C GLY A 32 -9.84 2.77 -4.26
N ALA A 33 -9.06 1.70 -4.17
CA ALA A 33 -8.39 1.34 -2.92
C ALA A 33 -7.20 2.25 -2.65
N ARG A 34 -7.16 2.85 -1.47
CA ARG A 34 -6.06 3.73 -1.10
C ARG A 34 -5.40 3.30 0.19
N VAL A 35 -4.08 3.45 0.26
CA VAL A 35 -3.33 3.07 1.45
C VAL A 35 -2.36 4.16 1.88
N GLU A 36 -2.33 4.42 3.18
CA GLU A 36 -1.45 5.43 3.75
C GLU A 36 -0.34 4.77 4.56
N PHE A 37 0.76 4.45 3.89
CA PHE A 37 1.89 3.80 4.56
C PHE A 37 2.36 4.61 5.76
N ARG A 38 2.73 3.90 6.83
CA ARG A 38 3.21 4.54 8.05
C ARG A 38 4.31 3.71 8.67
N CYS A 39 5.43 4.35 8.97
CA CYS A 39 6.57 3.65 9.56
C CYS A 39 6.48 3.64 11.09
N ASP A 40 7.08 2.63 11.70
CA ASP A 40 7.07 2.47 13.16
C ASP A 40 7.56 3.76 13.84
N PRO A 41 7.12 3.98 15.10
CA PRO A 41 7.52 5.16 15.87
C PRO A 41 9.03 5.36 15.85
N ASP A 42 9.47 6.60 16.06
CA ASP A 42 10.89 6.93 16.05
C ASP A 42 11.38 7.06 14.61
N PHE A 43 10.76 6.30 13.70
CA PHE A 43 11.12 6.35 12.29
C PHE A 43 10.05 7.11 11.51
N HIS A 44 10.45 7.72 10.40
CA HIS A 44 9.51 8.47 9.58
C HIS A 44 9.65 8.12 8.10
N LEU A 45 8.51 7.85 7.46
CA LEU A 45 8.50 7.50 6.04
C LEU A 45 8.85 8.72 5.19
N VAL A 46 9.74 8.52 4.22
CA VAL A 46 10.18 9.61 3.36
C VAL A 46 10.12 9.22 1.89
N GLY A 47 8.92 9.10 1.33
CA GLY A 47 8.79 8.74 -0.06
C GLY A 47 7.35 8.60 -0.52
N SER A 48 7.07 7.50 -1.22
CA SER A 48 5.75 7.21 -1.74
C SER A 48 4.80 6.80 -0.62
N SER A 49 4.63 7.67 0.36
CA SER A 49 3.77 7.42 1.49
C SER A 49 2.34 7.09 1.06
N ARG A 50 1.93 7.63 -0.09
CA ARG A 50 0.58 7.39 -0.60
C ARG A 50 0.59 6.50 -1.84
N SER A 51 -0.38 5.58 -1.91
CA SER A 51 -0.50 4.67 -3.03
C SER A 51 -1.96 4.27 -3.24
N VAL A 52 -2.37 4.14 -4.50
CA VAL A 52 -3.75 3.79 -4.82
C VAL A 52 -3.84 2.91 -6.08
N CYS A 53 -4.67 1.88 -6.01
CA CYS A 53 -4.85 0.96 -7.14
C CYS A 53 -5.36 1.72 -8.37
N SER A 54 -5.16 1.13 -9.54
CA SER A 54 -5.61 1.74 -10.79
C SER A 54 -5.64 0.70 -11.91
N GLN A 55 -4.78 -0.29 -11.80
CA GLN A 55 -4.69 -1.36 -12.79
C GLN A 55 -3.85 -2.51 -12.25
N GLY A 56 -4.26 -3.04 -11.11
CA GLY A 56 -3.54 -4.12 -10.48
C GLY A 56 -2.18 -3.66 -9.98
N GLN A 57 -2.14 -2.44 -9.46
CA GLN A 57 -0.91 -1.85 -8.94
C GLN A 57 -1.23 -0.78 -7.90
N TRP A 58 -0.36 0.22 -7.82
CA TRP A 58 -0.53 1.32 -6.88
C TRP A 58 -0.01 2.62 -7.48
N SER A 59 -0.52 3.74 -7.00
CA SER A 59 -0.11 5.05 -7.49
C SER A 59 1.40 5.12 -7.70
N THR A 60 2.15 4.73 -6.69
CA THR A 60 3.61 4.75 -6.77
C THR A 60 4.26 3.62 -5.97
N PRO A 61 5.40 3.10 -6.47
CA PRO A 61 6.14 2.01 -5.83
C PRO A 61 6.35 2.21 -4.34
N LYS A 62 6.56 1.12 -3.62
CA LYS A 62 6.79 1.16 -2.18
C LYS A 62 7.97 2.08 -1.83
N PRO A 63 7.76 3.02 -0.90
CA PRO A 63 8.81 3.95 -0.47
C PRO A 63 9.86 3.29 0.43
N HIS A 64 10.41 4.07 1.36
CA HIS A 64 11.41 3.57 2.29
C HIS A 64 11.39 4.38 3.58
N CYS A 65 11.64 3.71 4.71
CA CYS A 65 11.65 4.40 5.99
C CYS A 65 13.06 4.81 6.37
N GLN A 66 13.20 6.06 6.79
CA GLN A 66 14.51 6.58 7.19
C GLN A 66 14.51 6.97 8.66
N VAL A 67 15.60 6.64 9.34
CA VAL A 67 15.75 6.97 10.76
C VAL A 67 16.21 8.40 10.93
N ASN A 68 15.54 9.15 11.80
CA ASN A 68 15.90 10.54 12.03
C ASN A 68 17.23 10.64 12.76
N GLU A 1 -7.15 -22.50 -3.87
CA GLU A 1 -6.97 -21.11 -3.39
C GLU A 1 -6.43 -20.21 -4.49
N ALA A 2 -7.07 -20.27 -5.66
CA ALA A 2 -6.66 -19.46 -6.81
C ALA A 2 -6.88 -17.97 -6.54
N GLU A 3 -7.34 -17.25 -7.55
CA GLU A 3 -7.58 -15.81 -7.42
C GLU A 3 -8.24 -15.24 -8.67
N PHE A 4 -9.26 -14.42 -8.48
CA PHE A 4 -9.98 -13.80 -9.58
C PHE A 4 -9.13 -12.74 -10.28
N VAL A 5 -9.70 -11.57 -10.48
CA VAL A 5 -8.99 -10.47 -11.14
C VAL A 5 -7.64 -10.20 -10.48
N ARG A 6 -6.67 -9.82 -11.30
CA ARG A 6 -5.31 -9.54 -10.81
C ARG A 6 -5.28 -8.26 -9.96
N ILE A 7 -5.87 -8.34 -8.76
CA ILE A 7 -5.91 -7.22 -7.85
C ILE A 7 -4.52 -6.66 -7.58
N CYS A 8 -4.46 -5.37 -7.22
CA CYS A 8 -3.18 -4.71 -6.94
C CYS A 8 -2.30 -5.58 -6.05
N SER A 9 -1.00 -5.56 -6.32
CA SER A 9 -0.04 -6.35 -5.57
C SER A 9 -0.22 -6.20 -4.06
N LYS A 10 -0.41 -7.32 -3.38
CA LYS A 10 -0.58 -7.32 -1.94
C LYS A 10 0.77 -7.24 -1.23
N SER A 11 1.84 -7.45 -2.01
CA SER A 11 3.20 -7.42 -1.47
C SER A 11 3.46 -6.11 -0.73
N TYR A 12 2.92 -5.01 -1.24
CA TYR A 12 3.11 -3.70 -0.62
C TYR A 12 2.83 -3.75 0.88
N LEU A 13 1.90 -4.63 1.27
CA LEU A 13 1.53 -4.77 2.68
C LEU A 13 2.58 -5.57 3.45
N THR A 14 3.85 -5.35 3.15
CA THR A 14 4.95 -6.03 3.82
C THR A 14 6.17 -5.12 3.92
N LEU A 15 5.99 -3.97 4.57
CA LEU A 15 7.07 -3.01 4.71
C LEU A 15 7.82 -3.19 6.04
N GLU A 16 9.14 -3.24 5.93
CA GLU A 16 9.99 -3.42 7.11
C GLU A 16 10.01 -2.15 7.94
N ASN A 17 9.92 -2.32 9.27
CA ASN A 17 9.93 -1.18 10.19
C ASN A 17 8.76 -0.23 9.89
N GLY A 18 7.60 -0.79 9.60
CA GLY A 18 6.43 0.02 9.31
C GLY A 18 5.14 -0.66 9.73
N LYS A 19 4.02 -0.12 9.26
CA LYS A 19 2.72 -0.68 9.58
C LYS A 19 1.77 -0.61 8.39
N VAL A 20 1.82 0.52 7.67
CA VAL A 20 0.99 0.77 6.49
C VAL A 20 -0.50 0.50 6.73
N PHE A 21 -1.32 1.44 6.29
CA PHE A 21 -2.77 1.32 6.46
C PHE A 21 -3.48 1.12 5.13
N LEU A 22 -4.80 1.27 5.14
CA LEU A 22 -5.61 1.12 3.94
C LEU A 22 -7.06 1.52 4.23
N THR A 23 -7.70 2.17 3.27
CA THR A 23 -9.08 2.61 3.43
C THR A 23 -9.78 2.74 2.08
N GLY A 24 -11.08 2.43 2.05
CA GLY A 24 -11.84 2.51 0.82
C GLY A 24 -11.55 1.34 -0.11
N GLY A 25 -11.50 0.14 0.47
CA GLY A 25 -11.24 -1.05 -0.31
C GLY A 25 -11.10 -2.28 0.57
N ASP A 26 -11.64 -3.40 0.12
CA ASP A 26 -11.58 -4.65 0.87
C ASP A 26 -11.96 -5.83 -0.01
N LEU A 27 -11.13 -6.85 -0.02
CA LEU A 27 -11.38 -8.04 -0.83
C LEU A 27 -12.77 -8.59 -0.56
N PRO A 28 -13.52 -8.96 -1.63
CA PRO A 28 -13.06 -8.86 -3.01
C PRO A 28 -13.48 -7.56 -3.70
N ALA A 29 -13.01 -6.42 -3.20
CA ALA A 29 -13.37 -5.13 -3.78
C ALA A 29 -12.25 -4.11 -3.62
N LEU A 30 -11.95 -3.40 -4.72
CA LEU A 30 -10.91 -2.38 -4.70
C LEU A 30 -11.52 -0.99 -4.62
N ASP A 31 -12.55 -0.75 -5.43
CA ASP A 31 -13.24 0.54 -5.47
C ASP A 31 -12.26 1.69 -5.28
N GLY A 32 -11.16 1.67 -6.03
CA GLY A 32 -10.17 2.71 -5.92
C GLY A 32 -9.54 2.78 -4.55
N ALA A 33 -9.17 1.63 -4.01
CA ALA A 33 -8.56 1.55 -2.70
C ALA A 33 -7.28 2.39 -2.63
N ARG A 34 -7.12 3.12 -1.53
CA ARG A 34 -5.95 3.96 -1.35
C ARG A 34 -5.15 3.53 -0.13
N VAL A 35 -3.90 3.15 -0.35
CA VAL A 35 -3.02 2.70 0.72
C VAL A 35 -2.34 3.89 1.40
N GLU A 36 -2.06 3.74 2.69
CA GLU A 36 -1.41 4.81 3.46
C GLU A 36 -0.28 4.26 4.31
N PHE A 37 0.86 3.97 3.68
CA PHE A 37 2.02 3.45 4.39
C PHE A 37 2.39 4.35 5.56
N ARG A 38 2.99 3.74 6.58
CA ARG A 38 3.41 4.48 7.78
C ARG A 38 4.52 3.74 8.51
N CYS A 39 5.54 4.48 8.93
CA CYS A 39 6.66 3.89 9.63
C CYS A 39 6.41 3.87 11.14
N ASP A 40 6.92 2.84 11.81
CA ASP A 40 6.75 2.69 13.26
C ASP A 40 7.16 3.95 14.01
N PRO A 41 6.59 4.17 15.21
CA PRO A 41 6.88 5.34 16.05
C PRO A 41 8.36 5.47 16.40
N ASP A 42 9.15 5.87 15.42
CA ASP A 42 10.59 6.05 15.60
C ASP A 42 11.20 6.48 14.26
N PHE A 43 10.69 5.89 13.19
CA PHE A 43 11.14 6.22 11.84
C PHE A 43 10.06 7.02 11.12
N HIS A 44 10.47 8.04 10.37
CA HIS A 44 9.52 8.86 9.64
C HIS A 44 9.50 8.48 8.17
N LEU A 45 8.30 8.31 7.63
CA LEU A 45 8.12 7.95 6.23
C LEU A 45 8.38 9.16 5.34
N VAL A 46 9.24 8.97 4.34
CA VAL A 46 9.59 10.05 3.43
C VAL A 46 9.52 9.59 1.97
N GLY A 47 8.32 9.25 1.50
CA GLY A 47 8.18 8.81 0.13
C GLY A 47 6.75 8.48 -0.25
N SER A 48 6.56 7.30 -0.83
CA SER A 48 5.25 6.84 -1.26
C SER A 48 4.34 6.49 -0.08
N SER A 49 4.13 7.45 0.80
CA SER A 49 3.28 7.26 1.97
C SER A 49 1.87 6.92 1.52
N ARG A 50 1.58 7.20 0.25
CA ARG A 50 0.26 6.94 -0.32
C ARG A 50 0.39 6.39 -1.75
N SER A 51 -0.46 5.42 -2.09
CA SER A 51 -0.44 4.81 -3.42
C SER A 51 -1.85 4.36 -3.81
N VAL A 52 -2.35 4.86 -4.92
CA VAL A 52 -3.69 4.51 -5.39
C VAL A 52 -3.69 3.20 -6.17
N CYS A 53 -4.63 2.32 -5.84
CA CYS A 53 -4.75 1.03 -6.52
C CYS A 53 -5.58 1.18 -7.80
N SER A 54 -5.05 0.65 -8.89
CA SER A 54 -5.74 0.73 -10.18
C SER A 54 -6.15 -0.66 -10.65
N GLN A 55 -6.01 -0.93 -11.95
CA GLN A 55 -6.36 -2.22 -12.51
C GLN A 55 -5.47 -3.32 -11.95
N GLY A 56 -4.18 -3.02 -11.82
CA GLY A 56 -3.23 -3.98 -11.30
C GLY A 56 -1.85 -3.39 -11.14
N GLN A 57 -1.78 -2.20 -10.56
CA GLN A 57 -0.51 -1.52 -10.34
C GLN A 57 -0.70 -0.29 -9.45
N TRP A 58 0.19 -0.14 -8.48
CA TRP A 58 0.13 0.99 -7.56
C TRP A 58 0.80 2.21 -8.16
N SER A 59 0.21 3.39 -7.92
CA SER A 59 0.74 4.63 -8.46
C SER A 59 2.20 4.81 -8.11
N THR A 60 2.51 4.85 -6.81
CA THR A 60 3.90 5.03 -6.37
C THR A 60 4.42 3.79 -5.64
N PRO A 61 5.65 3.35 -5.98
CA PRO A 61 6.27 2.17 -5.36
C PRO A 61 6.62 2.41 -3.89
N LYS A 62 6.60 1.33 -3.11
CA LYS A 62 6.90 1.42 -1.68
C LYS A 62 8.09 2.33 -1.41
N PRO A 63 7.96 3.25 -0.43
CA PRO A 63 9.02 4.19 -0.07
C PRO A 63 10.09 3.57 0.82
N HIS A 64 10.57 4.34 1.80
CA HIS A 64 11.60 3.88 2.72
C HIS A 64 11.49 4.64 4.05
N CYS A 65 11.76 3.94 5.14
CA CYS A 65 11.69 4.55 6.47
C CYS A 65 13.07 4.99 6.95
N GLN A 66 13.15 6.21 7.46
CA GLN A 66 14.41 6.76 7.95
C GLN A 66 14.27 7.20 9.41
N VAL A 67 15.30 6.94 10.20
CA VAL A 67 15.29 7.30 11.61
C VAL A 67 15.69 8.76 11.77
N ASN A 68 14.91 9.49 12.57
CA ASN A 68 15.19 10.90 12.79
C ASN A 68 16.42 11.08 13.68
N GLU A 1 -1.87 -19.54 -6.74
CA GLU A 1 -2.29 -18.18 -7.13
C GLU A 1 -3.82 -18.06 -7.12
N ALA A 2 -4.37 -17.39 -8.14
CA ALA A 2 -5.80 -17.21 -8.26
C ALA A 2 -6.19 -16.59 -9.60
N GLU A 3 -5.51 -15.50 -9.95
CA GLU A 3 -5.78 -14.80 -11.20
C GLU A 3 -7.25 -14.42 -11.32
N PHE A 4 -7.78 -13.81 -10.26
CA PHE A 4 -9.18 -13.39 -10.26
C PHE A 4 -9.39 -12.19 -11.19
N VAL A 5 -10.11 -11.17 -10.71
CA VAL A 5 -10.36 -9.98 -11.52
C VAL A 5 -9.19 -9.00 -11.43
N ARG A 6 -7.98 -9.54 -11.54
CA ARG A 6 -6.76 -8.73 -11.49
C ARG A 6 -6.72 -7.88 -10.22
N ILE A 7 -7.01 -8.50 -9.08
CA ILE A 7 -7.00 -7.81 -7.80
C ILE A 7 -5.68 -7.10 -7.57
N CYS A 8 -5.74 -5.89 -6.99
CA CYS A 8 -4.54 -5.12 -6.71
C CYS A 8 -3.57 -5.91 -5.83
N SER A 9 -2.32 -6.01 -6.29
CA SER A 9 -1.30 -6.74 -5.56
C SER A 9 -1.27 -6.35 -4.08
N LYS A 10 -1.32 -7.35 -3.21
CA LYS A 10 -1.29 -7.10 -1.76
C LYS A 10 0.15 -7.10 -1.25
N SER A 11 1.08 -6.78 -2.12
CA SER A 11 2.49 -6.73 -1.76
C SER A 11 2.79 -5.58 -0.81
N TYR A 12 2.19 -4.43 -1.09
CA TYR A 12 2.38 -3.23 -0.28
C TYR A 12 2.01 -3.47 1.18
N LEU A 13 1.04 -4.35 1.43
CA LEU A 13 0.62 -4.66 2.79
C LEU A 13 1.81 -5.08 3.66
N THR A 14 1.73 -4.72 4.94
CA THR A 14 2.78 -5.04 5.93
C THR A 14 4.15 -4.50 5.52
N LEU A 15 4.86 -3.94 6.49
CA LEU A 15 6.20 -3.38 6.24
C LEU A 15 7.11 -3.59 7.45
N GLU A 16 8.37 -3.94 7.19
CA GLU A 16 9.34 -4.17 8.24
C GLU A 16 9.90 -2.87 8.79
N ASN A 17 9.01 -1.90 9.03
CA ASN A 17 9.41 -0.61 9.57
C ASN A 17 8.23 0.08 10.26
N GLY A 18 7.03 -0.20 9.79
CA GLY A 18 5.85 0.41 10.36
C GLY A 18 4.58 -0.37 10.07
N LYS A 19 3.50 0.35 9.82
CA LYS A 19 2.21 -0.24 9.53
C LYS A 19 1.50 0.52 8.41
N VAL A 20 0.65 -0.19 7.68
CA VAL A 20 -0.09 0.39 6.57
C VAL A 20 -1.57 0.53 6.91
N PHE A 21 -2.16 1.65 6.51
CA PHE A 21 -3.58 1.91 6.77
C PHE A 21 -4.39 1.82 5.48
N LEU A 22 -5.56 1.19 5.57
CA LEU A 22 -6.45 1.01 4.43
C LEU A 22 -5.85 -0.01 3.48
N THR A 23 -6.68 -0.93 3.02
CA THR A 23 -6.23 -1.96 2.11
C THR A 23 -7.12 -2.01 0.86
N GLY A 24 -7.58 -3.19 0.49
CA GLY A 24 -8.44 -3.33 -0.67
C GLY A 24 -9.74 -2.56 -0.52
N GLY A 25 -10.11 -1.82 -1.55
CA GLY A 25 -11.34 -1.04 -1.49
C GLY A 25 -12.58 -1.89 -1.35
N ASP A 26 -12.69 -2.92 -2.19
CA ASP A 26 -13.84 -3.83 -2.17
C ASP A 26 -13.62 -4.98 -3.14
N LEU A 27 -12.57 -5.75 -2.90
CA LEU A 27 -12.23 -6.89 -3.75
C LEU A 27 -13.48 -7.55 -4.34
N PRO A 28 -13.49 -7.82 -5.65
CA PRO A 28 -12.37 -7.53 -6.54
C PRO A 28 -12.38 -6.10 -7.11
N ALA A 29 -12.62 -5.11 -6.24
CA ALA A 29 -12.64 -3.72 -6.68
C ALA A 29 -11.24 -3.12 -6.69
N LEU A 30 -10.87 -2.53 -7.83
CA LEU A 30 -9.55 -1.92 -7.97
C LEU A 30 -9.64 -0.40 -7.83
N ASP A 31 -10.65 0.19 -8.46
CA ASP A 31 -10.85 1.63 -8.42
C ASP A 31 -11.40 2.07 -7.06
N GLY A 32 -10.62 1.83 -6.01
CA GLY A 32 -11.04 2.19 -4.68
C GLY A 32 -9.99 1.87 -3.63
N ALA A 33 -9.23 0.80 -3.87
CA ALA A 33 -8.19 0.38 -2.94
C ALA A 33 -7.25 1.55 -2.61
N ARG A 34 -7.03 1.76 -1.32
CA ARG A 34 -6.17 2.84 -0.86
C ARG A 34 -5.22 2.35 0.24
N VAL A 35 -4.09 3.03 0.41
CA VAL A 35 -3.12 2.65 1.44
C VAL A 35 -2.32 3.87 1.89
N GLU A 36 -2.14 3.98 3.21
CA GLU A 36 -1.39 5.08 3.79
C GLU A 36 -0.21 4.54 4.59
N PHE A 37 0.99 4.65 4.03
CA PHE A 37 2.19 4.16 4.69
C PHE A 37 2.68 5.12 5.76
N ARG A 38 3.20 4.56 6.84
CA ARG A 38 3.74 5.33 7.94
C ARG A 38 4.55 4.42 8.86
N CYS A 39 5.81 4.79 9.09
CA CYS A 39 6.70 3.99 9.92
C CYS A 39 6.63 4.38 11.40
N ASP A 40 6.85 3.39 12.26
CA ASP A 40 6.81 3.57 13.71
C ASP A 40 7.71 4.72 14.17
N PRO A 41 7.45 5.26 15.37
CA PRO A 41 8.23 6.38 15.94
C PRO A 41 9.71 6.03 16.09
N ASP A 42 10.41 6.06 14.97
CA ASP A 42 11.84 5.76 14.93
C ASP A 42 12.35 5.99 13.52
N PHE A 43 11.56 5.54 12.55
CA PHE A 43 11.88 5.70 11.15
C PHE A 43 10.96 6.74 10.52
N HIS A 44 11.50 7.68 9.79
CA HIS A 44 10.68 8.71 9.15
C HIS A 44 10.48 8.41 7.67
N LEU A 45 9.22 8.27 7.29
CA LEU A 45 8.86 7.98 5.91
C LEU A 45 9.16 9.17 5.02
N VAL A 46 9.94 8.96 3.97
CA VAL A 46 10.32 10.04 3.06
C VAL A 46 10.18 9.61 1.60
N GLY A 47 8.95 9.30 1.18
CA GLY A 47 8.75 8.89 -0.20
C GLY A 47 7.29 8.80 -0.60
N SER A 48 6.95 7.72 -1.29
CA SER A 48 5.58 7.49 -1.75
C SER A 48 4.69 7.06 -0.59
N SER A 49 4.62 7.89 0.44
CA SER A 49 3.82 7.61 1.61
C SER A 49 2.38 7.26 1.23
N ARG A 50 1.81 8.01 0.30
CA ARG A 50 0.44 7.78 -0.16
C ARG A 50 0.43 6.99 -1.47
N SER A 51 -0.48 6.04 -1.58
CA SER A 51 -0.60 5.22 -2.79
C SER A 51 -2.04 4.77 -3.01
N VAL A 52 -2.48 4.78 -4.27
CA VAL A 52 -3.85 4.37 -4.60
C VAL A 52 -3.87 3.51 -5.86
N CYS A 53 -4.49 2.34 -5.75
CA CYS A 53 -4.58 1.40 -6.87
C CYS A 53 -5.81 1.69 -7.75
N SER A 54 -5.67 1.40 -9.04
CA SER A 54 -6.76 1.61 -9.99
C SER A 54 -6.45 0.89 -11.30
N GLN A 55 -5.71 -0.20 -11.20
CA GLN A 55 -5.31 -1.00 -12.36
C GLN A 55 -4.39 -2.13 -11.92
N GLY A 56 -4.74 -2.78 -10.81
CA GLY A 56 -3.92 -3.86 -10.28
C GLY A 56 -2.69 -3.34 -9.55
N GLN A 57 -1.95 -2.46 -10.21
CA GLN A 57 -0.76 -1.87 -9.62
C GLN A 57 -1.12 -0.61 -8.83
N TRP A 58 -0.36 -0.32 -7.78
CA TRP A 58 -0.63 0.86 -6.96
C TRP A 58 0.04 2.10 -7.58
N SER A 59 -0.63 3.24 -7.41
CA SER A 59 -0.14 4.51 -7.95
C SER A 59 1.36 4.70 -7.71
N THR A 60 1.77 4.63 -6.44
CA THR A 60 3.18 4.80 -6.11
C THR A 60 3.72 3.63 -5.29
N PRO A 61 4.91 3.11 -5.68
CA PRO A 61 5.54 1.98 -4.99
C PRO A 61 5.92 2.33 -3.55
N LYS A 62 6.03 1.30 -2.72
CA LYS A 62 6.38 1.48 -1.31
C LYS A 62 7.62 2.38 -1.17
N PRO A 63 7.54 3.44 -0.35
CA PRO A 63 8.65 4.36 -0.14
C PRO A 63 9.79 3.75 0.66
N HIS A 64 10.46 4.56 1.48
CA HIS A 64 11.57 4.10 2.30
C HIS A 64 11.73 4.97 3.55
N CYS A 65 11.82 4.33 4.71
CA CYS A 65 11.99 5.05 5.96
C CYS A 65 13.43 5.00 6.45
N GLN A 66 13.93 6.13 6.92
CA GLN A 66 15.30 6.21 7.43
C GLN A 66 15.32 6.26 8.95
N VAL A 67 16.37 5.69 9.54
CA VAL A 67 16.50 5.67 10.99
C VAL A 67 16.87 7.05 11.51
N ASN A 68 16.12 7.52 12.49
CA ASN A 68 16.37 8.84 13.06
C ASN A 68 17.62 8.84 13.94
N GLU A 1 -12.03 -18.39 -21.69
CA GLU A 1 -12.58 -17.81 -20.43
C GLU A 1 -11.49 -17.67 -19.37
N ALA A 2 -11.62 -16.65 -18.53
CA ALA A 2 -10.65 -16.39 -17.47
C ALA A 2 -11.21 -15.41 -16.44
N GLU A 3 -11.04 -15.76 -15.17
CA GLU A 3 -11.52 -14.91 -14.08
C GLU A 3 -10.82 -13.56 -14.08
N PHE A 4 -11.61 -12.49 -13.96
CA PHE A 4 -11.07 -11.14 -13.94
C PHE A 4 -10.53 -10.77 -12.56
N VAL A 5 -9.78 -11.69 -11.95
CA VAL A 5 -9.20 -11.47 -10.63
C VAL A 5 -7.94 -10.61 -10.73
N ARG A 6 -8.03 -9.48 -11.43
CA ARG A 6 -6.91 -8.57 -11.58
C ARG A 6 -6.73 -7.74 -10.32
N ILE A 7 -6.80 -8.39 -9.18
CA ILE A 7 -6.67 -7.72 -7.89
C ILE A 7 -5.31 -7.06 -7.74
N CYS A 8 -5.28 -5.93 -7.04
CA CYS A 8 -4.06 -5.18 -6.82
C CYS A 8 -3.00 -6.04 -6.14
N SER A 9 -1.76 -5.97 -6.64
CA SER A 9 -0.66 -6.73 -6.08
C SER A 9 -0.62 -6.62 -4.56
N LYS A 10 -0.59 -7.77 -3.89
CA LYS A 10 -0.55 -7.79 -2.43
C LYS A 10 0.88 -7.63 -1.93
N SER A 11 1.76 -7.16 -2.81
CA SER A 11 3.16 -6.95 -2.46
C SER A 11 3.32 -5.80 -1.46
N TYR A 12 2.64 -4.70 -1.73
CA TYR A 12 2.70 -3.52 -0.88
C TYR A 12 2.27 -3.83 0.55
N LEU A 13 1.34 -4.76 0.70
CA LEU A 13 0.87 -5.14 2.03
C LEU A 13 2.04 -5.43 2.96
N THR A 14 1.90 -5.00 4.22
CA THR A 14 2.95 -5.19 5.22
C THR A 14 4.20 -4.37 4.87
N LEU A 15 4.80 -3.77 5.90
CA LEU A 15 5.99 -2.95 5.71
C LEU A 15 6.93 -3.09 6.90
N GLU A 16 8.19 -3.41 6.62
CA GLU A 16 9.19 -3.59 7.67
C GLU A 16 9.45 -2.29 8.42
N ASN A 17 9.36 -2.34 9.74
CA ASN A 17 9.58 -1.18 10.59
C ASN A 17 8.53 -0.11 10.32
N GLY A 18 7.28 -0.54 10.14
CA GLY A 18 6.20 0.38 9.88
C GLY A 18 4.84 -0.29 9.92
N LYS A 19 3.84 0.39 9.38
CA LYS A 19 2.47 -0.14 9.36
C LYS A 19 1.78 0.22 8.04
N VAL A 20 0.98 -0.71 7.52
CA VAL A 20 0.26 -0.48 6.29
C VAL A 20 -1.24 -0.35 6.55
N PHE A 21 -1.85 0.71 6.01
CA PHE A 21 -3.26 0.96 6.17
C PHE A 21 -3.99 0.76 4.85
N LEU A 22 -5.27 0.41 4.91
CA LEU A 22 -6.06 0.19 3.70
C LEU A 22 -7.55 0.42 3.94
N THR A 23 -8.18 1.15 3.02
CA THR A 23 -9.60 1.44 3.09
C THR A 23 -10.16 1.71 1.70
N GLY A 24 -11.31 1.07 1.41
CA GLY A 24 -11.93 1.26 0.11
C GLY A 24 -12.98 0.19 -0.18
N GLY A 25 -12.66 -1.06 0.11
CA GLY A 25 -13.59 -2.15 -0.13
C GLY A 25 -13.12 -3.45 0.49
N ASP A 26 -13.08 -4.51 -0.31
CA ASP A 26 -12.65 -5.82 0.18
C ASP A 26 -11.98 -6.61 -0.93
N LEU A 27 -12.28 -7.91 -1.02
CA LEU A 27 -11.69 -8.77 -2.04
C LEU A 27 -12.77 -9.47 -2.85
N PRO A 28 -12.71 -9.35 -4.19
CA PRO A 28 -11.68 -8.60 -4.88
C PRO A 28 -12.08 -7.15 -5.12
N ALA A 29 -12.77 -6.54 -4.15
CA ALA A 29 -13.20 -5.16 -4.28
C ALA A 29 -12.13 -4.19 -3.77
N LEU A 30 -10.87 -4.51 -4.04
CA LEU A 30 -9.76 -3.67 -3.63
C LEU A 30 -9.62 -2.46 -4.54
N ASP A 31 -10.50 -2.38 -5.54
CA ASP A 31 -10.47 -1.27 -6.49
C ASP A 31 -10.77 0.06 -5.80
N GLY A 32 -10.08 1.12 -6.23
CA GLY A 32 -10.29 2.43 -5.64
C GLY A 32 -9.59 2.61 -4.30
N ALA A 33 -9.59 1.56 -3.49
CA ALA A 33 -8.97 1.60 -2.17
C ALA A 33 -7.53 2.12 -2.25
N ARG A 34 -7.13 2.90 -1.25
CA ARG A 34 -5.80 3.46 -1.19
C ARG A 34 -5.12 3.14 0.14
N VAL A 35 -3.86 2.72 0.08
CA VAL A 35 -3.11 2.36 1.27
C VAL A 35 -2.22 3.51 1.75
N GLU A 36 -2.17 3.70 3.06
CA GLU A 36 -1.34 4.74 3.67
C GLU A 36 -0.17 4.12 4.42
N PHE A 37 1.04 4.57 4.13
CA PHE A 37 2.24 4.05 4.78
C PHE A 37 2.71 4.97 5.91
N ARG A 38 3.18 4.36 6.99
CA ARG A 38 3.68 5.12 8.14
C ARG A 38 4.76 4.31 8.87
N CYS A 39 5.87 4.97 9.17
CA CYS A 39 6.97 4.30 9.87
C CYS A 39 6.81 4.42 11.38
N ASP A 40 7.39 3.48 12.11
CA ASP A 40 7.32 3.46 13.58
C ASP A 40 7.76 4.80 14.17
N PRO A 41 7.43 5.07 15.45
CA PRO A 41 7.78 6.32 16.13
C PRO A 41 9.28 6.45 16.42
N ASP A 42 10.09 6.23 15.39
CA ASP A 42 11.54 6.32 15.50
C ASP A 42 12.12 6.77 14.17
N PHE A 43 11.61 6.17 13.10
CA PHE A 43 12.04 6.50 11.74
C PHE A 43 10.95 7.28 11.01
N HIS A 44 11.33 8.28 10.23
CA HIS A 44 10.36 9.08 9.49
C HIS A 44 10.29 8.64 8.04
N LEU A 45 9.07 8.38 7.56
CA LEU A 45 8.85 7.95 6.19
C LEU A 45 9.15 9.08 5.21
N VAL A 46 9.95 8.78 4.19
CA VAL A 46 10.33 9.79 3.19
C VAL A 46 10.22 9.23 1.77
N GLY A 47 9.02 8.85 1.35
CA GLY A 47 8.86 8.30 0.02
C GLY A 47 7.41 8.22 -0.43
N SER A 48 7.04 7.08 -0.99
CA SER A 48 5.69 6.85 -1.47
C SER A 48 4.72 6.61 -0.31
N SER A 49 4.71 7.53 0.64
CA SER A 49 3.84 7.43 1.81
C SER A 49 2.40 7.19 1.39
N ARG A 50 1.94 7.92 0.38
CA ARG A 50 0.58 7.77 -0.12
C ARG A 50 0.55 6.90 -1.38
N SER A 51 -0.36 5.94 -1.41
CA SER A 51 -0.49 5.04 -2.55
C SER A 51 -1.96 4.66 -2.78
N VAL A 52 -2.37 4.64 -4.04
CA VAL A 52 -3.75 4.30 -4.39
C VAL A 52 -3.79 3.40 -5.62
N CYS A 53 -4.51 2.29 -5.51
CA CYS A 53 -4.62 1.34 -6.62
C CYS A 53 -5.86 1.64 -7.45
N SER A 54 -5.70 1.65 -8.77
CA SER A 54 -6.80 1.91 -9.68
C SER A 54 -7.10 0.68 -10.53
N GLN A 55 -6.03 -0.03 -10.89
CA GLN A 55 -6.13 -1.24 -11.70
C GLN A 55 -5.08 -2.26 -11.26
N GLY A 56 -4.48 -2.96 -12.22
CA GLY A 56 -3.48 -3.95 -11.89
C GLY A 56 -2.12 -3.32 -11.59
N GLN A 57 -2.13 -2.19 -10.86
CA GLN A 57 -0.89 -1.49 -10.52
C GLN A 57 -1.19 -0.31 -9.59
N TRP A 58 -0.35 -0.16 -8.55
CA TRP A 58 -0.51 0.93 -7.60
C TRP A 58 0.14 2.21 -8.10
N SER A 59 -0.41 3.34 -7.71
CA SER A 59 0.11 4.65 -8.15
C SER A 59 1.58 4.80 -7.78
N THR A 60 1.89 4.83 -6.49
CA THR A 60 3.27 4.98 -6.05
C THR A 60 3.81 3.66 -5.48
N PRO A 61 5.07 3.33 -5.80
CA PRO A 61 5.71 2.09 -5.31
C PRO A 61 5.89 2.08 -3.80
N LYS A 62 6.86 1.31 -3.34
CA LYS A 62 7.15 1.19 -1.91
C LYS A 62 8.22 2.19 -1.48
N PRO A 63 7.98 2.92 -0.37
CA PRO A 63 8.92 3.92 0.14
C PRO A 63 9.99 3.30 1.05
N HIS A 64 10.54 4.12 1.94
CA HIS A 64 11.57 3.66 2.87
C HIS A 64 11.58 4.51 4.13
N CYS A 65 11.95 3.90 5.26
CA CYS A 65 11.99 4.61 6.53
C CYS A 65 13.40 5.07 6.85
N GLN A 66 13.53 6.34 7.22
CA GLN A 66 14.83 6.93 7.56
C GLN A 66 14.94 7.21 9.04
N VAL A 67 16.11 6.97 9.62
CA VAL A 67 16.34 7.21 11.03
C VAL A 67 16.64 8.69 11.28
N ASN A 68 15.93 9.29 12.21
CA ASN A 68 16.12 10.70 12.52
C ASN A 68 17.47 10.93 13.18
N GLU A 1 -13.42 -18.54 -1.89
CA GLU A 1 -11.94 -18.61 -1.84
C GLU A 1 -11.31 -18.12 -3.14
N ALA A 2 -11.92 -18.50 -4.26
CA ALA A 2 -11.43 -18.10 -5.57
C ALA A 2 -11.56 -16.59 -5.78
N GLU A 3 -12.02 -16.19 -6.96
CA GLU A 3 -12.19 -14.78 -7.27
C GLU A 3 -10.86 -14.04 -7.15
N PHE A 4 -9.79 -14.65 -7.63
CA PHE A 4 -8.46 -14.06 -7.57
C PHE A 4 -8.40 -12.77 -8.37
N VAL A 5 -9.02 -12.79 -9.55
CA VAL A 5 -9.05 -11.63 -10.44
C VAL A 5 -7.70 -10.95 -10.52
N ARG A 6 -7.70 -9.66 -10.88
CA ARG A 6 -6.48 -8.89 -11.00
C ARG A 6 -6.26 -7.99 -9.78
N ILE A 7 -6.41 -8.57 -8.59
CA ILE A 7 -6.22 -7.82 -7.35
C ILE A 7 -4.82 -7.20 -7.30
N CYS A 8 -4.76 -5.97 -6.81
CA CYS A 8 -3.50 -5.25 -6.70
C CYS A 8 -2.50 -6.03 -5.86
N SER A 9 -1.25 -6.07 -6.32
CA SER A 9 -0.19 -6.78 -5.61
C SER A 9 -0.19 -6.43 -4.12
N LYS A 10 -0.29 -7.46 -3.29
CA LYS A 10 -0.31 -7.27 -1.83
C LYS A 10 1.10 -7.11 -1.27
N SER A 11 2.04 -6.73 -2.13
CA SER A 11 3.43 -6.54 -1.71
C SER A 11 3.56 -5.32 -0.79
N TYR A 12 2.91 -4.23 -1.18
CA TYR A 12 2.96 -3.00 -0.41
C TYR A 12 2.40 -3.19 0.99
N LEU A 13 1.43 -4.10 1.12
CA LEU A 13 0.80 -4.39 2.41
C LEU A 13 1.85 -4.69 3.48
N THR A 14 2.88 -5.45 3.11
CA THR A 14 3.94 -5.79 4.06
C THR A 14 5.08 -4.78 3.98
N LEU A 15 5.48 -4.26 5.13
CA LEU A 15 6.55 -3.28 5.20
C LEU A 15 7.38 -3.45 6.47
N GLU A 16 8.68 -3.63 6.31
CA GLU A 16 9.58 -3.77 7.45
C GLU A 16 9.67 -2.45 8.21
N ASN A 17 9.47 -2.51 9.52
CA ASN A 17 9.52 -1.32 10.35
C ASN A 17 8.47 -0.31 9.89
N GLY A 18 7.32 -0.82 9.48
CA GLY A 18 6.24 0.04 9.02
C GLY A 18 4.90 -0.66 8.98
N LYS A 19 3.85 0.09 9.23
CA LYS A 19 2.49 -0.42 9.21
C LYS A 19 1.70 0.17 8.06
N VAL A 20 0.89 -0.66 7.42
CA VAL A 20 0.09 -0.22 6.28
C VAL A 20 -1.40 -0.21 6.62
N PHE A 21 -2.07 0.88 6.24
CA PHE A 21 -3.51 1.02 6.51
C PHE A 21 -4.31 0.90 5.22
N LEU A 22 -5.34 0.05 5.25
CA LEU A 22 -6.19 -0.16 4.09
C LEU A 22 -7.52 0.55 4.27
N THR A 23 -8.03 1.14 3.20
CA THR A 23 -9.29 1.84 3.24
C THR A 23 -9.95 1.88 1.87
N GLY A 24 -11.26 1.67 1.84
CA GLY A 24 -11.99 1.68 0.58
C GLY A 24 -11.88 0.37 -0.16
N GLY A 25 -13.01 -0.20 -0.54
CA GLY A 25 -13.04 -1.46 -1.26
C GLY A 25 -14.41 -2.10 -1.27
N ASP A 26 -14.44 -3.43 -1.10
CA ASP A 26 -15.71 -4.15 -1.08
C ASP A 26 -15.48 -5.64 -0.83
N LEU A 27 -14.77 -6.28 -1.74
CA LEU A 27 -14.46 -7.70 -1.63
C LEU A 27 -13.39 -7.97 -0.56
N PRO A 28 -12.32 -7.15 -0.49
CA PRO A 28 -12.11 -6.01 -1.36
C PRO A 28 -11.33 -6.36 -2.63
N ALA A 29 -11.92 -6.02 -3.77
CA ALA A 29 -11.29 -6.28 -5.06
C ALA A 29 -10.14 -5.31 -5.31
N LEU A 30 -10.20 -4.17 -4.64
CA LEU A 30 -9.18 -3.13 -4.77
C LEU A 30 -9.25 -2.45 -6.14
N ASP A 31 -10.44 -2.40 -6.72
CA ASP A 31 -10.63 -1.77 -8.03
C ASP A 31 -10.62 -0.25 -7.90
N GLY A 32 -9.79 0.26 -7.00
CA GLY A 32 -9.69 1.69 -6.78
C GLY A 32 -9.55 2.03 -5.32
N ALA A 33 -8.94 1.11 -4.57
CA ALA A 33 -8.74 1.30 -3.13
C ALA A 33 -7.56 2.20 -2.85
N ARG A 34 -7.65 2.97 -1.77
CA ARG A 34 -6.57 3.88 -1.38
C ARG A 34 -5.88 3.34 -0.13
N VAL A 35 -4.56 3.44 -0.10
CA VAL A 35 -3.81 2.92 1.04
C VAL A 35 -2.86 3.97 1.61
N GLU A 36 -2.82 4.06 2.95
CA GLU A 36 -1.96 5.01 3.63
C GLU A 36 -0.75 4.32 4.25
N PHE A 37 0.44 4.83 3.95
CA PHE A 37 1.66 4.26 4.50
C PHE A 37 2.15 5.05 5.70
N ARG A 38 2.63 4.32 6.73
CA ARG A 38 3.12 4.96 7.95
C ARG A 38 4.22 4.11 8.58
N CYS A 39 5.35 4.75 8.90
CA CYS A 39 6.48 4.05 9.51
C CYS A 39 6.37 4.06 11.03
N ASP A 40 6.81 2.96 11.66
CA ASP A 40 6.78 2.84 13.11
C ASP A 40 7.53 3.98 13.79
N PRO A 41 7.17 4.30 15.05
CA PRO A 41 7.81 5.37 15.82
C PRO A 41 9.34 5.29 15.76
N ASP A 42 10.00 6.40 16.06
CA ASP A 42 11.46 6.48 16.03
C ASP A 42 11.97 6.57 14.59
N PHE A 43 11.17 6.03 13.66
CA PHE A 43 11.52 6.06 12.25
C PHE A 43 10.42 6.77 11.45
N HIS A 44 10.80 7.70 10.58
CA HIS A 44 9.84 8.44 9.78
C HIS A 44 9.88 8.04 8.31
N LEU A 45 8.70 7.89 7.71
CA LEU A 45 8.60 7.54 6.30
C LEU A 45 8.98 8.74 5.44
N VAL A 46 9.89 8.53 4.50
CA VAL A 46 10.35 9.62 3.63
C VAL A 46 10.25 9.24 2.15
N GLY A 47 9.03 9.24 1.61
CA GLY A 47 8.85 8.91 0.22
C GLY A 47 7.39 8.75 -0.17
N SER A 48 7.07 7.61 -0.78
CA SER A 48 5.71 7.31 -1.21
C SER A 48 4.81 7.03 -0.01
N SER A 49 4.67 8.03 0.86
CA SER A 49 3.83 7.89 2.05
C SER A 49 2.40 7.54 1.68
N ARG A 50 2.02 7.83 0.42
CA ARG A 50 0.68 7.54 -0.06
C ARG A 50 0.73 6.77 -1.38
N SER A 51 -0.21 5.85 -1.56
CA SER A 51 -0.28 5.04 -2.78
C SER A 51 -1.72 4.64 -3.08
N VAL A 52 -2.06 4.58 -4.36
CA VAL A 52 -3.42 4.22 -4.77
C VAL A 52 -3.42 3.30 -5.99
N CYS A 53 -4.22 2.25 -5.93
CA CYS A 53 -4.32 1.29 -7.03
C CYS A 53 -5.75 1.30 -7.60
N SER A 54 -5.88 1.06 -8.90
CA SER A 54 -7.20 1.06 -9.53
C SER A 54 -7.24 0.19 -10.79
N GLN A 55 -6.60 -0.98 -10.74
CA GLN A 55 -6.59 -1.90 -11.87
C GLN A 55 -5.72 -3.12 -11.58
N GLY A 56 -4.46 -2.87 -11.27
CA GLY A 56 -3.53 -3.96 -10.98
C GLY A 56 -2.11 -3.45 -10.81
N GLN A 57 -1.99 -2.28 -10.21
CA GLN A 57 -0.70 -1.65 -9.98
C GLN A 57 -0.87 -0.40 -9.13
N TRP A 58 0.04 -0.22 -8.17
CA TRP A 58 -0.03 0.94 -7.30
C TRP A 58 0.65 2.14 -7.95
N SER A 59 -0.03 3.29 -7.88
CA SER A 59 0.48 4.52 -8.50
C SER A 59 1.92 4.80 -8.10
N THR A 60 2.15 5.04 -6.81
CA THR A 60 3.50 5.33 -6.34
C THR A 60 4.23 4.07 -5.86
N PRO A 61 5.52 3.94 -6.20
CA PRO A 61 6.34 2.80 -5.80
C PRO A 61 6.61 2.78 -4.30
N LYS A 62 6.69 1.59 -3.72
CA LYS A 62 6.93 1.45 -2.29
C LYS A 62 8.10 2.34 -1.85
N PRO A 63 7.90 3.15 -0.79
CA PRO A 63 8.93 4.06 -0.28
C PRO A 63 9.95 3.38 0.62
N HIS A 64 10.52 4.16 1.53
CA HIS A 64 11.51 3.66 2.48
C HIS A 64 11.51 4.53 3.74
N CYS A 65 11.81 3.92 4.88
CA CYS A 65 11.82 4.66 6.14
C CYS A 65 13.23 5.06 6.53
N GLN A 66 13.37 6.29 7.02
CA GLN A 66 14.67 6.82 7.45
C GLN A 66 14.79 6.79 8.97
N VAL A 67 16.01 6.55 9.45
CA VAL A 67 16.26 6.50 10.89
C VAL A 67 16.06 7.87 11.54
N ASN A 68 14.80 8.19 11.83
CA ASN A 68 14.46 9.45 12.46
C ASN A 68 15.13 9.60 13.82
N GLU A 1 -17.24 -12.29 -7.15
CA GLU A 1 -16.82 -13.67 -7.48
C GLU A 1 -17.42 -14.12 -8.81
N ALA A 2 -17.28 -13.28 -9.82
CA ALA A 2 -17.81 -13.58 -11.15
C ALA A 2 -17.39 -12.50 -12.16
N GLU A 3 -16.13 -12.08 -12.07
CA GLU A 3 -15.60 -11.05 -12.97
C GLU A 3 -14.10 -11.23 -13.15
N PHE A 4 -13.41 -11.49 -12.05
CA PHE A 4 -11.97 -11.68 -12.05
C PHE A 4 -11.25 -10.40 -12.47
N VAL A 5 -10.19 -10.06 -11.75
CA VAL A 5 -9.41 -8.87 -12.05
C VAL A 5 -8.12 -8.83 -11.24
N ARG A 6 -7.03 -8.48 -11.91
CA ARG A 6 -5.72 -8.41 -11.26
C ARG A 6 -5.75 -7.46 -10.07
N ILE A 7 -5.33 -7.97 -8.92
CA ILE A 7 -5.30 -7.19 -7.69
C ILE A 7 -3.93 -6.57 -7.45
N CYS A 8 -3.92 -5.34 -6.92
CA CYS A 8 -2.67 -4.64 -6.63
C CYS A 8 -1.74 -5.50 -5.79
N SER A 9 -0.44 -5.41 -6.08
CA SER A 9 0.57 -6.18 -5.37
C SER A 9 0.38 -6.08 -3.86
N LYS A 10 0.39 -7.22 -3.19
CA LYS A 10 0.22 -7.27 -1.73
C LYS A 10 1.52 -6.92 -1.02
N SER A 11 2.59 -6.77 -1.80
CA SER A 11 3.90 -6.43 -1.24
C SER A 11 3.84 -5.14 -0.42
N TYR A 12 3.10 -4.15 -0.94
CA TYR A 12 2.96 -2.87 -0.26
C TYR A 12 2.33 -3.03 1.11
N LEU A 13 1.41 -3.99 1.24
CA LEU A 13 0.73 -4.24 2.51
C LEU A 13 1.72 -4.50 3.64
N THR A 14 2.70 -5.36 3.38
CA THR A 14 3.70 -5.69 4.40
C THR A 14 4.92 -4.80 4.28
N LEU A 15 5.35 -4.23 5.41
CA LEU A 15 6.51 -3.35 5.44
C LEU A 15 7.28 -3.51 6.75
N GLU A 16 8.58 -3.76 6.64
CA GLU A 16 9.41 -3.91 7.83
C GLU A 16 9.51 -2.60 8.58
N ASN A 17 9.28 -2.65 9.89
CA ASN A 17 9.32 -1.46 10.73
C ASN A 17 8.34 -0.41 10.22
N GLY A 18 7.16 -0.86 9.81
CA GLY A 18 6.16 0.04 9.30
C GLY A 18 4.80 -0.63 9.14
N LYS A 19 3.75 0.18 9.21
CA LYS A 19 2.39 -0.32 9.07
C LYS A 19 1.67 0.35 7.91
N VAL A 20 0.85 -0.41 7.21
CA VAL A 20 0.10 0.12 6.07
C VAL A 20 -1.39 0.22 6.38
N PHE A 21 -2.00 1.30 5.91
CA PHE A 21 -3.42 1.53 6.13
C PHE A 21 -4.19 1.29 4.84
N LEU A 22 -5.47 0.93 4.96
CA LEU A 22 -6.30 0.67 3.80
C LEU A 22 -7.77 0.92 4.13
N THR A 23 -8.46 1.61 3.22
CA THR A 23 -9.87 1.92 3.40
C THR A 23 -10.55 2.17 2.06
N GLY A 24 -11.63 1.44 1.82
CA GLY A 24 -12.37 1.57 0.58
C GLY A 24 -13.33 0.43 0.37
N GLY A 25 -13.22 -0.24 -0.77
CA GLY A 25 -14.09 -1.37 -1.06
C GLY A 25 -13.84 -2.53 -0.14
N ASP A 26 -13.58 -3.71 -0.72
CA ASP A 26 -13.32 -4.91 0.07
C ASP A 26 -12.89 -6.04 -0.85
N LEU A 27 -11.77 -6.68 -0.52
CA LEU A 27 -11.24 -7.77 -1.32
C LEU A 27 -12.35 -8.66 -1.86
N PRO A 28 -12.25 -9.08 -3.15
CA PRO A 28 -11.13 -8.72 -4.02
C PRO A 28 -11.31 -7.39 -4.73
N ALA A 29 -11.94 -6.42 -4.05
CA ALA A 29 -12.15 -5.10 -4.62
C ALA A 29 -10.99 -4.18 -4.30
N LEU A 30 -9.78 -4.67 -4.49
CA LEU A 30 -8.56 -3.91 -4.22
C LEU A 30 -8.57 -2.58 -4.97
N ASP A 31 -9.05 -2.60 -6.21
CA ASP A 31 -9.10 -1.40 -7.03
C ASP A 31 -9.99 -0.35 -6.40
N GLY A 32 -9.55 0.91 -6.47
CA GLY A 32 -10.31 2.01 -5.89
C GLY A 32 -9.90 2.29 -4.46
N ALA A 33 -9.58 1.24 -3.72
CA ALA A 33 -9.17 1.38 -2.33
C ALA A 33 -7.93 2.27 -2.18
N ARG A 34 -7.91 3.07 -1.12
CA ARG A 34 -6.78 3.97 -0.87
C ARG A 34 -5.99 3.48 0.33
N VAL A 35 -4.66 3.57 0.23
CA VAL A 35 -3.79 3.11 1.32
C VAL A 35 -2.84 4.20 1.79
N GLU A 36 -2.61 4.25 3.10
CA GLU A 36 -1.71 5.24 3.69
C GLU A 36 -0.56 4.55 4.44
N PHE A 37 0.66 4.83 4.00
CA PHE A 37 1.86 4.25 4.61
C PHE A 37 2.31 5.07 5.81
N ARG A 38 2.97 4.40 6.76
CA ARG A 38 3.48 5.06 7.95
C ARG A 38 4.53 4.20 8.66
N CYS A 39 5.70 4.78 8.90
CA CYS A 39 6.79 4.07 9.55
C CYS A 39 6.72 4.22 11.07
N ASP A 40 7.05 3.16 11.79
CA ASP A 40 7.04 3.17 13.25
C ASP A 40 7.92 4.30 13.77
N PRO A 41 7.68 4.75 15.03
CA PRO A 41 8.44 5.82 15.66
C PRO A 41 9.95 5.69 15.40
N ASP A 42 10.65 6.81 15.46
CA ASP A 42 12.10 6.85 15.22
C ASP A 42 12.38 6.83 13.72
N PHE A 43 11.57 6.09 12.96
CA PHE A 43 11.75 6.01 11.51
C PHE A 43 10.64 6.76 10.79
N HIS A 44 11.01 7.64 9.86
CA HIS A 44 10.03 8.42 9.11
C HIS A 44 9.83 7.86 7.70
N LEU A 45 8.58 7.96 7.22
CA LEU A 45 8.23 7.49 5.87
C LEU A 45 8.76 8.46 4.82
N VAL A 46 9.40 7.94 3.79
CA VAL A 46 9.96 8.78 2.74
C VAL A 46 9.68 8.23 1.33
N GLY A 47 8.42 8.29 0.91
CA GLY A 47 8.09 7.79 -0.41
C GLY A 47 6.60 7.72 -0.67
N SER A 48 6.12 6.54 -1.02
CA SER A 48 4.70 6.32 -1.32
C SER A 48 3.85 6.37 -0.06
N SER A 49 3.95 7.48 0.68
CA SER A 49 3.17 7.65 1.89
C SER A 49 1.69 7.50 1.55
N ARG A 50 1.38 7.71 0.28
CA ARG A 50 0.02 7.60 -0.22
C ARG A 50 0.04 6.93 -1.60
N SER A 51 -0.75 5.87 -1.76
CA SER A 51 -0.78 5.13 -3.03
C SER A 51 -2.19 4.64 -3.34
N VAL A 52 -2.63 4.83 -4.58
CA VAL A 52 -3.95 4.40 -5.02
C VAL A 52 -3.85 3.06 -5.75
N CYS A 53 -4.76 2.14 -5.41
CA CYS A 53 -4.77 0.81 -6.04
C CYS A 53 -5.43 0.87 -7.41
N SER A 54 -5.03 1.83 -8.23
CA SER A 54 -5.59 1.96 -9.58
C SER A 54 -5.21 0.74 -10.42
N GLN A 55 -6.21 0.10 -11.02
CA GLN A 55 -5.97 -1.08 -11.84
C GLN A 55 -5.20 -2.13 -11.04
N GLY A 56 -4.25 -2.81 -11.67
CA GLY A 56 -3.47 -3.81 -10.98
C GLY A 56 -2.06 -3.34 -10.69
N GLN A 57 -1.93 -2.06 -10.36
CA GLN A 57 -0.63 -1.46 -10.05
C GLN A 57 -0.80 -0.24 -9.15
N TRP A 58 0.13 -0.05 -8.23
CA TRP A 58 0.06 1.10 -7.32
C TRP A 58 0.66 2.34 -7.97
N SER A 59 -0.02 3.47 -7.78
CA SER A 59 0.44 4.73 -8.37
C SER A 59 1.87 5.07 -7.93
N THR A 60 2.06 5.23 -6.62
CA THR A 60 3.39 5.55 -6.09
C THR A 60 4.14 4.30 -5.66
N PRO A 61 5.43 4.19 -6.04
CA PRO A 61 6.27 3.04 -5.68
C PRO A 61 6.51 2.95 -4.18
N LYS A 62 6.48 1.73 -3.65
CA LYS A 62 6.69 1.50 -2.21
C LYS A 62 7.84 2.36 -1.67
N PRO A 63 7.61 3.04 -0.53
CA PRO A 63 8.61 3.90 0.10
C PRO A 63 9.60 3.13 0.95
N HIS A 64 10.25 3.82 1.89
CA HIS A 64 11.22 3.20 2.78
C HIS A 64 11.31 3.97 4.09
N CYS A 65 11.64 3.26 5.16
CA CYS A 65 11.75 3.89 6.47
C CYS A 65 13.20 4.25 6.79
N GLN A 66 13.39 5.41 7.39
CA GLN A 66 14.73 5.89 7.75
C GLN A 66 14.77 6.36 9.19
N VAL A 67 15.79 5.93 9.93
CA VAL A 67 15.94 6.31 11.32
C VAL A 67 16.46 7.74 11.42
N ASN A 68 15.71 8.58 12.14
CA ASN A 68 16.09 9.97 12.31
C ASN A 68 17.28 10.10 13.26
N GLU A 1 -1.16 -20.39 -5.81
CA GLU A 1 -0.12 -20.39 -6.86
C GLU A 1 -0.29 -19.19 -7.80
N ALA A 2 -1.52 -18.97 -8.23
CA ALA A 2 -1.82 -17.86 -9.14
C ALA A 2 -3.34 -17.73 -9.35
N GLU A 3 -3.74 -17.44 -10.59
CA GLU A 3 -5.15 -17.29 -10.92
C GLU A 3 -5.82 -16.22 -10.04
N PHE A 4 -7.09 -16.44 -9.72
CA PHE A 4 -7.85 -15.50 -8.88
C PHE A 4 -7.99 -14.15 -9.55
N VAL A 5 -9.19 -13.57 -9.47
CA VAL A 5 -9.46 -12.27 -10.06
C VAL A 5 -8.53 -11.21 -9.49
N ARG A 6 -8.10 -10.28 -10.35
CA ARG A 6 -7.20 -9.21 -9.93
C ARG A 6 -7.78 -8.45 -8.74
N ILE A 7 -6.94 -8.16 -7.75
CA ILE A 7 -7.36 -7.43 -6.57
C ILE A 7 -6.21 -6.63 -5.97
N CYS A 8 -5.49 -5.92 -6.84
CA CYS A 8 -4.35 -5.10 -6.41
C CYS A 8 -3.25 -5.96 -5.80
N SER A 9 -2.02 -5.75 -6.25
CA SER A 9 -0.88 -6.52 -5.75
C SER A 9 -0.89 -6.59 -4.23
N LYS A 10 -0.82 -7.80 -3.70
CA LYS A 10 -0.83 -8.01 -2.26
C LYS A 10 0.55 -7.73 -1.66
N SER A 11 1.54 -7.58 -2.53
CA SER A 11 2.92 -7.31 -2.08
C SER A 11 2.97 -6.08 -1.18
N TYR A 12 2.14 -5.09 -1.50
CA TYR A 12 2.09 -3.85 -0.72
C TYR A 12 1.32 -4.05 0.59
N LEU A 13 1.62 -5.11 1.31
CA LEU A 13 0.97 -5.41 2.57
C LEU A 13 2.00 -5.79 3.63
N THR A 14 3.25 -5.40 3.39
CA THR A 14 4.34 -5.69 4.32
C THR A 14 5.38 -4.57 4.28
N LEU A 15 5.80 -4.10 5.45
CA LEU A 15 6.79 -3.03 5.53
C LEU A 15 7.70 -3.21 6.73
N GLU A 16 9.00 -3.04 6.50
CA GLU A 16 10.00 -3.18 7.54
C GLU A 16 10.05 -1.93 8.41
N ASN A 17 10.23 -2.13 9.71
CA ASN A 17 10.31 -1.03 10.67
C ASN A 17 8.98 -0.25 10.73
N GLY A 18 7.88 -0.93 10.48
CA GLY A 18 6.58 -0.27 10.53
C GLY A 18 5.44 -1.18 10.14
N LYS A 19 4.31 -0.57 9.78
CA LYS A 19 3.14 -1.32 9.36
C LYS A 19 2.42 -0.61 8.22
N VAL A 20 1.71 -1.37 7.40
CA VAL A 20 1.00 -0.81 6.26
C VAL A 20 -0.49 -0.69 6.52
N PHE A 21 -1.06 0.44 6.10
CA PHE A 21 -2.49 0.70 6.27
C PHE A 21 -3.20 0.61 4.93
N LEU A 22 -4.45 0.14 4.95
CA LEU A 22 -5.23 0.00 3.71
C LEU A 22 -6.71 0.27 3.97
N THR A 23 -7.34 0.96 3.04
CA THR A 23 -8.75 1.29 3.16
C THR A 23 -9.29 1.86 1.84
N GLY A 24 -10.45 1.36 1.42
CA GLY A 24 -11.05 1.82 0.18
C GLY A 24 -11.68 0.70 -0.61
N GLY A 25 -11.00 -0.45 -0.64
CA GLY A 25 -11.51 -1.60 -1.36
C GLY A 25 -12.79 -2.16 -0.77
N ASP A 26 -13.62 -2.75 -1.62
CA ASP A 26 -14.88 -3.35 -1.18
C ASP A 26 -15.08 -4.69 -1.88
N LEU A 27 -14.10 -5.58 -1.70
CA LEU A 27 -14.14 -6.91 -2.30
C LEU A 27 -15.54 -7.49 -2.26
N PRO A 28 -16.07 -7.95 -3.42
CA PRO A 28 -15.35 -7.91 -4.71
C PRO A 28 -15.50 -6.56 -5.43
N ALA A 29 -14.81 -5.54 -4.93
CA ALA A 29 -14.88 -4.21 -5.54
C ALA A 29 -13.80 -3.29 -4.97
N LEU A 30 -12.54 -3.71 -5.12
CA LEU A 30 -11.41 -2.92 -4.61
C LEU A 30 -11.14 -1.72 -5.51
N ASP A 31 -12.20 -1.09 -6.01
CA ASP A 31 -12.07 0.09 -6.86
C ASP A 31 -11.62 1.30 -6.05
N GLY A 32 -10.62 2.01 -6.57
CA GLY A 32 -10.11 3.19 -5.88
C GLY A 32 -9.53 2.87 -4.51
N ALA A 33 -8.87 1.73 -4.40
CA ALA A 33 -8.26 1.33 -3.13
C ALA A 33 -7.07 2.24 -2.80
N ARG A 34 -6.97 2.65 -1.54
CA ARG A 34 -5.87 3.52 -1.11
C ARG A 34 -5.20 2.99 0.14
N VAL A 35 -3.87 3.08 0.17
CA VAL A 35 -3.09 2.62 1.30
C VAL A 35 -2.10 3.68 1.77
N GLU A 36 -1.98 3.84 3.08
CA GLU A 36 -1.07 4.82 3.66
C GLU A 36 0.04 4.13 4.45
N PHE A 37 1.28 4.44 4.10
CA PHE A 37 2.44 3.85 4.75
C PHE A 37 2.90 4.71 5.94
N ARG A 38 3.41 4.05 6.97
CA ARG A 38 3.89 4.74 8.16
C ARG A 38 4.68 3.81 9.07
N CYS A 39 5.89 4.23 9.41
CA CYS A 39 6.76 3.43 10.27
C CYS A 39 6.55 3.77 11.75
N ASP A 40 6.91 2.83 12.61
CA ASP A 40 6.75 3.00 14.06
C ASP A 40 7.39 4.31 14.55
N PRO A 41 6.83 4.90 15.61
CA PRO A 41 7.33 6.17 16.19
C PRO A 41 8.83 6.13 16.49
N ASP A 42 9.62 6.35 15.46
CA ASP A 42 11.07 6.35 15.56
C ASP A 42 11.69 6.60 14.19
N PHE A 43 10.88 6.34 13.16
CA PHE A 43 11.29 6.54 11.78
C PHE A 43 10.24 7.37 11.05
N HIS A 44 10.69 8.38 10.31
CA HIS A 44 9.76 9.24 9.57
C HIS A 44 9.76 8.88 8.08
N LEU A 45 8.57 8.64 7.55
CA LEU A 45 8.41 8.29 6.14
C LEU A 45 8.67 9.49 5.23
N VAL A 46 9.50 9.29 4.22
CA VAL A 46 9.84 10.37 3.29
C VAL A 46 9.82 9.89 1.84
N GLY A 47 8.63 9.55 1.34
CA GLY A 47 8.54 9.09 -0.04
C GLY A 47 7.12 8.88 -0.51
N SER A 48 6.88 7.76 -1.17
CA SER A 48 5.56 7.42 -1.69
C SER A 48 4.62 6.98 -0.57
N SER A 49 4.53 7.79 0.48
CA SER A 49 3.68 7.49 1.62
C SER A 49 2.27 7.16 1.16
N ARG A 50 1.79 7.88 0.15
CA ARG A 50 0.47 7.65 -0.40
C ARG A 50 0.53 6.81 -1.67
N SER A 51 -0.31 5.79 -1.76
CA SER A 51 -0.34 4.91 -2.94
C SER A 51 -1.75 4.47 -3.24
N VAL A 52 -2.24 4.81 -4.43
CA VAL A 52 -3.59 4.43 -4.85
C VAL A 52 -3.54 3.37 -5.94
N CYS A 53 -4.24 2.26 -5.69
CA CYS A 53 -4.27 1.15 -6.64
C CYS A 53 -5.11 1.50 -7.87
N SER A 54 -4.70 0.99 -9.02
CA SER A 54 -5.40 1.23 -10.27
C SER A 54 -4.98 0.18 -11.31
N GLN A 55 -5.97 -0.53 -11.83
CA GLN A 55 -5.69 -1.58 -12.82
C GLN A 55 -4.72 -2.60 -12.23
N GLY A 56 -4.96 -2.97 -10.97
CA GLY A 56 -4.09 -3.93 -10.30
C GLY A 56 -2.81 -3.30 -9.80
N GLN A 57 -2.12 -2.58 -10.67
CA GLN A 57 -0.85 -1.93 -10.31
C GLN A 57 -1.10 -0.67 -9.48
N TRP A 58 -0.29 -0.48 -8.45
CA TRP A 58 -0.41 0.70 -7.59
C TRP A 58 0.35 1.88 -8.20
N SER A 59 -0.20 3.08 -8.04
CA SER A 59 0.41 4.28 -8.58
C SER A 59 1.85 4.43 -8.13
N THR A 60 2.08 4.55 -6.82
CA THR A 60 3.42 4.71 -6.29
C THR A 60 3.85 3.48 -5.50
N PRO A 61 5.09 2.99 -5.72
CA PRO A 61 5.62 1.82 -5.02
C PRO A 61 5.85 2.10 -3.54
N LYS A 62 6.64 1.24 -2.90
CA LYS A 62 6.95 1.41 -1.48
C LYS A 62 8.10 2.38 -1.27
N PRO A 63 7.88 3.42 -0.45
CA PRO A 63 8.91 4.44 -0.16
C PRO A 63 10.00 3.91 0.77
N HIS A 64 10.51 4.77 1.64
CA HIS A 64 11.56 4.39 2.58
C HIS A 64 11.53 5.26 3.82
N CYS A 65 11.74 4.65 4.98
CA CYS A 65 11.71 5.39 6.25
C CYS A 65 13.13 5.71 6.71
N GLN A 66 13.33 6.96 7.12
CA GLN A 66 14.62 7.42 7.60
C GLN A 66 14.62 7.51 9.12
N VAL A 67 15.75 7.16 9.73
CA VAL A 67 15.88 7.19 11.18
C VAL A 67 15.48 8.55 11.72
N ASN A 68 14.28 8.64 12.28
CA ASN A 68 13.78 9.90 12.82
C ASN A 68 14.52 10.28 14.10
N GLU A 1 -10.05 -17.87 -8.01
CA GLU A 1 -9.64 -16.43 -7.99
C GLU A 1 -9.94 -15.75 -9.33
N ALA A 2 -11.12 -16.05 -9.89
CA ALA A 2 -11.52 -15.47 -11.16
C ALA A 2 -11.83 -13.99 -11.02
N GLU A 3 -12.61 -13.65 -10.00
CA GLU A 3 -12.99 -12.25 -9.76
C GLU A 3 -11.76 -11.42 -9.41
N PHE A 4 -10.69 -12.09 -8.99
CA PHE A 4 -9.44 -11.41 -8.64
C PHE A 4 -8.68 -10.99 -9.89
N VAL A 5 -9.39 -10.43 -10.87
CA VAL A 5 -8.78 -10.00 -12.12
C VAL A 5 -7.79 -8.85 -11.90
N ARG A 6 -6.60 -9.01 -12.49
CA ARG A 6 -5.53 -8.01 -12.40
C ARG A 6 -5.48 -7.33 -11.03
N ILE A 7 -5.55 -8.13 -9.97
CA ILE A 7 -5.49 -7.59 -8.62
C ILE A 7 -4.12 -6.96 -8.35
N CYS A 8 -4.14 -5.76 -7.77
CA CYS A 8 -2.90 -5.04 -7.47
C CYS A 8 -1.98 -5.88 -6.58
N SER A 9 -0.69 -5.84 -6.89
CA SER A 9 0.32 -6.58 -6.14
C SER A 9 0.16 -6.40 -4.63
N LYS A 10 0.18 -7.51 -3.90
CA LYS A 10 0.04 -7.46 -2.45
C LYS A 10 1.40 -7.33 -1.76
N SER A 11 2.43 -7.03 -2.54
CA SER A 11 3.78 -6.88 -2.02
C SER A 11 3.87 -5.66 -1.11
N TYR A 12 3.14 -4.62 -1.46
CA TYR A 12 3.12 -3.38 -0.68
C TYR A 12 2.73 -3.66 0.77
N LEU A 13 1.87 -4.65 0.97
CA LEU A 13 1.41 -5.02 2.30
C LEU A 13 2.59 -5.38 3.20
N THR A 14 2.45 -5.08 4.49
CA THR A 14 3.50 -5.36 5.47
C THR A 14 4.76 -4.55 5.19
N LEU A 15 5.30 -3.93 6.24
CA LEU A 15 6.50 -3.11 6.12
C LEU A 15 7.36 -3.21 7.38
N GLU A 16 8.66 -3.38 7.18
CA GLU A 16 9.60 -3.47 8.30
C GLU A 16 9.73 -2.12 8.99
N ASN A 17 9.60 -2.13 10.31
CA ASN A 17 9.69 -0.90 11.10
C ASN A 17 8.64 0.11 10.63
N GLY A 18 7.45 -0.39 10.33
CA GLY A 18 6.38 0.47 9.89
C GLY A 18 5.06 -0.26 9.71
N LYS A 19 3.97 0.48 9.80
CA LYS A 19 2.63 -0.09 9.66
C LYS A 19 1.95 0.42 8.39
N VAL A 20 1.15 -0.43 7.78
CA VAL A 20 0.43 -0.06 6.56
C VAL A 20 -1.06 0.12 6.83
N PHE A 21 -1.64 1.15 6.22
CA PHE A 21 -3.05 1.45 6.39
C PHE A 21 -3.84 1.09 5.13
N LEU A 22 -5.03 0.54 5.32
CA LEU A 22 -5.87 0.15 4.20
C LEU A 22 -7.30 0.63 4.42
N THR A 23 -7.92 1.16 3.37
CA THR A 23 -9.28 1.66 3.44
C THR A 23 -9.91 1.76 2.05
N GLY A 24 -11.21 1.46 1.97
CA GLY A 24 -11.91 1.51 0.71
C GLY A 24 -12.01 0.15 0.04
N GLY A 25 -13.21 -0.17 -0.41
CA GLY A 25 -13.45 -1.45 -1.07
C GLY A 25 -12.96 -2.64 -0.25
N ASP A 26 -12.55 -3.69 -0.95
CA ASP A 26 -12.03 -4.90 -0.31
C ASP A 26 -11.68 -5.95 -1.35
N LEU A 27 -10.41 -6.31 -1.41
CA LEU A 27 -9.92 -7.29 -2.37
C LEU A 27 -10.90 -8.46 -2.52
N PRO A 28 -11.18 -8.86 -3.78
CA PRO A 28 -10.60 -8.27 -4.98
C PRO A 28 -11.49 -7.17 -5.58
N ALA A 29 -12.01 -6.29 -4.74
CA ALA A 29 -12.87 -5.20 -5.20
C ALA A 29 -12.05 -4.15 -5.93
N LEU A 30 -10.96 -3.72 -5.29
CA LEU A 30 -10.06 -2.73 -5.85
C LEU A 30 -10.81 -1.45 -6.24
N ASP A 31 -11.75 -1.03 -5.39
CA ASP A 31 -12.53 0.18 -5.65
C ASP A 31 -11.69 1.43 -5.35
N GLY A 32 -10.47 1.46 -5.88
CA GLY A 32 -9.61 2.60 -5.67
C GLY A 32 -9.20 2.74 -4.21
N ALA A 33 -8.93 1.61 -3.56
CA ALA A 33 -8.52 1.61 -2.16
C ALA A 33 -7.20 2.37 -1.97
N ARG A 34 -7.13 3.16 -0.91
CA ARG A 34 -5.92 3.94 -0.62
C ARG A 34 -5.18 3.36 0.58
N VAL A 35 -3.86 3.35 0.50
CA VAL A 35 -3.03 2.81 1.58
C VAL A 35 -1.94 3.80 2.00
N GLU A 36 -1.70 3.87 3.30
CA GLU A 36 -0.69 4.75 3.85
C GLU A 36 0.47 3.95 4.46
N PHE A 37 1.68 4.21 3.99
CA PHE A 37 2.87 3.51 4.47
C PHE A 37 3.50 4.23 5.66
N ARG A 38 2.69 4.54 6.67
CA ARG A 38 3.19 5.22 7.86
C ARG A 38 4.25 4.39 8.56
N CYS A 39 5.39 5.01 8.85
CA CYS A 39 6.49 4.32 9.53
C CYS A 39 6.36 4.44 11.05
N ASP A 40 6.72 3.35 11.74
CA ASP A 40 6.64 3.31 13.20
C ASP A 40 7.50 4.41 13.83
N PRO A 41 7.20 4.78 15.10
CA PRO A 41 7.94 5.82 15.81
C PRO A 41 9.45 5.69 15.66
N ASP A 42 10.16 6.80 15.83
CA ASP A 42 11.61 6.83 15.69
C ASP A 42 12.00 6.75 14.22
N PHE A 43 11.03 6.42 13.39
CA PHE A 43 11.25 6.31 11.95
C PHE A 43 10.17 7.08 11.20
N HIS A 44 10.56 7.82 10.16
CA HIS A 44 9.61 8.61 9.40
C HIS A 44 9.61 8.20 7.92
N LEU A 45 8.41 8.10 7.36
CA LEU A 45 8.23 7.73 5.96
C LEU A 45 8.76 8.84 5.05
N VAL A 46 9.60 8.47 4.07
CA VAL A 46 10.17 9.46 3.15
C VAL A 46 10.08 8.97 1.70
N GLY A 47 8.88 8.77 1.20
CA GLY A 47 8.72 8.30 -0.17
C GLY A 47 7.28 8.22 -0.61
N SER A 48 6.92 7.10 -1.24
CA SER A 48 5.57 6.87 -1.74
C SER A 48 4.60 6.56 -0.60
N SER A 49 4.52 7.47 0.37
CA SER A 49 3.65 7.29 1.52
C SER A 49 2.21 7.05 1.07
N ARG A 50 1.78 7.75 0.03
CA ARG A 50 0.42 7.61 -0.49
C ARG A 50 0.40 6.70 -1.72
N SER A 51 -0.50 5.72 -1.71
CA SER A 51 -0.63 4.77 -2.83
C SER A 51 -2.08 4.34 -2.99
N VAL A 52 -2.49 4.09 -4.23
CA VAL A 52 -3.86 3.67 -4.51
C VAL A 52 -3.92 2.68 -5.67
N CYS A 53 -4.65 1.59 -5.46
CA CYS A 53 -4.80 0.56 -6.49
C CYS A 53 -5.69 1.04 -7.63
N SER A 54 -5.23 0.84 -8.86
CA SER A 54 -5.98 1.24 -10.04
C SER A 54 -5.41 0.60 -11.30
N GLN A 55 -6.29 0.00 -12.11
CA GLN A 55 -5.87 -0.65 -13.34
C GLN A 55 -4.79 -1.71 -13.09
N GLY A 56 -5.00 -2.52 -12.05
CA GLY A 56 -4.05 -3.56 -11.72
C GLY A 56 -2.65 -3.03 -11.46
N GLN A 57 -2.56 -1.95 -10.68
CA GLN A 57 -1.28 -1.34 -10.36
C GLN A 57 -1.47 -0.16 -9.41
N TRP A 58 -0.55 -0.02 -8.47
CA TRP A 58 -0.64 1.07 -7.49
C TRP A 58 -0.03 2.35 -8.06
N SER A 59 -0.62 3.49 -7.68
CA SER A 59 -0.16 4.79 -8.15
C SER A 59 1.34 4.96 -7.92
N THR A 60 1.79 4.67 -6.70
CA THR A 60 3.20 4.78 -6.36
C THR A 60 3.73 3.50 -5.73
N PRO A 61 4.95 3.09 -6.08
CA PRO A 61 5.56 1.86 -5.54
C PRO A 61 5.70 1.90 -4.02
N LYS A 62 6.50 0.98 -3.49
CA LYS A 62 6.72 0.90 -2.04
C LYS A 62 7.86 1.84 -1.61
N PRO A 63 7.59 2.74 -0.65
CA PRO A 63 8.60 3.68 -0.16
C PRO A 63 9.63 3.02 0.77
N HIS A 64 10.18 3.81 1.68
CA HIS A 64 11.18 3.31 2.63
C HIS A 64 11.17 4.15 3.91
N CYS A 65 11.43 3.49 5.04
CA CYS A 65 11.47 4.19 6.33
C CYS A 65 12.90 4.53 6.72
N GLN A 66 13.12 5.76 7.14
CA GLN A 66 14.46 6.22 7.53
C GLN A 66 14.58 6.28 9.05
N VAL A 67 15.76 5.92 9.56
CA VAL A 67 16.03 5.94 10.99
C VAL A 67 16.03 7.36 11.52
N ASN A 68 14.84 7.91 11.76
CA ASN A 68 14.71 9.27 12.27
C ASN A 68 15.43 9.43 13.60
N GLU A 1 -17.45 -11.14 -17.67
CA GLU A 1 -16.82 -10.36 -18.76
C GLU A 1 -15.60 -9.60 -18.24
N ALA A 2 -15.69 -9.05 -17.04
CA ALA A 2 -14.60 -8.31 -16.44
C ALA A 2 -14.89 -8.01 -14.97
N GLU A 3 -14.59 -6.77 -14.54
CA GLU A 3 -14.82 -6.36 -13.16
C GLU A 3 -13.89 -7.12 -12.20
N PHE A 4 -13.19 -6.37 -11.36
CA PHE A 4 -12.26 -6.97 -10.40
C PHE A 4 -11.25 -7.89 -11.09
N VAL A 5 -10.84 -7.47 -12.29
CA VAL A 5 -9.87 -8.25 -13.07
C VAL A 5 -8.47 -7.67 -12.94
N ARG A 6 -7.48 -8.56 -12.78
CA ARG A 6 -6.09 -8.15 -12.66
C ARG A 6 -5.88 -7.24 -11.44
N ILE A 7 -6.25 -7.74 -10.27
CA ILE A 7 -6.10 -6.98 -9.03
C ILE A 7 -4.67 -6.49 -8.86
N CYS A 8 -4.51 -5.30 -8.26
CA CYS A 8 -3.19 -4.73 -8.06
C CYS A 8 -2.26 -5.70 -7.33
N SER A 9 -1.03 -5.81 -7.82
CA SER A 9 -0.03 -6.70 -7.23
C SER A 9 0.02 -6.55 -5.71
N LYS A 10 -0.18 -7.66 -5.00
CA LYS A 10 -0.14 -7.66 -3.54
C LYS A 10 1.30 -7.73 -3.05
N SER A 11 1.76 -6.65 -2.42
CA SER A 11 3.11 -6.56 -1.90
C SER A 11 3.27 -5.31 -1.04
N TYR A 12 2.69 -4.21 -1.52
CA TYR A 12 2.76 -2.93 -0.82
C TYR A 12 2.08 -3.03 0.55
N LEU A 13 1.09 -3.91 0.65
CA LEU A 13 0.34 -4.09 1.88
C LEU A 13 1.17 -4.79 2.98
N THR A 14 2.48 -4.63 2.93
CA THR A 14 3.36 -5.25 3.93
C THR A 14 4.58 -4.39 4.21
N LEU A 15 4.82 -4.12 5.49
CA LEU A 15 5.98 -3.32 5.92
C LEU A 15 6.51 -3.82 7.25
N GLU A 16 7.77 -4.21 7.29
CA GLU A 16 8.38 -4.73 8.50
C GLU A 16 9.07 -3.62 9.31
N ASN A 17 8.44 -2.46 9.38
CA ASN A 17 8.97 -1.33 10.13
C ASN A 17 7.90 -0.28 10.38
N GLY A 18 6.66 -0.74 10.60
CA GLY A 18 5.57 0.17 10.85
C GLY A 18 4.21 -0.47 10.71
N LYS A 19 3.25 0.30 10.24
CA LYS A 19 1.89 -0.18 10.04
C LYS A 19 1.30 0.41 8.78
N VAL A 20 0.56 -0.41 8.04
CA VAL A 20 -0.06 0.03 6.79
C VAL A 20 -1.56 0.21 6.96
N PHE A 21 -2.08 1.30 6.41
CA PHE A 21 -3.50 1.60 6.50
C PHE A 21 -4.17 1.39 5.14
N LEU A 22 -5.42 0.95 5.17
CA LEU A 22 -6.16 0.70 3.94
C LEU A 22 -7.66 0.86 4.16
N THR A 23 -8.33 1.49 3.18
CA THR A 23 -9.77 1.70 3.26
C THR A 23 -10.36 1.81 1.86
N GLY A 24 -11.34 0.95 1.58
CA GLY A 24 -11.98 0.95 0.27
C GLY A 24 -12.78 -0.31 0.03
N GLY A 25 -12.25 -1.44 0.48
CA GLY A 25 -12.93 -2.71 0.30
C GLY A 25 -12.30 -3.81 1.14
N ASP A 26 -12.01 -4.94 0.49
CA ASP A 26 -11.40 -6.07 1.18
C ASP A 26 -11.01 -7.14 0.16
N LEU A 27 -9.74 -7.54 0.19
CA LEU A 27 -9.24 -8.55 -0.73
C LEU A 27 -10.23 -9.70 -0.89
N PRO A 28 -10.42 -10.19 -2.13
CA PRO A 28 -9.72 -9.70 -3.32
C PRO A 28 -10.41 -8.51 -3.98
N ALA A 29 -10.92 -7.57 -3.17
CA ALA A 29 -11.59 -6.39 -3.71
C ALA A 29 -10.61 -5.23 -3.87
N LEU A 30 -10.63 -4.63 -5.06
CA LEU A 30 -9.74 -3.50 -5.36
C LEU A 30 -10.52 -2.36 -5.99
N ASP A 31 -11.62 -1.97 -5.34
CA ASP A 31 -12.46 -0.89 -5.82
C ASP A 31 -11.81 0.47 -5.56
N GLY A 32 -10.63 0.68 -6.12
CA GLY A 32 -9.93 1.94 -5.93
C GLY A 32 -9.60 2.21 -4.47
N ALA A 33 -9.16 1.18 -3.76
CA ALA A 33 -8.82 1.31 -2.36
C ALA A 33 -7.61 2.21 -2.17
N ARG A 34 -7.64 3.03 -1.12
CA ARG A 34 -6.53 3.94 -0.82
C ARG A 34 -5.74 3.45 0.39
N VAL A 35 -4.43 3.40 0.23
CA VAL A 35 -3.55 2.94 1.28
C VAL A 35 -2.63 4.06 1.77
N GLU A 36 -2.52 4.18 3.10
CA GLU A 36 -1.67 5.20 3.70
C GLU A 36 -0.57 4.54 4.53
N PHE A 37 0.68 4.87 4.21
CA PHE A 37 1.82 4.31 4.91
C PHE A 37 2.11 5.05 6.21
N ARG A 38 2.68 4.32 7.17
CA ARG A 38 3.03 4.87 8.47
C ARG A 38 4.18 4.07 9.07
N CYS A 39 5.28 4.75 9.37
CA CYS A 39 6.45 4.09 9.93
C CYS A 39 6.57 4.32 11.43
N ASP A 40 7.05 3.30 12.14
CA ASP A 40 7.23 3.36 13.59
C ASP A 40 8.11 4.54 13.99
N PRO A 41 8.00 4.99 15.25
CA PRO A 41 8.79 6.12 15.77
C PRO A 41 10.28 5.96 15.46
N ASP A 42 11.02 7.07 15.57
CA ASP A 42 12.46 7.07 15.30
C ASP A 42 12.73 7.05 13.78
N PHE A 43 11.85 6.39 13.04
CA PHE A 43 11.98 6.32 11.59
C PHE A 43 10.92 7.17 10.91
N HIS A 44 11.35 7.95 9.92
CA HIS A 44 10.42 8.81 9.18
C HIS A 44 10.28 8.35 7.74
N LEU A 45 9.03 8.36 7.26
CA LEU A 45 8.71 7.95 5.89
C LEU A 45 9.28 8.96 4.90
N VAL A 46 9.90 8.47 3.82
CA VAL A 46 10.50 9.35 2.82
C VAL A 46 10.21 8.92 1.39
N GLY A 47 8.94 8.85 1.00
CA GLY A 47 8.63 8.45 -0.37
C GLY A 47 7.16 8.23 -0.61
N SER A 48 6.83 7.02 -1.09
CA SER A 48 5.45 6.65 -1.39
C SER A 48 4.58 6.63 -0.14
N SER A 49 4.38 7.79 0.46
CA SER A 49 3.58 7.92 1.65
C SER A 49 2.12 7.59 1.33
N ARG A 50 1.79 7.57 0.05
CA ARG A 50 0.44 7.27 -0.40
C ARG A 50 0.46 6.40 -1.66
N SER A 51 -0.43 5.40 -1.69
CA SER A 51 -0.53 4.48 -2.83
C SER A 51 -2.00 4.16 -3.09
N VAL A 52 -2.38 4.08 -4.35
CA VAL A 52 -3.77 3.79 -4.72
C VAL A 52 -3.87 2.74 -5.82
N CYS A 53 -4.74 1.75 -5.60
CA CYS A 53 -4.95 0.68 -6.57
C CYS A 53 -5.86 1.15 -7.71
N SER A 54 -5.65 0.58 -8.90
CA SER A 54 -6.46 0.95 -10.06
C SER A 54 -6.64 -0.26 -10.99
N GLN A 55 -6.37 -0.07 -12.27
CA GLN A 55 -6.52 -1.15 -13.26
C GLN A 55 -5.63 -2.34 -12.90
N GLY A 56 -4.39 -2.06 -12.48
CA GLY A 56 -3.48 -3.12 -12.12
C GLY A 56 -2.10 -2.61 -11.77
N GLN A 57 -2.05 -1.59 -10.93
CA GLN A 57 -0.77 -1.00 -10.51
C GLN A 57 -1.00 0.06 -9.44
N TRP A 58 -0.10 0.12 -8.47
CA TRP A 58 -0.20 1.09 -7.38
C TRP A 58 0.39 2.43 -7.80
N SER A 59 -0.11 3.49 -7.17
CA SER A 59 0.35 4.85 -7.46
C SER A 59 1.87 4.95 -7.49
N THR A 60 2.52 4.59 -6.39
CA THR A 60 3.98 4.66 -6.32
C THR A 60 4.59 3.57 -5.44
N PRO A 61 5.77 3.06 -5.85
CA PRO A 61 6.50 2.01 -5.12
C PRO A 61 6.83 2.40 -3.69
N LYS A 62 6.71 1.44 -2.77
CA LYS A 62 7.00 1.68 -1.36
C LYS A 62 8.35 2.36 -1.15
N PRO A 63 8.40 3.36 -0.25
CA PRO A 63 9.63 4.09 0.06
C PRO A 63 10.50 3.36 1.07
N HIS A 64 11.11 4.10 2.00
CA HIS A 64 11.96 3.51 3.02
C HIS A 64 12.00 4.37 4.28
N CYS A 65 12.23 3.74 5.42
CA CYS A 65 12.28 4.46 6.69
C CYS A 65 13.73 4.80 7.03
N GLN A 66 13.98 6.08 7.32
CA GLN A 66 15.32 6.53 7.67
C GLN A 66 15.42 6.82 9.17
N VAL A 67 16.51 6.38 9.78
CA VAL A 67 16.73 6.59 11.20
C VAL A 67 17.14 8.03 11.45
N ASN A 68 16.39 8.73 12.29
CA ASN A 68 16.70 10.11 12.59
C ASN A 68 18.04 10.23 13.31
N GLU A 1 -17.02 -17.42 -8.85
CA GLU A 1 -15.82 -16.54 -8.94
C GLU A 1 -14.54 -17.36 -9.01
N ALA A 2 -14.54 -18.39 -9.85
CA ALA A 2 -13.38 -19.25 -10.01
C ALA A 2 -12.16 -18.46 -10.49
N GLU A 3 -12.37 -17.56 -11.44
CA GLU A 3 -11.30 -16.74 -11.99
C GLU A 3 -10.71 -15.84 -10.90
N PHE A 4 -9.38 -15.84 -10.79
CA PHE A 4 -8.70 -15.02 -9.79
C PHE A 4 -8.90 -13.54 -10.07
N VAL A 5 -8.78 -13.15 -11.34
CA VAL A 5 -8.94 -11.77 -11.76
C VAL A 5 -7.82 -10.90 -11.21
N ARG A 6 -7.33 -9.97 -12.03
CA ARG A 6 -6.26 -9.08 -11.60
C ARG A 6 -6.57 -8.45 -10.26
N ILE A 7 -5.58 -8.40 -9.38
CA ILE A 7 -5.77 -7.83 -8.04
C ILE A 7 -4.59 -6.97 -7.64
N CYS A 8 -4.88 -5.91 -6.89
CA CYS A 8 -3.86 -4.98 -6.43
C CYS A 8 -2.72 -5.71 -5.74
N SER A 9 -1.49 -5.26 -6.00
CA SER A 9 -0.30 -5.87 -5.42
C SER A 9 -0.46 -6.09 -3.92
N LYS A 10 -0.17 -7.30 -3.48
CA LYS A 10 -0.28 -7.66 -2.07
C LYS A 10 0.97 -7.24 -1.30
N SER A 11 2.10 -7.19 -1.99
CA SER A 11 3.37 -6.81 -1.37
C SER A 11 3.41 -5.32 -0.98
N TYR A 12 2.29 -4.80 -0.48
CA TYR A 12 2.20 -3.40 -0.08
C TYR A 12 1.67 -3.28 1.35
N LEU A 13 0.60 -3.99 1.65
CA LEU A 13 0.00 -3.95 2.98
C LEU A 13 1.04 -4.24 4.07
N THR A 14 2.02 -5.07 3.75
CA THR A 14 3.08 -5.40 4.70
C THR A 14 4.31 -4.53 4.47
N LEU A 15 4.88 -4.00 5.55
CA LEU A 15 6.06 -3.15 5.44
C LEU A 15 7.00 -3.35 6.63
N GLU A 16 8.28 -3.55 6.33
CA GLU A 16 9.28 -3.74 7.37
C GLU A 16 9.50 -2.46 8.17
N ASN A 17 9.48 -2.58 9.50
CA ASN A 17 9.67 -1.43 10.36
C ASN A 17 8.67 -0.33 10.02
N GLY A 18 7.44 -0.72 9.76
CA GLY A 18 6.40 0.25 9.41
C GLY A 18 5.04 -0.39 9.26
N LYS A 19 4.02 0.37 9.59
CA LYS A 19 2.64 -0.11 9.49
C LYS A 19 1.94 0.48 8.27
N VAL A 20 0.97 -0.26 7.74
CA VAL A 20 0.23 0.18 6.58
C VAL A 20 -1.27 0.11 6.83
N PHE A 21 -2.00 1.10 6.32
CA PHE A 21 -3.44 1.16 6.49
C PHE A 21 -4.16 0.79 5.20
N LEU A 22 -5.18 -0.06 5.32
CA LEU A 22 -5.95 -0.48 4.16
C LEU A 22 -7.34 0.14 4.23
N THR A 23 -7.77 0.72 3.11
CA THR A 23 -9.09 1.35 3.06
C THR A 23 -9.60 1.44 1.64
N GLY A 24 -10.79 0.91 1.40
CA GLY A 24 -11.38 0.93 0.08
C GLY A 24 -12.43 -0.14 -0.12
N GLY A 25 -12.35 -0.85 -1.24
CA GLY A 25 -13.30 -1.91 -1.52
C GLY A 25 -13.09 -3.11 -0.62
N ASP A 26 -13.13 -4.30 -1.22
CA ASP A 26 -12.95 -5.55 -0.46
C ASP A 26 -12.56 -6.66 -1.42
N LEU A 27 -11.41 -7.29 -1.15
CA LEU A 27 -10.92 -8.37 -2.00
C LEU A 27 -11.99 -9.44 -2.19
N PRO A 28 -12.16 -9.93 -3.44
CA PRO A 28 -11.38 -9.50 -4.59
C PRO A 28 -12.02 -8.33 -5.34
N ALA A 29 -12.14 -7.17 -4.68
CA ALA A 29 -12.73 -6.00 -5.30
C ALA A 29 -12.25 -4.71 -4.64
N LEU A 30 -10.94 -4.52 -4.63
CA LEU A 30 -10.33 -3.32 -4.05
C LEU A 30 -10.48 -2.12 -4.97
N ASP A 31 -11.69 -1.94 -5.53
CA ASP A 31 -11.95 -0.83 -6.44
C ASP A 31 -11.76 0.51 -5.75
N GLY A 32 -11.01 1.40 -6.41
CA GLY A 32 -10.74 2.72 -5.86
C GLY A 32 -10.21 2.66 -4.44
N ALA A 33 -9.40 1.65 -4.16
CA ALA A 33 -8.81 1.50 -2.83
C ALA A 33 -7.47 2.20 -2.72
N ARG A 34 -7.24 2.90 -1.61
CA ARG A 34 -5.99 3.61 -1.39
C ARG A 34 -5.41 3.27 -0.02
N VAL A 35 -4.14 2.92 0.01
CA VAL A 35 -3.46 2.56 1.25
C VAL A 35 -2.61 3.72 1.79
N GLU A 36 -2.64 3.89 3.11
CA GLU A 36 -1.87 4.94 3.76
C GLU A 36 -0.63 4.35 4.43
N PHE A 37 0.54 4.87 4.07
CA PHE A 37 1.80 4.36 4.65
C PHE A 37 2.20 5.14 5.89
N ARG A 38 2.77 4.43 6.86
CA ARG A 38 3.23 5.02 8.11
C ARG A 38 4.37 4.18 8.68
N CYS A 39 5.51 4.81 8.94
CA CYS A 39 6.68 4.11 9.48
C CYS A 39 6.66 4.09 11.01
N ASP A 40 7.47 3.21 11.58
CA ASP A 40 7.56 3.07 13.03
C ASP A 40 7.85 4.41 13.70
N PRO A 41 7.49 4.54 15.00
CA PRO A 41 7.70 5.77 15.77
C PRO A 41 9.17 6.02 16.10
N ASP A 42 10.02 5.99 15.08
CA ASP A 42 11.45 6.22 15.25
C ASP A 42 12.06 6.71 13.95
N PHE A 43 11.57 6.16 12.85
CA PHE A 43 12.04 6.52 11.51
C PHE A 43 10.97 7.34 10.80
N HIS A 44 11.38 8.28 9.97
CA HIS A 44 10.43 9.11 9.24
C HIS A 44 10.27 8.62 7.80
N LEU A 45 9.02 8.52 7.37
CA LEU A 45 8.69 8.06 6.03
C LEU A 45 9.00 9.13 4.99
N VAL A 46 9.75 8.75 3.96
CA VAL A 46 10.12 9.67 2.89
C VAL A 46 9.94 9.03 1.51
N GLY A 47 8.69 8.71 1.16
CA GLY A 47 8.43 8.09 -0.12
C GLY A 47 6.96 7.96 -0.43
N SER A 48 6.53 6.72 -0.70
CA SER A 48 5.14 6.43 -1.01
C SER A 48 4.24 6.57 0.21
N SER A 49 4.31 7.71 0.88
CA SER A 49 3.49 7.96 2.05
C SER A 49 2.01 7.79 1.70
N ARG A 50 1.70 8.00 0.43
CA ARG A 50 0.32 7.86 -0.06
C ARG A 50 0.32 7.03 -1.34
N SER A 51 -0.53 6.01 -1.38
CA SER A 51 -0.63 5.13 -2.54
C SER A 51 -2.07 4.73 -2.81
N VAL A 52 -2.38 4.52 -4.09
CA VAL A 52 -3.72 4.13 -4.49
C VAL A 52 -3.68 3.16 -5.67
N CYS A 53 -4.42 2.06 -5.54
CA CYS A 53 -4.46 1.04 -6.57
C CYS A 53 -5.16 1.54 -7.84
N SER A 54 -4.67 1.09 -8.99
CA SER A 54 -5.23 1.49 -10.28
C SER A 54 -4.59 0.69 -11.41
N GLN A 55 -5.42 0.09 -12.27
CA GLN A 55 -4.94 -0.71 -13.39
C GLN A 55 -4.03 -1.83 -12.90
N GLY A 56 -4.44 -2.51 -11.83
CA GLY A 56 -3.65 -3.60 -11.29
C GLY A 56 -2.26 -3.16 -10.91
N GLN A 57 -2.15 -1.99 -10.29
CA GLN A 57 -0.86 -1.45 -9.87
C GLN A 57 -1.05 -0.17 -9.06
N TRP A 58 -0.26 -0.01 -8.01
CA TRP A 58 -0.35 1.16 -7.16
C TRP A 58 0.45 2.32 -7.74
N SER A 59 -0.11 3.53 -7.62
CA SER A 59 0.54 4.72 -8.14
C SER A 59 1.95 4.87 -7.61
N THR A 60 2.07 4.99 -6.28
CA THR A 60 3.38 5.14 -5.65
C THR A 60 3.96 3.80 -5.20
N PRO A 61 5.21 3.50 -5.58
CA PRO A 61 5.89 2.26 -5.21
C PRO A 61 6.36 2.26 -3.75
N LYS A 62 6.38 1.09 -3.13
CA LYS A 62 6.80 0.95 -1.73
C LYS A 62 8.02 1.82 -1.43
N PRO A 63 7.93 2.67 -0.39
CA PRO A 63 9.01 3.58 0.00
C PRO A 63 10.07 2.92 0.87
N HIS A 64 10.67 3.73 1.74
CA HIS A 64 11.71 3.28 2.66
C HIS A 64 11.74 4.15 3.90
N CYS A 65 12.14 3.57 5.03
CA CYS A 65 12.22 4.32 6.29
C CYS A 65 13.62 4.84 6.52
N GLN A 66 13.72 6.13 6.78
CA GLN A 66 15.01 6.77 7.02
C GLN A 66 15.20 7.04 8.52
N VAL A 67 16.39 6.75 9.03
CA VAL A 67 16.68 6.97 10.44
C VAL A 67 17.15 8.40 10.66
N ASN A 68 16.57 9.05 11.66
CA ASN A 68 16.93 10.43 11.95
C ASN A 68 18.39 10.51 12.43
N GLU A 1 -18.10 -11.31 -8.12
CA GLU A 1 -18.15 -12.13 -9.35
C GLU A 1 -18.32 -11.28 -10.60
N ALA A 2 -17.51 -11.54 -11.61
CA ALA A 2 -17.56 -10.80 -12.86
C ALA A 2 -17.32 -9.31 -12.65
N GLU A 3 -16.26 -8.99 -11.89
CA GLU A 3 -15.91 -7.60 -11.60
C GLU A 3 -14.59 -7.51 -10.85
N PHE A 4 -13.59 -8.23 -11.33
CA PHE A 4 -12.27 -8.23 -10.70
C PHE A 4 -11.24 -8.99 -11.55
N VAL A 5 -9.99 -8.52 -11.53
CA VAL A 5 -8.92 -9.14 -12.30
C VAL A 5 -7.58 -8.47 -12.02
N ARG A 6 -6.55 -9.29 -11.85
CA ARG A 6 -5.20 -8.78 -11.58
C ARG A 6 -5.20 -7.78 -10.42
N ILE A 7 -5.73 -8.22 -9.28
CA ILE A 7 -5.79 -7.37 -8.10
C ILE A 7 -4.41 -6.85 -7.73
N CYS A 8 -4.36 -5.60 -7.27
CA CYS A 8 -3.09 -4.98 -6.88
C CYS A 8 -2.30 -5.87 -5.91
N SER A 9 -1.01 -5.98 -6.16
CA SER A 9 -0.12 -6.79 -5.33
C SER A 9 -0.33 -6.50 -3.85
N LYS A 10 -0.57 -7.56 -3.07
CA LYS A 10 -0.78 -7.42 -1.63
C LYS A 10 0.55 -7.29 -0.89
N SER A 11 1.62 -7.07 -1.65
CA SER A 11 2.96 -6.92 -1.07
C SER A 11 3.06 -5.63 -0.27
N TYR A 12 2.49 -4.55 -0.82
CA TYR A 12 2.52 -3.25 -0.17
C TYR A 12 1.91 -3.32 1.23
N LEU A 13 0.90 -4.16 1.40
CA LEU A 13 0.24 -4.32 2.70
C LEU A 13 1.27 -4.49 3.81
N THR A 14 2.25 -5.35 3.58
CA THR A 14 3.30 -5.60 4.56
C THR A 14 4.49 -4.68 4.33
N LEU A 15 5.05 -4.14 5.40
CA LEU A 15 6.21 -3.26 5.30
C LEU A 15 7.14 -3.44 6.48
N GLU A 16 8.44 -3.55 6.19
CA GLU A 16 9.43 -3.71 7.24
C GLU A 16 9.57 -2.45 8.07
N ASN A 17 9.56 -2.61 9.38
CA ASN A 17 9.67 -1.48 10.31
C ASN A 17 8.55 -0.47 10.08
N GLY A 18 7.38 -0.95 9.69
CA GLY A 18 6.26 -0.05 9.46
C GLY A 18 4.97 -0.78 9.13
N LYS A 19 3.86 -0.12 9.44
CA LYS A 19 2.53 -0.67 9.19
C LYS A 19 1.83 0.07 8.06
N VAL A 20 1.07 -0.66 7.26
CA VAL A 20 0.35 -0.05 6.14
C VAL A 20 -1.16 -0.03 6.40
N PHE A 21 -1.78 1.09 6.08
CA PHE A 21 -3.22 1.27 6.28
C PHE A 21 -3.96 1.27 4.95
N LEU A 22 -5.17 0.73 4.96
CA LEU A 22 -5.98 0.66 3.74
C LEU A 22 -7.45 0.87 4.07
N THR A 23 -8.10 1.76 3.31
CA THR A 23 -9.51 2.06 3.49
C THR A 23 -10.15 2.46 2.17
N GLY A 24 -11.21 1.74 1.78
CA GLY A 24 -11.89 2.03 0.54
C GLY A 24 -12.80 0.90 0.11
N GLY A 25 -12.38 -0.33 0.37
CA GLY A 25 -13.17 -1.48 0.00
C GLY A 25 -12.79 -2.72 0.80
N ASP A 26 -12.66 -3.85 0.10
CA ASP A 26 -12.29 -5.11 0.75
C ASP A 26 -12.12 -6.20 -0.30
N LEU A 27 -10.99 -6.91 -0.24
CA LEU A 27 -10.69 -7.97 -1.19
C LEU A 27 -11.93 -8.81 -1.48
N PRO A 28 -12.13 -9.18 -2.76
CA PRO A 28 -11.23 -8.82 -3.86
C PRO A 28 -11.55 -7.47 -4.48
N ALA A 29 -11.89 -6.49 -3.64
CA ALA A 29 -12.21 -5.15 -4.13
C ALA A 29 -11.00 -4.22 -4.05
N LEU A 30 -9.85 -4.71 -4.52
CA LEU A 30 -8.62 -3.91 -4.49
C LEU A 30 -8.82 -2.58 -5.19
N ASP A 31 -9.56 -2.60 -6.30
CA ASP A 31 -9.83 -1.38 -7.05
C ASP A 31 -10.61 -0.39 -6.20
N GLY A 32 -10.23 0.88 -6.27
CA GLY A 32 -10.90 1.90 -5.49
C GLY A 32 -10.57 1.82 -4.02
N ALA A 33 -9.28 1.84 -3.69
CA ALA A 33 -8.83 1.77 -2.31
C ALA A 33 -7.60 2.65 -2.09
N ARG A 34 -7.60 3.38 -0.97
CA ARG A 34 -6.49 4.26 -0.63
C ARG A 34 -5.67 3.66 0.50
N VAL A 35 -4.36 3.87 0.45
CA VAL A 35 -3.46 3.34 1.47
C VAL A 35 -2.46 4.39 1.92
N GLU A 36 -2.28 4.48 3.24
CA GLU A 36 -1.34 5.44 3.82
C GLU A 36 -0.17 4.72 4.47
N PHE A 37 1.03 4.98 3.96
CA PHE A 37 2.24 4.35 4.49
C PHE A 37 2.74 5.09 5.73
N ARG A 38 3.20 4.33 6.72
CA ARG A 38 3.71 4.90 7.96
C ARG A 38 4.48 3.87 8.77
N CYS A 39 5.70 4.20 9.15
CA CYS A 39 6.55 3.29 9.92
C CYS A 39 6.42 3.51 11.41
N ASP A 40 6.82 2.49 12.18
CA ASP A 40 6.75 2.55 13.64
C ASP A 40 7.45 3.80 14.19
N PRO A 41 7.08 4.21 15.41
CA PRO A 41 7.66 5.40 16.08
C PRO A 41 9.18 5.29 16.24
N ASP A 42 9.89 5.51 15.14
CA ASP A 42 11.35 5.44 15.14
C ASP A 42 11.87 5.79 13.75
N PHE A 43 11.16 5.32 12.72
CA PHE A 43 11.52 5.58 11.34
C PHE A 43 10.54 6.56 10.72
N HIS A 44 11.05 7.59 10.04
CA HIS A 44 10.18 8.58 9.41
C HIS A 44 10.10 8.34 7.90
N LEU A 45 8.86 8.26 7.41
CA LEU A 45 8.62 8.05 5.98
C LEU A 45 8.96 9.30 5.19
N VAL A 46 9.75 9.13 4.13
CA VAL A 46 10.16 10.25 3.30
C VAL A 46 10.05 9.92 1.81
N GLY A 47 8.84 9.75 1.32
CA GLY A 47 8.67 9.45 -0.10
C GLY A 47 7.23 9.37 -0.53
N SER A 48 6.91 8.36 -1.32
CA SER A 48 5.56 8.16 -1.83
C SER A 48 4.64 7.63 -0.74
N SER A 49 4.53 8.39 0.34
CA SER A 49 3.70 8.01 1.47
C SER A 49 2.28 7.66 1.05
N ARG A 50 1.80 8.31 -0.02
CA ARG A 50 0.45 8.05 -0.52
C ARG A 50 0.46 7.10 -1.71
N SER A 51 -0.45 6.13 -1.70
CA SER A 51 -0.55 5.16 -2.78
C SER A 51 -2.00 4.70 -2.95
N VAL A 52 -2.37 4.33 -4.18
CA VAL A 52 -3.74 3.89 -4.45
C VAL A 52 -3.78 2.78 -5.51
N CYS A 53 -4.57 1.75 -5.24
CA CYS A 53 -4.71 0.63 -6.17
C CYS A 53 -5.39 1.06 -7.47
N SER A 54 -5.07 0.37 -8.56
CA SER A 54 -5.65 0.70 -9.86
C SER A 54 -5.72 -0.55 -10.76
N GLN A 55 -5.36 -0.39 -12.03
CA GLN A 55 -5.39 -1.50 -12.99
C GLN A 55 -4.24 -2.48 -12.77
N GLY A 56 -4.27 -3.17 -11.63
CA GLY A 56 -3.22 -4.13 -11.33
C GLY A 56 -1.87 -3.48 -11.12
N GLN A 57 -1.87 -2.38 -10.38
CA GLN A 57 -0.63 -1.64 -10.09
C GLN A 57 -0.92 -0.47 -9.16
N TRP A 58 -0.02 -0.25 -8.20
CA TRP A 58 -0.18 0.84 -7.25
C TRP A 58 0.33 2.15 -7.83
N SER A 59 -0.37 3.24 -7.54
CA SER A 59 0.00 4.56 -8.04
C SER A 59 1.47 4.86 -7.80
N THR A 60 1.92 4.72 -6.55
CA THR A 60 3.30 4.99 -6.21
C THR A 60 3.97 3.79 -5.54
N PRO A 61 5.19 3.43 -5.97
CA PRO A 61 5.94 2.30 -5.40
C PRO A 61 6.34 2.58 -3.95
N LYS A 62 6.40 1.52 -3.14
CA LYS A 62 6.76 1.64 -1.73
C LYS A 62 7.99 2.53 -1.55
N PRO A 63 7.93 3.50 -0.63
CA PRO A 63 9.04 4.41 -0.34
C PRO A 63 10.11 3.77 0.53
N HIS A 64 10.68 4.55 1.45
CA HIS A 64 11.70 4.04 2.36
C HIS A 64 11.72 4.85 3.66
N CYS A 65 11.80 4.14 4.79
CA CYS A 65 11.83 4.78 6.09
C CYS A 65 13.25 4.89 6.63
N GLN A 66 13.60 6.08 7.11
CA GLN A 66 14.94 6.31 7.66
C GLN A 66 14.89 6.34 9.19
N VAL A 67 15.93 5.80 9.81
CA VAL A 67 16.01 5.77 11.26
C VAL A 67 16.40 7.15 11.79
N ASN A 68 15.73 7.58 12.85
CA ASN A 68 16.00 8.88 13.43
C ASN A 68 17.45 8.95 13.92
N GLU A 1 -14.34 -19.95 -2.90
CA GLU A 1 -14.81 -19.68 -4.28
C GLU A 1 -14.93 -18.19 -4.55
N ALA A 2 -13.98 -17.42 -4.03
CA ALA A 2 -13.98 -15.97 -4.20
C ALA A 2 -13.38 -15.57 -5.54
N GLU A 3 -13.74 -16.30 -6.60
CA GLU A 3 -13.23 -16.03 -7.94
C GLU A 3 -11.71 -15.87 -7.92
N PHE A 4 -11.19 -14.87 -8.64
CA PHE A 4 -9.75 -14.64 -8.68
C PHE A 4 -9.43 -13.36 -9.45
N VAL A 5 -10.15 -12.29 -9.13
CA VAL A 5 -9.94 -11.00 -9.79
C VAL A 5 -8.56 -10.45 -9.47
N ARG A 6 -7.91 -9.88 -10.48
CA ARG A 6 -6.57 -9.31 -10.31
C ARG A 6 -6.58 -8.26 -9.20
N ILE A 7 -5.49 -8.23 -8.42
CA ILE A 7 -5.38 -7.28 -7.31
C ILE A 7 -3.95 -6.77 -7.17
N CYS A 8 -3.82 -5.51 -6.80
CA CYS A 8 -2.50 -4.90 -6.62
C CYS A 8 -1.63 -5.76 -5.72
N SER A 9 -0.35 -5.87 -6.09
CA SER A 9 0.60 -6.67 -5.31
C SER A 9 0.49 -6.36 -3.82
N LYS A 10 0.33 -7.40 -3.02
CA LYS A 10 0.22 -7.24 -1.57
C LYS A 10 1.58 -6.92 -0.94
N SER A 11 2.54 -6.55 -1.77
CA SER A 11 3.87 -6.22 -1.30
C SER A 11 3.86 -4.92 -0.50
N TYR A 12 3.19 -3.91 -1.04
CA TYR A 12 3.09 -2.60 -0.40
C TYR A 12 2.39 -2.72 0.95
N LEU A 13 1.33 -3.52 1.00
CA LEU A 13 0.55 -3.72 2.22
C LEU A 13 1.45 -4.17 3.38
N THR A 14 2.38 -5.07 3.10
CA THR A 14 3.28 -5.59 4.12
C THR A 14 4.57 -4.78 4.18
N LEU A 15 5.02 -4.48 5.40
CA LEU A 15 6.25 -3.71 5.60
C LEU A 15 6.98 -4.19 6.85
N GLU A 16 8.27 -4.46 6.72
CA GLU A 16 9.08 -4.93 7.84
C GLU A 16 9.71 -3.76 8.60
N ASN A 17 8.94 -2.69 8.75
CA ASN A 17 9.41 -1.50 9.47
C ASN A 17 8.23 -0.70 10.00
N GLY A 18 7.10 -1.37 10.22
CA GLY A 18 5.93 -0.70 10.73
C GLY A 18 4.64 -1.40 10.36
N LYS A 19 3.61 -0.61 10.11
CA LYS A 19 2.30 -1.11 9.73
C LYS A 19 1.66 -0.22 8.68
N VAL A 20 1.01 -0.83 7.70
CA VAL A 20 0.37 -0.07 6.63
C VAL A 20 -1.14 -0.01 6.81
N PHE A 21 -1.73 1.13 6.46
CA PHE A 21 -3.16 1.34 6.58
C PHE A 21 -3.85 1.27 5.22
N LEU A 22 -5.12 0.87 5.23
CA LEU A 22 -5.91 0.76 4.00
C LEU A 22 -7.36 1.12 4.26
N THR A 23 -7.92 1.95 3.39
CA THR A 23 -9.30 2.40 3.52
C THR A 23 -9.92 2.72 2.17
N GLY A 24 -11.23 2.47 2.05
CA GLY A 24 -11.93 2.74 0.81
C GLY A 24 -11.67 1.69 -0.26
N GLY A 25 -11.62 0.42 0.16
CA GLY A 25 -11.39 -0.65 -0.78
C GLY A 25 -12.66 -1.04 -1.54
N ASP A 26 -12.85 -2.33 -1.76
CA ASP A 26 -14.03 -2.83 -2.45
C ASP A 26 -14.02 -4.35 -2.46
N LEU A 27 -13.80 -4.93 -1.28
CA LEU A 27 -13.73 -6.38 -1.14
C LEU A 27 -14.83 -7.06 -1.95
N PRO A 28 -14.48 -8.14 -2.68
CA PRO A 28 -13.12 -8.69 -2.72
C PRO A 28 -12.25 -8.03 -3.79
N ALA A 29 -11.98 -6.74 -3.68
CA ALA A 29 -11.16 -6.04 -4.65
C ALA A 29 -10.71 -4.67 -4.14
N LEU A 30 -9.43 -4.37 -4.27
CA LEU A 30 -8.89 -3.10 -3.83
C LEU A 30 -9.15 -2.01 -4.87
N ASP A 31 -10.36 -1.99 -5.42
CA ASP A 31 -10.74 -1.00 -6.43
C ASP A 31 -10.74 0.41 -5.85
N GLY A 32 -10.00 1.31 -6.50
CA GLY A 32 -9.92 2.68 -6.05
C GLY A 32 -9.60 2.81 -4.57
N ALA A 33 -8.83 1.86 -4.05
CA ALA A 33 -8.45 1.87 -2.65
C ALA A 33 -7.23 2.76 -2.43
N ARG A 34 -7.22 3.51 -1.33
CA ARG A 34 -6.09 4.38 -1.01
C ARG A 34 -5.30 3.83 0.16
N VAL A 35 -4.01 3.62 -0.04
CA VAL A 35 -3.15 3.09 1.01
C VAL A 35 -2.28 4.18 1.63
N GLU A 36 -2.12 4.10 2.95
CA GLU A 36 -1.31 5.08 3.68
C GLU A 36 -0.24 4.37 4.50
N PHE A 37 1.01 4.55 4.10
CA PHE A 37 2.13 3.91 4.79
C PHE A 37 2.43 4.60 6.12
N ARG A 38 2.88 3.80 7.08
CA ARG A 38 3.22 4.31 8.41
C ARG A 38 4.20 3.38 9.10
N CYS A 39 5.39 3.88 9.38
CA CYS A 39 6.43 3.08 10.03
C CYS A 39 6.46 3.31 11.55
N ASP A 40 7.15 2.41 12.25
CA ASP A 40 7.26 2.49 13.70
C ASP A 40 7.74 3.87 14.15
N PRO A 41 7.55 4.22 15.43
CA PRO A 41 7.96 5.52 15.97
C PRO A 41 9.48 5.65 16.09
N ASP A 42 10.18 5.37 15.00
CA ASP A 42 11.63 5.46 14.95
C ASP A 42 12.08 5.89 13.57
N PHE A 43 11.35 5.43 12.55
CA PHE A 43 11.65 5.76 11.17
C PHE A 43 10.58 6.71 10.62
N HIS A 44 11.01 7.75 9.91
CA HIS A 44 10.07 8.70 9.34
C HIS A 44 9.88 8.46 7.84
N LEU A 45 8.62 8.39 7.43
CA LEU A 45 8.29 8.15 6.02
C LEU A 45 8.57 9.38 5.18
N VAL A 46 9.32 9.20 4.10
CA VAL A 46 9.67 10.30 3.21
C VAL A 46 9.52 9.90 1.73
N GLY A 47 8.27 9.70 1.28
CA GLY A 47 8.07 9.33 -0.11
C GLY A 47 6.62 9.09 -0.46
N SER A 48 6.37 7.96 -1.12
CA SER A 48 5.01 7.59 -1.54
C SER A 48 4.15 7.23 -0.34
N SER A 49 3.91 8.20 0.53
CA SER A 49 3.09 8.00 1.71
C SER A 49 1.67 7.59 1.33
N ARG A 50 1.32 7.80 0.05
CA ARG A 50 0.00 7.46 -0.46
C ARG A 50 0.10 6.82 -1.84
N SER A 51 -0.69 5.77 -2.06
CA SER A 51 -0.68 5.06 -3.35
C SER A 51 -2.06 4.44 -3.62
N VAL A 52 -2.64 4.78 -4.77
CA VAL A 52 -3.94 4.25 -5.14
C VAL A 52 -3.80 2.92 -5.89
N CYS A 53 -4.57 1.92 -5.46
CA CYS A 53 -4.53 0.60 -6.08
C CYS A 53 -5.28 0.59 -7.40
N SER A 54 -4.63 1.10 -8.44
CA SER A 54 -5.24 1.13 -9.78
C SER A 54 -5.41 -0.29 -10.30
N GLN A 55 -4.86 -0.58 -11.48
CA GLN A 55 -4.97 -1.92 -12.05
C GLN A 55 -4.17 -2.90 -11.21
N GLY A 56 -3.48 -3.85 -11.86
CA GLY A 56 -2.69 -4.82 -11.13
C GLY A 56 -1.38 -4.23 -10.64
N GLN A 57 -1.37 -2.93 -10.38
CA GLN A 57 -0.17 -2.24 -9.90
C GLN A 57 -0.55 -0.95 -9.18
N TRP A 58 0.28 -0.55 -8.22
CA TRP A 58 0.03 0.67 -7.46
C TRP A 58 0.57 1.88 -8.21
N SER A 59 -0.20 2.97 -8.20
CA SER A 59 0.20 4.19 -8.90
C SER A 59 1.60 4.65 -8.48
N THR A 60 1.76 5.00 -7.21
CA THR A 60 3.05 5.45 -6.71
C THR A 60 3.87 4.29 -6.13
N PRO A 61 5.16 4.19 -6.53
CA PRO A 61 6.06 3.13 -6.04
C PRO A 61 6.28 3.20 -4.54
N LYS A 62 6.37 2.03 -3.90
CA LYS A 62 6.59 1.95 -2.46
C LYS A 62 7.79 2.79 -2.03
N PRO A 63 7.60 3.69 -1.04
CA PRO A 63 8.68 4.56 -0.54
C PRO A 63 9.64 3.83 0.39
N HIS A 64 10.26 4.59 1.30
CA HIS A 64 11.21 4.03 2.25
C HIS A 64 11.28 4.87 3.52
N CYS A 65 11.35 4.21 4.67
CA CYS A 65 11.43 4.90 5.94
C CYS A 65 12.88 4.96 6.44
N GLN A 66 13.31 6.15 6.84
CA GLN A 66 14.66 6.34 7.34
C GLN A 66 14.68 6.44 8.86
N VAL A 67 15.68 5.82 9.49
CA VAL A 67 15.81 5.84 10.94
C VAL A 67 16.41 7.16 11.41
N ASN A 68 15.92 8.26 10.83
CA ASN A 68 16.41 9.59 11.17
C ASN A 68 17.93 9.66 11.10
N GLU A 1 -9.96 -21.72 -6.88
CA GLU A 1 -8.97 -22.25 -7.85
C GLU A 1 -8.12 -21.12 -8.44
N ALA A 2 -8.78 -20.04 -8.83
CA ALA A 2 -8.09 -18.89 -9.41
C ALA A 2 -9.04 -17.73 -9.63
N GLU A 3 -8.68 -16.56 -9.12
CA GLU A 3 -9.50 -15.37 -9.26
C GLU A 3 -9.41 -14.81 -10.68
N PHE A 4 -10.56 -14.47 -11.25
CA PHE A 4 -10.63 -13.93 -12.60
C PHE A 4 -10.33 -12.42 -12.61
N VAL A 5 -9.37 -12.00 -11.80
CA VAL A 5 -9.00 -10.59 -11.73
C VAL A 5 -7.79 -10.39 -10.82
N ARG A 6 -6.79 -9.68 -11.34
CA ARG A 6 -5.57 -9.41 -10.58
C ARG A 6 -5.84 -8.43 -9.44
N ILE A 7 -5.59 -8.89 -8.22
CA ILE A 7 -5.80 -8.06 -7.04
C ILE A 7 -4.61 -7.15 -6.77
N CYS A 8 -4.85 -6.08 -6.01
CA CYS A 8 -3.79 -5.13 -5.68
C CYS A 8 -2.61 -5.84 -5.04
N SER A 9 -1.40 -5.47 -5.44
CA SER A 9 -0.19 -6.10 -4.91
C SER A 9 -0.24 -6.16 -3.37
N LYS A 10 -0.09 -7.37 -2.85
CA LYS A 10 -0.10 -7.61 -1.42
C LYS A 10 1.20 -7.17 -0.76
N SER A 11 2.28 -7.17 -1.54
CA SER A 11 3.60 -6.79 -1.04
C SER A 11 3.56 -5.41 -0.38
N TYR A 12 2.85 -4.48 -0.99
CA TYR A 12 2.75 -3.12 -0.45
C TYR A 12 2.16 -3.14 0.96
N LEU A 13 1.12 -3.94 1.16
CA LEU A 13 0.46 -4.04 2.45
C LEU A 13 1.46 -4.41 3.55
N THR A 14 2.37 -5.32 3.22
CA THR A 14 3.38 -5.77 4.19
C THR A 14 4.66 -4.94 4.04
N LEU A 15 5.12 -4.38 5.14
CA LEU A 15 6.33 -3.56 5.13
C LEU A 15 7.12 -3.73 6.43
N GLU A 16 8.40 -4.04 6.30
CA GLU A 16 9.26 -4.21 7.46
C GLU A 16 9.48 -2.86 8.15
N ASN A 17 9.43 -2.87 9.48
CA ASN A 17 9.62 -1.65 10.24
C ASN A 17 8.58 -0.59 9.85
N GLY A 18 7.35 -1.05 9.62
CA GLY A 18 6.28 -0.15 9.22
C GLY A 18 4.94 -0.82 9.16
N LYS A 19 3.88 -0.03 9.05
CA LYS A 19 2.52 -0.56 8.97
C LYS A 19 1.70 0.21 7.94
N VAL A 20 0.87 -0.52 7.20
CA VAL A 20 0.04 0.08 6.15
C VAL A 20 -1.42 0.08 6.55
N PHE A 21 -2.12 1.16 6.22
CA PHE A 21 -3.54 1.30 6.54
C PHE A 21 -4.39 1.10 5.30
N LEU A 22 -5.47 0.34 5.43
CA LEU A 22 -6.37 0.08 4.32
C LEU A 22 -7.61 0.96 4.40
N THR A 23 -8.10 1.39 3.25
CA THR A 23 -9.29 2.23 3.21
C THR A 23 -10.04 2.03 1.90
N GLY A 24 -11.33 1.72 2.00
CA GLY A 24 -12.13 1.51 0.82
C GLY A 24 -11.70 0.29 0.03
N GLY A 25 -12.64 -0.35 -0.65
CA GLY A 25 -12.31 -1.53 -1.44
C GLY A 25 -12.02 -2.74 -0.57
N ASP A 26 -12.44 -3.92 -1.04
CA ASP A 26 -12.24 -5.15 -0.31
C ASP A 26 -12.68 -6.34 -1.16
N LEU A 27 -11.89 -7.41 -1.14
CA LEU A 27 -12.21 -8.60 -1.91
C LEU A 27 -13.70 -8.94 -1.82
N PRO A 28 -14.34 -9.27 -2.96
CA PRO A 28 -13.69 -9.32 -4.27
C PRO A 28 -13.69 -7.98 -5.01
N ALA A 29 -13.18 -6.93 -4.34
CA ALA A 29 -13.12 -5.61 -4.95
C ALA A 29 -11.76 -4.95 -4.71
N LEU A 30 -11.20 -4.35 -5.76
CA LEU A 30 -9.90 -3.70 -5.65
C LEU A 30 -9.98 -2.24 -6.09
N ASP A 31 -10.75 -1.98 -7.15
CA ASP A 31 -10.89 -0.62 -7.66
C ASP A 31 -11.52 0.29 -6.60
N GLY A 32 -10.98 1.49 -6.47
CA GLY A 32 -11.49 2.42 -5.49
C GLY A 32 -10.99 2.12 -4.10
N ALA A 33 -9.67 2.04 -3.94
CA ALA A 33 -9.05 1.75 -2.66
C ALA A 33 -7.70 2.44 -2.52
N ARG A 34 -7.49 3.10 -1.39
CA ARG A 34 -6.25 3.81 -1.12
C ARG A 34 -5.62 3.35 0.19
N VAL A 35 -4.29 3.19 0.17
CA VAL A 35 -3.57 2.76 1.36
C VAL A 35 -2.59 3.84 1.83
N GLU A 36 -2.55 4.05 3.13
CA GLU A 36 -1.66 5.05 3.71
C GLU A 36 -0.48 4.39 4.42
N PHE A 37 0.72 4.60 3.88
CA PHE A 37 1.93 4.03 4.48
C PHE A 37 2.32 4.79 5.74
N ARG A 38 3.06 4.13 6.62
CA ARG A 38 3.49 4.75 7.87
C ARG A 38 4.67 3.98 8.46
N CYS A 39 5.73 4.70 8.79
CA CYS A 39 6.93 4.08 9.37
C CYS A 39 6.85 4.01 10.89
N ASP A 40 7.31 2.90 11.45
CA ASP A 40 7.31 2.70 12.90
C ASP A 40 8.00 3.84 13.62
N PRO A 41 7.71 4.02 14.92
CA PRO A 41 8.32 5.08 15.73
C PRO A 41 9.83 5.17 15.54
N ASP A 42 10.38 6.37 15.75
CA ASP A 42 11.81 6.61 15.58
C ASP A 42 12.16 6.76 14.10
N PHE A 43 11.43 6.04 13.25
CA PHE A 43 11.66 6.11 11.80
C PHE A 43 10.54 6.88 11.12
N HIS A 44 10.90 7.87 10.32
CA HIS A 44 9.92 8.68 9.60
C HIS A 44 9.90 8.35 8.11
N LEU A 45 8.69 8.24 7.56
CA LEU A 45 8.52 7.95 6.15
C LEU A 45 8.83 9.17 5.29
N VAL A 46 9.66 8.99 4.27
CA VAL A 46 10.04 10.07 3.39
C VAL A 46 9.98 9.67 1.92
N GLY A 47 8.78 9.41 1.42
CA GLY A 47 8.64 9.00 0.03
C GLY A 47 7.20 8.89 -0.42
N SER A 48 6.89 7.81 -1.12
CA SER A 48 5.54 7.58 -1.62
C SER A 48 4.61 7.13 -0.50
N SER A 49 4.53 7.94 0.56
CA SER A 49 3.69 7.64 1.71
C SER A 49 2.27 7.29 1.27
N ARG A 50 1.76 8.01 0.28
CA ARG A 50 0.41 7.76 -0.22
C ARG A 50 0.45 6.93 -1.50
N SER A 51 -0.42 5.92 -1.59
CA SER A 51 -0.46 5.05 -2.76
C SER A 51 -1.90 4.58 -3.02
N VAL A 52 -2.32 4.66 -4.28
CA VAL A 52 -3.67 4.25 -4.66
C VAL A 52 -3.63 3.12 -5.69
N CYS A 53 -4.37 2.05 -5.42
CA CYS A 53 -4.42 0.90 -6.31
C CYS A 53 -5.18 1.22 -7.59
N SER A 54 -4.68 0.69 -8.71
CA SER A 54 -5.31 0.89 -10.01
C SER A 54 -4.65 0.00 -11.05
N GLN A 55 -5.46 -0.78 -11.75
CA GLN A 55 -4.96 -1.71 -12.77
C GLN A 55 -3.93 -2.66 -12.16
N GLY A 56 -4.21 -3.11 -10.94
CA GLY A 56 -3.32 -4.03 -10.25
C GLY A 56 -2.10 -3.33 -9.66
N GLN A 57 -1.40 -2.56 -10.50
CA GLN A 57 -0.21 -1.84 -10.06
C GLN A 57 -0.59 -0.60 -9.25
N TRP A 58 0.20 -0.29 -8.23
CA TRP A 58 -0.07 0.88 -7.39
C TRP A 58 0.51 2.14 -8.02
N SER A 59 -0.17 3.26 -7.81
CA SER A 59 0.27 4.54 -8.36
C SER A 59 1.72 4.84 -8.00
N THR A 60 2.00 4.95 -6.71
CA THR A 60 3.36 5.24 -6.25
C THR A 60 4.02 4.02 -5.62
N PRO A 61 5.29 3.76 -5.96
CA PRO A 61 6.05 2.62 -5.42
C PRO A 61 6.40 2.82 -3.95
N LYS A 62 6.41 1.73 -3.18
CA LYS A 62 6.73 1.77 -1.76
C LYS A 62 7.96 2.64 -1.49
N PRO A 63 7.86 3.58 -0.53
CA PRO A 63 8.96 4.49 -0.17
C PRO A 63 10.01 3.79 0.69
N HIS A 64 10.55 4.53 1.66
CA HIS A 64 11.57 4.00 2.55
C HIS A 64 11.57 4.73 3.89
N CYS A 65 11.89 4.01 4.96
CA CYS A 65 11.93 4.59 6.29
C CYS A 65 13.35 5.00 6.66
N GLN A 66 13.49 6.15 7.32
CA GLN A 66 14.81 6.65 7.70
C GLN A 66 14.84 7.07 9.17
N VAL A 67 16.00 6.88 9.81
CA VAL A 67 16.17 7.24 11.20
C VAL A 67 16.34 8.75 11.34
N ASN A 68 15.51 9.37 12.16
CA ASN A 68 15.58 10.81 12.35
C ASN A 68 16.79 11.19 13.21
N GLU A 1 -10.83 -19.37 -4.19
CA GLU A 1 -11.67 -18.15 -4.38
C GLU A 1 -10.85 -17.01 -4.98
N ALA A 2 -11.43 -16.34 -5.97
CA ALA A 2 -10.78 -15.21 -6.63
C ALA A 2 -9.52 -15.66 -7.37
N GLU A 3 -9.36 -15.18 -8.61
CA GLU A 3 -8.20 -15.53 -9.43
C GLU A 3 -8.20 -14.75 -10.74
N PHE A 4 -9.36 -14.67 -11.37
CA PHE A 4 -9.50 -13.95 -12.64
C PHE A 4 -9.15 -12.48 -12.48
N VAL A 5 -9.65 -11.86 -11.41
CA VAL A 5 -9.39 -10.44 -11.15
C VAL A 5 -7.90 -10.17 -10.97
N ARG A 6 -7.38 -9.21 -11.71
CA ARG A 6 -5.97 -8.83 -11.63
C ARG A 6 -5.72 -7.85 -10.48
N ILE A 7 -6.13 -8.25 -9.28
CA ILE A 7 -5.95 -7.41 -8.09
C ILE A 7 -4.53 -6.92 -7.95
N CYS A 8 -4.38 -5.72 -7.38
CA CYS A 8 -3.06 -5.12 -7.17
C CYS A 8 -2.19 -6.00 -6.29
N SER A 9 -0.90 -6.03 -6.59
CA SER A 9 0.06 -6.83 -5.84
C SER A 9 -0.11 -6.62 -4.34
N LYS A 10 -0.30 -7.71 -3.60
CA LYS A 10 -0.48 -7.63 -2.16
C LYS A 10 0.88 -7.60 -1.45
N SER A 11 1.93 -7.35 -2.21
CA SER A 11 3.28 -7.29 -1.66
C SER A 11 3.43 -6.10 -0.72
N TYR A 12 2.77 -5.01 -1.08
CA TYR A 12 2.81 -3.78 -0.28
C TYR A 12 2.32 -4.02 1.14
N LEU A 13 1.47 -5.04 1.32
CA LEU A 13 0.94 -5.37 2.64
C LEU A 13 2.06 -5.47 3.67
N THR A 14 3.18 -6.04 3.26
CA THR A 14 4.32 -6.20 4.16
C THR A 14 5.28 -5.01 4.05
N LEU A 15 5.60 -4.41 5.20
CA LEU A 15 6.50 -3.27 5.24
C LEU A 15 7.36 -3.32 6.51
N GLU A 16 8.67 -3.30 6.33
CA GLU A 16 9.59 -3.33 7.46
C GLU A 16 9.63 -2.00 8.21
N ASN A 17 9.49 -2.06 9.52
CA ASN A 17 9.52 -0.87 10.35
C ASN A 17 8.41 0.10 9.97
N GLY A 18 7.19 -0.43 9.82
CA GLY A 18 6.07 0.43 9.47
C GLY A 18 4.75 -0.33 9.46
N LYS A 19 3.70 0.35 8.97
CA LYS A 19 2.37 -0.23 8.91
C LYS A 19 1.66 0.20 7.63
N VAL A 20 0.84 -0.69 7.08
CA VAL A 20 0.09 -0.39 5.86
C VAL A 20 -1.39 -0.18 6.17
N PHE A 21 -1.94 0.95 5.72
CA PHE A 21 -3.34 1.27 5.95
C PHE A 21 -4.12 1.24 4.64
N LEU A 22 -4.34 0.04 4.11
CA LEU A 22 -5.07 -0.13 2.86
C LEU A 22 -6.57 0.06 3.09
N THR A 23 -6.96 1.26 3.51
CA THR A 23 -8.37 1.56 3.77
C THR A 23 -9.13 1.74 2.46
N GLY A 24 -10.16 0.92 2.26
CA GLY A 24 -10.96 1.01 1.05
C GLY A 24 -11.81 -0.22 0.82
N GLY A 25 -11.22 -1.39 1.03
CA GLY A 25 -11.95 -2.63 0.83
C GLY A 25 -11.15 -3.85 1.26
N ASP A 26 -11.04 -4.83 0.38
CA ASP A 26 -10.30 -6.05 0.68
C ASP A 26 -10.02 -6.84 -0.60
N LEU A 27 -10.22 -8.15 -0.56
CA LEU A 27 -9.98 -8.99 -1.72
C LEU A 27 -11.27 -9.66 -2.18
N PRO A 28 -11.56 -9.63 -3.49
CA PRO A 28 -10.72 -8.99 -4.50
C PRO A 28 -11.13 -7.54 -4.77
N ALA A 29 -11.44 -6.80 -3.70
CA ALA A 29 -11.85 -5.41 -3.84
C ALA A 29 -10.66 -4.49 -4.17
N LEU A 30 -10.90 -3.52 -5.04
CA LEU A 30 -9.86 -2.58 -5.44
C LEU A 30 -10.46 -1.39 -6.19
N ASP A 31 -11.65 -0.98 -5.76
CA ASP A 31 -12.33 0.15 -6.39
C ASP A 31 -11.72 1.48 -5.96
N GLY A 32 -10.44 1.65 -6.28
CA GLY A 32 -9.75 2.87 -5.90
C GLY A 32 -9.41 2.92 -4.43
N ALA A 33 -8.98 1.77 -3.89
CA ALA A 33 -8.61 1.68 -2.48
C ALA A 33 -7.44 2.60 -2.16
N ARG A 34 -7.55 3.32 -1.05
CA ARG A 34 -6.50 4.23 -0.63
C ARG A 34 -5.70 3.63 0.53
N VAL A 35 -4.38 3.85 0.53
CA VAL A 35 -3.53 3.30 1.57
C VAL A 35 -2.41 4.26 1.95
N GLU A 36 -2.20 4.40 3.25
CA GLU A 36 -1.15 5.26 3.78
C GLU A 36 -0.03 4.41 4.38
N PHE A 37 1.18 4.56 3.86
CA PHE A 37 2.33 3.79 4.34
C PHE A 37 3.01 4.46 5.52
N ARG A 38 2.25 4.72 6.57
CA ARG A 38 2.79 5.36 7.77
C ARG A 38 3.91 4.51 8.37
N CYS A 39 5.03 5.16 8.70
CA CYS A 39 6.16 4.46 9.27
C CYS A 39 6.07 4.40 10.79
N ASP A 40 6.61 3.33 11.37
CA ASP A 40 6.59 3.14 12.82
C ASP A 40 7.14 4.36 13.55
N PRO A 41 6.65 4.62 14.77
CA PRO A 41 7.10 5.75 15.59
C PRO A 41 8.62 5.78 15.71
N ASP A 42 9.17 6.97 15.90
CA ASP A 42 10.62 7.15 16.03
C ASP A 42 11.27 7.08 14.65
N PHE A 43 10.47 6.82 13.63
CA PHE A 43 10.95 6.74 12.26
C PHE A 43 10.02 7.52 11.33
N HIS A 44 10.59 8.38 10.50
CA HIS A 44 9.80 9.16 9.57
C HIS A 44 9.89 8.62 8.14
N LEU A 45 8.74 8.39 7.53
CA LEU A 45 8.68 7.87 6.17
C LEU A 45 9.12 8.95 5.19
N VAL A 46 10.01 8.58 4.26
CA VAL A 46 10.53 9.54 3.29
C VAL A 46 10.50 8.98 1.86
N GLY A 47 9.30 8.78 1.32
CA GLY A 47 9.20 8.26 -0.03
C GLY A 47 7.78 8.16 -0.52
N SER A 48 7.45 7.03 -1.15
CA SER A 48 6.14 6.78 -1.68
C SER A 48 5.13 6.48 -0.57
N SER A 49 5.03 7.40 0.38
CA SER A 49 4.13 7.25 1.51
C SER A 49 2.69 7.03 1.07
N ARG A 50 2.27 7.74 0.02
CA ARG A 50 0.91 7.63 -0.48
C ARG A 50 0.83 6.71 -1.70
N SER A 51 -0.15 5.82 -1.69
CA SER A 51 -0.36 4.87 -2.80
C SER A 51 -1.83 4.52 -2.92
N VAL A 52 -2.28 4.24 -4.15
CA VAL A 52 -3.69 3.90 -4.37
C VAL A 52 -3.85 2.88 -5.50
N CYS A 53 -4.62 1.83 -5.21
CA CYS A 53 -4.89 0.78 -6.19
C CYS A 53 -6.17 1.06 -6.96
N SER A 54 -6.16 0.77 -8.26
CA SER A 54 -7.33 1.00 -9.11
C SER A 54 -7.17 0.36 -10.47
N GLN A 55 -6.14 0.79 -11.19
CA GLN A 55 -5.85 0.27 -12.52
C GLN A 55 -4.94 -0.96 -12.44
N GLY A 56 -5.25 -1.85 -11.49
CA GLY A 56 -4.45 -3.04 -11.33
C GLY A 56 -2.99 -2.72 -11.08
N GLN A 57 -2.75 -1.67 -10.29
CA GLN A 57 -1.40 -1.24 -9.98
C GLN A 57 -1.43 -0.11 -8.96
N TRP A 58 -0.41 -0.06 -8.10
CA TRP A 58 -0.33 0.96 -7.07
C TRP A 58 0.29 2.24 -7.62
N SER A 59 -0.28 3.38 -7.23
CA SER A 59 0.21 4.67 -7.70
C SER A 59 1.72 4.79 -7.51
N THR A 60 2.20 4.40 -6.33
CA THR A 60 3.63 4.45 -6.03
C THR A 60 4.08 3.17 -5.33
N PRO A 61 5.26 2.64 -5.71
CA PRO A 61 5.81 1.41 -5.12
C PRO A 61 6.06 1.54 -3.62
N LYS A 62 6.86 0.63 -3.09
CA LYS A 62 7.20 0.63 -1.67
C LYS A 62 8.31 1.64 -1.38
N PRO A 63 8.09 2.55 -0.40
CA PRO A 63 9.08 3.57 -0.05
C PRO A 63 10.17 3.04 0.89
N HIS A 64 10.72 3.94 1.70
CA HIS A 64 11.77 3.59 2.66
C HIS A 64 11.75 4.56 3.83
N CYS A 65 11.87 4.02 5.04
CA CYS A 65 11.85 4.85 6.23
C CYS A 65 13.26 5.15 6.75
N GLN A 66 13.48 6.40 7.12
CA GLN A 66 14.77 6.83 7.65
C GLN A 66 14.70 6.97 9.17
N VAL A 67 15.78 6.60 9.84
CA VAL A 67 15.82 6.68 11.30
C VAL A 67 15.66 8.12 11.74
N ASN A 68 14.52 8.41 12.37
CA ASN A 68 14.24 9.76 12.84
C ASN A 68 15.09 10.10 14.05
N GLU A 1 -7.14 -18.04 -16.47
CA GLU A 1 -7.77 -16.84 -17.09
C GLU A 1 -9.03 -16.43 -16.33
N ALA A 2 -9.14 -15.13 -16.04
CA ALA A 2 -10.29 -14.60 -15.32
C ALA A 2 -10.49 -15.34 -13.99
N GLU A 3 -9.39 -15.56 -13.27
CA GLU A 3 -9.44 -16.25 -11.99
C GLU A 3 -10.30 -15.47 -11.00
N PHE A 4 -10.11 -14.17 -10.96
CA PHE A 4 -10.86 -13.30 -10.07
C PHE A 4 -10.51 -11.83 -10.31
N VAL A 5 -10.56 -11.02 -9.25
CA VAL A 5 -10.26 -9.59 -9.36
C VAL A 5 -8.76 -9.37 -9.52
N ARG A 6 -8.41 -8.49 -10.46
CA ARG A 6 -7.00 -8.16 -10.72
C ARG A 6 -6.47 -7.16 -9.70
N ILE A 7 -6.69 -7.45 -8.42
CA ILE A 7 -6.25 -6.58 -7.34
C ILE A 7 -4.75 -6.28 -7.45
N CYS A 8 -4.39 -5.05 -7.13
CA CYS A 8 -2.99 -4.62 -7.16
C CYS A 8 -2.13 -5.52 -6.29
N SER A 9 -0.84 -5.60 -6.62
CA SER A 9 0.10 -6.45 -5.87
C SER A 9 -0.07 -6.27 -4.36
N LYS A 10 -0.24 -7.38 -3.66
CA LYS A 10 -0.41 -7.36 -2.21
C LYS A 10 0.92 -7.11 -1.50
N SER A 11 2.00 -7.03 -2.27
CA SER A 11 3.33 -6.80 -1.71
C SER A 11 3.36 -5.54 -0.87
N TYR A 12 2.70 -4.49 -1.36
CA TYR A 12 2.64 -3.21 -0.66
C TYR A 12 2.00 -3.37 0.72
N LEU A 13 1.04 -4.27 0.82
CA LEU A 13 0.34 -4.51 2.10
C LEU A 13 1.34 -4.77 3.22
N THR A 14 2.40 -5.52 2.90
CA THR A 14 3.42 -5.85 3.89
C THR A 14 4.56 -4.84 3.84
N LEU A 15 5.02 -4.40 5.01
CA LEU A 15 6.10 -3.42 5.08
C LEU A 15 7.01 -3.68 6.29
N GLU A 16 8.31 -3.70 6.05
CA GLU A 16 9.28 -3.93 7.12
C GLU A 16 9.43 -2.68 7.99
N ASN A 17 9.41 -2.88 9.30
CA ASN A 17 9.54 -1.78 10.25
C ASN A 17 8.52 -0.67 9.93
N GLY A 18 7.34 -1.09 9.50
CA GLY A 18 6.30 -0.13 9.17
C GLY A 18 4.96 -0.79 8.97
N LYS A 19 3.92 -0.07 9.35
CA LYS A 19 2.55 -0.56 9.22
C LYS A 19 1.86 0.07 8.02
N VAL A 20 1.06 -0.73 7.32
CA VAL A 20 0.35 -0.26 6.15
C VAL A 20 -1.15 -0.14 6.44
N PHE A 21 -1.75 0.97 5.99
CA PHE A 21 -3.18 1.21 6.22
C PHE A 21 -3.98 1.12 4.93
N LEU A 22 -5.12 0.46 5.00
CA LEU A 22 -6.00 0.31 3.84
C LEU A 22 -7.29 1.09 4.06
N THR A 23 -7.83 1.66 2.99
CA THR A 23 -9.06 2.43 3.10
C THR A 23 -9.76 2.57 1.74
N GLY A 24 -11.08 2.53 1.77
CA GLY A 24 -11.87 2.65 0.55
C GLY A 24 -11.83 1.41 -0.31
N GLY A 25 -13.01 0.89 -0.65
CA GLY A 25 -13.10 -0.30 -1.47
C GLY A 25 -14.36 -1.09 -1.20
N ASP A 26 -14.24 -2.42 -1.18
CA ASP A 26 -15.37 -3.29 -0.93
C ASP A 26 -14.89 -4.73 -0.83
N LEU A 27 -15.11 -5.35 0.34
CA LEU A 27 -14.68 -6.73 0.59
C LEU A 27 -14.66 -7.55 -0.70
N PRO A 28 -13.51 -8.20 -1.01
CA PRO A 28 -12.29 -8.16 -0.20
C PRO A 28 -11.69 -6.76 -0.08
N ALA A 29 -12.03 -5.90 -1.04
CA ALA A 29 -11.54 -4.52 -1.07
C ALA A 29 -10.05 -4.46 -1.39
N LEU A 30 -9.72 -3.63 -2.37
CA LEU A 30 -8.35 -3.44 -2.83
C LEU A 30 -8.36 -2.51 -4.03
N ASP A 31 -9.41 -2.67 -4.83
CA ASP A 31 -9.61 -1.86 -6.03
C ASP A 31 -9.76 -0.39 -5.66
N GLY A 32 -9.03 0.47 -6.38
CA GLY A 32 -9.09 1.90 -6.12
C GLY A 32 -8.85 2.22 -4.66
N ALA A 33 -8.03 1.41 -4.00
CA ALA A 33 -7.71 1.61 -2.60
C ALA A 33 -6.70 2.74 -2.40
N ARG A 34 -6.91 3.55 -1.38
CA ARG A 34 -6.01 4.66 -1.09
C ARG A 34 -5.13 4.32 0.10
N VAL A 35 -4.30 3.29 -0.07
CA VAL A 35 -3.42 2.82 0.99
C VAL A 35 -2.48 3.92 1.47
N GLU A 36 -2.24 3.94 2.78
CA GLU A 36 -1.36 4.93 3.37
C GLU A 36 -0.24 4.26 4.16
N PHE A 37 0.99 4.42 3.68
CA PHE A 37 2.15 3.84 4.33
C PHE A 37 2.59 4.68 5.52
N ARG A 38 3.20 4.03 6.50
CA ARG A 38 3.67 4.72 7.70
C ARG A 38 4.71 3.89 8.44
N CYS A 39 5.81 4.52 8.81
CA CYS A 39 6.89 3.84 9.52
C CYS A 39 6.68 3.89 11.03
N ASP A 40 7.01 2.80 11.71
CA ASP A 40 6.87 2.72 13.16
C ASP A 40 7.63 3.85 13.85
N PRO A 41 7.28 4.15 15.11
CA PRO A 41 7.92 5.21 15.90
C PRO A 41 9.43 5.25 15.70
N ASP A 42 10.02 6.43 15.89
CA ASP A 42 11.46 6.63 15.74
C ASP A 42 11.82 6.77 14.26
N PHE A 43 11.09 6.07 13.40
CA PHE A 43 11.34 6.12 11.97
C PHE A 43 10.21 6.89 11.27
N HIS A 44 10.58 7.86 10.45
CA HIS A 44 9.61 8.67 9.73
C HIS A 44 9.62 8.36 8.24
N LEU A 45 8.44 8.20 7.65
CA LEU A 45 8.32 7.91 6.23
C LEU A 45 8.58 9.17 5.40
N VAL A 46 9.41 9.02 4.36
CA VAL A 46 9.76 10.14 3.50
C VAL A 46 9.67 9.75 2.02
N GLY A 47 8.45 9.48 1.54
CA GLY A 47 8.30 9.10 0.14
C GLY A 47 6.86 8.79 -0.22
N SER A 48 6.65 7.61 -0.80
CA SER A 48 5.31 7.17 -1.20
C SER A 48 4.43 6.88 0.00
N SER A 49 4.14 7.91 0.78
CA SER A 49 3.31 7.78 1.96
C SER A 49 1.89 7.36 1.60
N ARG A 50 1.52 7.55 0.33
CA ARG A 50 0.19 7.20 -0.14
C ARG A 50 0.24 6.59 -1.54
N SER A 51 -0.59 5.56 -1.77
CA SER A 51 -0.65 4.88 -3.05
C SER A 51 -2.07 4.43 -3.36
N VAL A 52 -2.50 4.64 -4.61
CA VAL A 52 -3.85 4.26 -5.02
C VAL A 52 -3.82 3.13 -6.04
N CYS A 53 -4.62 2.10 -5.79
CA CYS A 53 -4.70 0.94 -6.68
C CYS A 53 -5.49 1.28 -7.95
N SER A 54 -5.01 0.80 -9.09
CA SER A 54 -5.68 1.05 -10.36
C SER A 54 -5.19 0.07 -11.43
N GLN A 55 -6.14 -0.49 -12.19
CA GLN A 55 -5.84 -1.44 -13.25
C GLN A 55 -5.29 -2.76 -12.69
N GLY A 56 -4.10 -2.69 -12.10
CA GLY A 56 -3.48 -3.86 -11.51
C GLY A 56 -2.12 -3.54 -10.93
N GLN A 57 -2.02 -2.37 -10.33
CA GLN A 57 -0.79 -1.89 -9.72
C GLN A 57 -1.01 -0.55 -9.04
N TRP A 58 -0.24 -0.26 -8.01
CA TRP A 58 -0.37 0.99 -7.28
C TRP A 58 0.39 2.11 -7.98
N SER A 59 -0.20 3.31 -8.00
CA SER A 59 0.42 4.46 -8.64
C SER A 59 1.85 4.66 -8.14
N THR A 60 1.99 4.88 -6.83
CA THR A 60 3.31 5.08 -6.24
C THR A 60 3.81 3.81 -5.56
N PRO A 61 5.08 3.43 -5.79
CA PRO A 61 5.67 2.23 -5.20
C PRO A 61 5.81 2.34 -3.69
N LYS A 62 6.71 1.55 -3.12
CA LYS A 62 6.94 1.56 -1.68
C LYS A 62 8.08 2.52 -1.33
N PRO A 63 7.85 3.41 -0.35
CA PRO A 63 8.86 4.38 0.09
C PRO A 63 9.99 3.74 0.90
N HIS A 64 10.48 4.48 1.89
CA HIS A 64 11.56 4.00 2.75
C HIS A 64 11.50 4.67 4.11
N CYS A 65 11.94 3.96 5.15
CA CYS A 65 11.92 4.50 6.50
C CYS A 65 13.28 5.05 6.89
N GLN A 66 13.30 6.29 7.39
CA GLN A 66 14.52 6.93 7.81
C GLN A 66 14.55 7.12 9.32
N VAL A 67 15.68 6.76 9.93
CA VAL A 67 15.84 6.89 11.38
C VAL A 67 16.28 8.30 11.74
N ASN A 68 15.55 8.93 12.65
CA ASN A 68 15.87 10.28 13.08
C ASN A 68 17.17 10.31 13.88
N GLU A 1 -9.83 -15.58 -18.07
CA GLU A 1 -11.24 -15.72 -18.53
C GLU A 1 -12.14 -16.18 -17.37
N ALA A 2 -11.98 -15.55 -16.21
CA ALA A 2 -12.76 -15.89 -15.04
C ALA A 2 -12.55 -14.88 -13.92
N GLU A 3 -11.29 -14.52 -13.69
CA GLU A 3 -10.95 -13.55 -12.64
C GLU A 3 -11.62 -12.20 -12.90
N PHE A 4 -12.18 -11.62 -11.86
CA PHE A 4 -12.86 -10.33 -11.98
C PHE A 4 -11.87 -9.22 -12.31
N VAL A 5 -10.74 -9.21 -11.61
CA VAL A 5 -9.71 -8.20 -11.83
C VAL A 5 -8.45 -8.53 -11.03
N ARG A 6 -7.29 -8.29 -11.63
CA ARG A 6 -6.01 -8.56 -10.98
C ARG A 6 -5.91 -7.83 -9.65
N ILE A 7 -5.60 -8.57 -8.59
CA ILE A 7 -5.47 -8.02 -7.26
C ILE A 7 -4.20 -7.19 -7.11
N CYS A 8 -4.31 -6.09 -6.37
CA CYS A 8 -3.18 -5.20 -6.14
C CYS A 8 -2.05 -5.93 -5.41
N SER A 9 -0.81 -5.61 -5.77
CA SER A 9 0.36 -6.24 -5.15
C SER A 9 0.25 -6.25 -3.63
N LYS A 10 0.48 -7.41 -3.04
CA LYS A 10 0.40 -7.57 -1.59
C LYS A 10 1.64 -6.99 -0.89
N SER A 11 2.72 -6.82 -1.65
CA SER A 11 3.97 -6.30 -1.11
C SER A 11 3.75 -4.97 -0.38
N TYR A 12 3.02 -4.06 -1.01
CA TYR A 12 2.75 -2.75 -0.40
C TYR A 12 1.99 -2.90 0.91
N LEU A 13 1.08 -3.87 0.96
CA LEU A 13 0.27 -4.09 2.16
C LEU A 13 1.17 -4.29 3.39
N THR A 14 2.17 -5.15 3.26
CA THR A 14 3.09 -5.43 4.35
C THR A 14 4.31 -4.52 4.27
N LEU A 15 4.73 -4.01 5.43
CA LEU A 15 5.88 -3.12 5.49
C LEU A 15 6.68 -3.32 6.78
N GLU A 16 7.99 -3.49 6.63
CA GLU A 16 8.87 -3.68 7.77
C GLU A 16 9.03 -2.37 8.55
N ASN A 17 9.00 -2.46 9.87
CA ASN A 17 9.13 -1.29 10.73
C ASN A 17 8.01 -0.29 10.46
N GLY A 18 6.81 -0.79 10.21
CA GLY A 18 5.68 0.08 9.95
C GLY A 18 4.40 -0.68 9.66
N LYS A 19 3.32 0.06 9.41
CA LYS A 19 2.03 -0.55 9.11
C LYS A 19 1.30 0.25 8.02
N VAL A 20 0.52 -0.46 7.20
CA VAL A 20 -0.23 0.18 6.13
C VAL A 20 -1.72 0.21 6.45
N PHE A 21 -2.37 1.31 6.09
CA PHE A 21 -3.79 1.47 6.35
C PHE A 21 -4.60 1.30 5.06
N LEU A 22 -5.69 0.55 5.15
CA LEU A 22 -6.55 0.30 4.01
C LEU A 22 -7.81 1.17 4.09
N THR A 23 -8.32 1.59 2.94
CA THR A 23 -9.52 2.41 2.91
C THR A 23 -10.30 2.21 1.62
N GLY A 24 -11.60 1.96 1.77
CA GLY A 24 -12.45 1.75 0.61
C GLY A 24 -11.96 0.61 -0.27
N GLY A 25 -11.55 -0.49 0.35
CA GLY A 25 -11.06 -1.63 -0.40
C GLY A 25 -10.65 -2.78 0.49
N ASP A 26 -10.95 -4.01 0.04
CA ASP A 26 -10.61 -5.20 0.79
C ASP A 26 -10.96 -6.45 -0.02
N LEU A 27 -10.03 -7.40 -0.06
CA LEU A 27 -10.25 -8.64 -0.80
C LEU A 27 -11.65 -9.19 -0.57
N PRO A 28 -12.35 -9.55 -1.65
CA PRO A 28 -11.84 -9.45 -3.02
C PRO A 28 -12.18 -8.11 -3.69
N ALA A 29 -11.65 -7.02 -3.13
CA ALA A 29 -11.89 -5.69 -3.69
C ALA A 29 -10.64 -4.82 -3.60
N LEU A 30 -9.51 -5.37 -4.04
CA LEU A 30 -8.25 -4.63 -4.03
C LEU A 30 -8.32 -3.40 -4.92
N ASP A 31 -8.89 -3.59 -6.12
CA ASP A 31 -9.02 -2.50 -7.07
C ASP A 31 -9.93 -1.41 -6.52
N GLY A 32 -9.56 -0.15 -6.75
CA GLY A 32 -10.36 0.96 -6.26
C GLY A 32 -10.24 1.13 -4.76
N ALA A 33 -9.02 1.32 -4.28
CA ALA A 33 -8.78 1.50 -2.85
C ALA A 33 -7.50 2.30 -2.59
N ARG A 34 -7.55 3.17 -1.59
CA ARG A 34 -6.41 4.00 -1.24
C ARG A 34 -5.79 3.54 0.07
N VAL A 35 -4.46 3.58 0.14
CA VAL A 35 -3.75 3.15 1.34
C VAL A 35 -2.72 4.18 1.80
N GLU A 36 -2.62 4.37 3.11
CA GLU A 36 -1.67 5.32 3.68
C GLU A 36 -0.47 4.61 4.28
N PHE A 37 0.73 4.99 3.84
CA PHE A 37 1.96 4.39 4.34
C PHE A 37 2.52 5.20 5.52
N ARG A 38 3.08 4.48 6.50
CA ARG A 38 3.66 5.12 7.66
C ARG A 38 4.40 4.11 8.53
N CYS A 39 5.68 4.38 8.79
CA CYS A 39 6.50 3.49 9.61
C CYS A 39 6.43 3.85 11.08
N ASP A 40 6.51 2.81 11.93
CA ASP A 40 6.45 2.97 13.37
C ASP A 40 7.54 3.94 13.87
N PRO A 41 7.44 4.39 15.14
CA PRO A 41 8.41 5.31 15.74
C PRO A 41 9.84 4.92 15.44
N ASP A 42 10.76 5.88 15.57
CA ASP A 42 12.19 5.66 15.30
C ASP A 42 12.44 5.67 13.79
N PHE A 43 11.50 5.11 13.04
CA PHE A 43 11.62 5.07 11.59
C PHE A 43 10.62 6.02 10.96
N HIS A 44 11.10 6.92 10.11
CA HIS A 44 10.23 7.89 9.46
C HIS A 44 10.24 7.71 7.95
N LEU A 45 9.05 7.56 7.38
CA LEU A 45 8.91 7.39 5.94
C LEU A 45 9.20 8.70 5.22
N VAL A 46 10.05 8.66 4.21
CA VAL A 46 10.41 9.86 3.46
C VAL A 46 10.26 9.64 1.96
N GLY A 47 9.03 9.47 1.51
CA GLY A 47 8.79 9.27 0.09
C GLY A 47 7.33 9.23 -0.26
N SER A 48 6.92 8.22 -1.02
CA SER A 48 5.54 8.07 -1.42
C SER A 48 4.70 7.58 -0.25
N SER A 49 4.59 8.42 0.78
CA SER A 49 3.84 8.08 1.98
C SER A 49 2.37 7.79 1.65
N ARG A 50 2.01 7.91 0.37
CA ARG A 50 0.65 7.64 -0.07
C ARG A 50 0.66 6.93 -1.41
N SER A 51 -0.19 5.91 -1.55
CA SER A 51 -0.29 5.15 -2.78
C SER A 51 -1.71 4.63 -2.99
N VAL A 52 -2.22 4.80 -4.20
CA VAL A 52 -3.58 4.34 -4.51
C VAL A 52 -3.59 3.38 -5.68
N CYS A 53 -4.18 2.21 -5.47
CA CYS A 53 -4.26 1.19 -6.51
C CYS A 53 -5.62 1.22 -7.20
N SER A 54 -5.62 1.03 -8.52
CA SER A 54 -6.85 1.05 -9.29
C SER A 54 -6.62 0.58 -10.72
N GLN A 55 -5.74 -0.42 -10.87
CA GLN A 55 -5.42 -0.99 -12.18
C GLN A 55 -4.36 -2.07 -12.06
N GLY A 56 -4.56 -2.98 -11.10
CA GLY A 56 -3.61 -4.06 -10.88
C GLY A 56 -2.20 -3.52 -10.67
N GLN A 57 -2.11 -2.38 -10.01
CA GLN A 57 -0.82 -1.74 -9.72
C GLN A 57 -1.03 -0.48 -8.89
N TRP A 58 -0.10 -0.21 -8.00
CA TRP A 58 -0.18 0.98 -7.14
C TRP A 58 0.37 2.21 -7.86
N SER A 59 -0.30 3.34 -7.67
CA SER A 59 0.11 4.59 -8.32
C SER A 59 1.58 4.91 -8.07
N THR A 60 1.93 5.18 -6.81
CA THR A 60 3.31 5.51 -6.47
C THR A 60 4.06 4.29 -5.92
N PRO A 61 5.32 4.08 -6.38
CA PRO A 61 6.15 2.96 -5.93
C PRO A 61 6.44 3.05 -4.43
N LYS A 62 6.49 1.90 -3.77
CA LYS A 62 6.75 1.86 -2.33
C LYS A 62 7.95 2.74 -1.97
N PRO A 63 7.81 3.60 -0.95
CA PRO A 63 8.89 4.51 -0.52
C PRO A 63 9.98 3.81 0.28
N HIS A 64 10.58 4.54 1.22
CA HIS A 64 11.65 4.00 2.05
C HIS A 64 11.73 4.73 3.39
N CYS A 65 11.78 3.96 4.48
CA CYS A 65 11.86 4.54 5.82
C CYS A 65 13.29 4.53 6.34
N GLN A 66 13.71 5.64 6.93
CA GLN A 66 15.07 5.76 7.46
C GLN A 66 15.08 5.63 8.98
N VAL A 67 16.11 4.96 9.50
CA VAL A 67 16.26 4.75 10.93
C VAL A 67 16.58 6.05 11.64
N ASN A 68 15.55 6.87 11.88
CA ASN A 68 15.71 8.15 12.55
C ASN A 68 16.57 9.11 11.73
N GLU A 1 -2.94 -13.86 -19.70
CA GLU A 1 -3.67 -14.83 -18.85
C GLU A 1 -4.37 -14.10 -17.69
N ALA A 2 -4.08 -14.52 -16.45
CA ALA A 2 -4.69 -13.90 -15.28
C ALA A 2 -6.21 -14.01 -15.32
N GLU A 3 -6.89 -12.93 -14.97
CA GLU A 3 -8.35 -12.90 -14.97
C GLU A 3 -8.85 -11.49 -15.29
N PHE A 4 -9.84 -11.01 -14.54
CA PHE A 4 -10.39 -9.69 -14.76
C PHE A 4 -9.32 -8.62 -14.58
N VAL A 5 -8.58 -8.71 -13.47
CA VAL A 5 -7.52 -7.75 -13.18
C VAL A 5 -6.83 -8.09 -11.85
N ARG A 6 -5.51 -7.97 -11.83
CA ARG A 6 -4.74 -8.26 -10.63
C ARG A 6 -5.23 -7.40 -9.46
N ILE A 7 -5.36 -8.00 -8.29
CA ILE A 7 -5.81 -7.29 -7.11
C ILE A 7 -4.69 -6.45 -6.50
N CYS A 8 -3.88 -5.84 -7.36
CA CYS A 8 -2.76 -5.01 -6.93
C CYS A 8 -1.77 -5.77 -6.05
N SER A 9 -0.48 -5.49 -6.25
CA SER A 9 0.57 -6.16 -5.51
C SER A 9 0.28 -6.16 -4.00
N LYS A 10 0.31 -7.34 -3.40
CA LYS A 10 0.06 -7.48 -1.98
C LYS A 10 1.29 -7.13 -1.16
N SER A 11 2.43 -7.01 -1.84
CA SER A 11 3.69 -6.68 -1.19
C SER A 11 3.60 -5.36 -0.43
N TYR A 12 2.97 -4.37 -1.04
CA TYR A 12 2.81 -3.05 -0.43
C TYR A 12 2.22 -3.16 0.97
N LEU A 13 1.27 -4.09 1.13
CA LEU A 13 0.61 -4.30 2.41
C LEU A 13 1.63 -4.54 3.53
N THR A 14 2.65 -5.32 3.23
CA THR A 14 3.69 -5.64 4.21
C THR A 14 4.85 -4.65 4.11
N LEU A 15 5.33 -4.18 5.26
CA LEU A 15 6.44 -3.23 5.29
C LEU A 15 7.33 -3.47 6.51
N GLU A 16 8.63 -3.55 6.27
CA GLU A 16 9.60 -3.77 7.34
C GLU A 16 9.72 -2.53 8.21
N ASN A 17 9.64 -2.72 9.52
CA ASN A 17 9.72 -1.62 10.47
C ASN A 17 8.67 -0.56 10.15
N GLY A 18 7.47 -1.01 9.82
CA GLY A 18 6.40 -0.08 9.49
C GLY A 18 5.08 -0.79 9.21
N LYS A 19 3.99 -0.08 9.44
CA LYS A 19 2.65 -0.63 9.22
C LYS A 19 1.94 0.12 8.10
N VAL A 20 1.18 -0.62 7.29
CA VAL A 20 0.44 0.00 6.19
C VAL A 20 -1.05 0.03 6.49
N PHE A 21 -1.65 1.20 6.28
CA PHE A 21 -3.07 1.41 6.53
C PHE A 21 -3.83 1.58 5.22
N LEU A 22 -5.10 1.18 5.20
CA LEU A 22 -5.91 1.29 4.00
C LEU A 22 -7.40 1.29 4.32
N THR A 23 -8.18 1.98 3.49
CA THR A 23 -9.63 2.08 3.67
C THR A 23 -10.33 2.25 2.33
N GLY A 24 -11.38 1.48 2.11
CA GLY A 24 -12.12 1.57 0.86
C GLY A 24 -13.07 0.40 0.67
N GLY A 25 -13.01 -0.22 -0.50
CA GLY A 25 -13.87 -1.35 -0.80
C GLY A 25 -13.59 -2.55 0.10
N ASP A 26 -13.27 -3.69 -0.51
CA ASP A 26 -12.98 -4.90 0.24
C ASP A 26 -12.23 -5.90 -0.62
N LEU A 27 -12.73 -7.14 -0.69
CA LEU A 27 -12.08 -8.18 -1.47
C LEU A 27 -13.08 -8.87 -2.41
N PRO A 28 -12.73 -8.98 -3.71
CA PRO A 28 -11.47 -8.50 -4.24
C PRO A 28 -11.58 -7.07 -4.78
N ALA A 29 -12.27 -6.22 -4.04
CA ALA A 29 -12.44 -4.82 -4.44
C ALA A 29 -11.22 -3.97 -4.09
N LEU A 30 -10.04 -4.49 -4.43
CA LEU A 30 -8.79 -3.77 -4.14
C LEU A 30 -8.74 -2.45 -4.90
N ASP A 31 -9.24 -2.44 -6.12
CA ASP A 31 -9.25 -1.24 -6.94
C ASP A 31 -10.05 -0.12 -6.28
N GLY A 32 -9.61 1.12 -6.47
CA GLY A 32 -10.30 2.25 -5.89
C GLY A 32 -9.88 2.52 -4.46
N ALA A 33 -9.58 1.45 -3.73
CA ALA A 33 -9.17 1.56 -2.33
C ALA A 33 -7.95 2.47 -2.18
N ARG A 34 -7.94 3.25 -1.10
CA ARG A 34 -6.83 4.16 -0.82
C ARG A 34 -5.96 3.61 0.30
N VAL A 35 -4.64 3.70 0.12
CA VAL A 35 -3.73 3.18 1.13
C VAL A 35 -2.75 4.24 1.63
N GLU A 36 -2.60 4.32 2.95
CA GLU A 36 -1.71 5.27 3.58
C GLU A 36 -0.53 4.57 4.25
N PHE A 37 0.68 4.90 3.81
CA PHE A 37 1.89 4.29 4.36
C PHE A 37 2.39 5.08 5.57
N ARG A 38 3.03 4.37 6.50
CA ARG A 38 3.56 5.00 7.71
C ARG A 38 4.56 4.08 8.42
N CYS A 39 5.68 4.65 8.82
CA CYS A 39 6.72 3.88 9.50
C CYS A 39 6.50 3.89 11.01
N ASP A 40 7.02 2.88 11.69
CA ASP A 40 6.87 2.76 13.15
C ASP A 40 7.32 4.04 13.84
N PRO A 41 6.71 4.36 15.00
CA PRO A 41 7.03 5.57 15.77
C PRO A 41 8.51 5.62 16.18
N ASP A 42 9.37 5.91 15.22
CA ASP A 42 10.81 5.99 15.45
C ASP A 42 11.52 6.40 14.17
N PHE A 43 11.04 5.84 13.06
CA PHE A 43 11.60 6.14 11.74
C PHE A 43 10.62 7.00 10.95
N HIS A 44 11.15 7.96 10.18
CA HIS A 44 10.30 8.84 9.39
C HIS A 44 10.26 8.40 7.92
N LEU A 45 9.06 8.25 7.38
CA LEU A 45 8.87 7.83 6.00
C LEU A 45 9.12 9.00 5.05
N VAL A 46 9.94 8.77 4.03
CA VAL A 46 10.29 9.80 3.05
C VAL A 46 10.14 9.28 1.63
N GLY A 47 8.91 8.98 1.21
CA GLY A 47 8.71 8.48 -0.14
C GLY A 47 7.24 8.38 -0.51
N SER A 48 6.84 7.18 -0.96
CA SER A 48 5.46 6.93 -1.36
C SER A 48 4.53 6.86 -0.15
N SER A 49 4.50 7.95 0.61
CA SER A 49 3.67 8.03 1.80
C SER A 49 2.20 7.77 1.45
N ARG A 50 1.84 8.06 0.20
CA ARG A 50 0.47 7.86 -0.26
C ARG A 50 0.44 7.07 -1.57
N SER A 51 -0.48 6.12 -1.67
CA SER A 51 -0.62 5.29 -2.87
C SER A 51 -2.09 4.89 -3.05
N VAL A 52 -2.39 4.20 -4.15
CA VAL A 52 -3.75 3.77 -4.42
C VAL A 52 -3.80 2.62 -5.43
N CYS A 53 -4.65 1.64 -5.15
CA CYS A 53 -4.83 0.49 -6.04
C CYS A 53 -5.71 0.83 -7.23
N SER A 54 -5.28 0.42 -8.42
CA SER A 54 -6.03 0.68 -9.64
C SER A 54 -5.38 0.00 -10.84
N GLN A 55 -6.20 -0.67 -11.65
CA GLN A 55 -5.72 -1.38 -12.83
C GLN A 55 -4.64 -2.40 -12.46
N GLY A 56 -4.87 -3.10 -11.36
CA GLY A 56 -3.91 -4.11 -10.92
C GLY A 56 -2.51 -3.54 -10.73
N GLN A 57 -2.43 -2.36 -10.12
CA GLN A 57 -1.15 -1.70 -9.89
C GLN A 57 -1.35 -0.43 -9.06
N TRP A 58 -0.45 -0.20 -8.11
CA TRP A 58 -0.53 0.99 -7.26
C TRP A 58 0.12 2.18 -7.96
N SER A 59 -0.48 3.35 -7.82
CA SER A 59 0.05 4.57 -8.43
C SER A 59 1.51 4.77 -8.06
N THR A 60 1.77 4.92 -6.75
CA THR A 60 3.13 5.11 -6.26
C THR A 60 3.69 3.81 -5.69
N PRO A 61 4.99 3.53 -5.94
CA PRO A 61 5.65 2.31 -5.44
C PRO A 61 5.70 2.27 -3.92
N LYS A 62 6.70 1.56 -3.41
CA LYS A 62 6.88 1.43 -1.97
C LYS A 62 8.01 2.35 -1.49
N PRO A 63 7.74 3.18 -0.46
CA PRO A 63 8.74 4.12 0.08
C PRO A 63 9.83 3.42 0.89
N HIS A 64 10.42 4.15 1.83
CA HIS A 64 11.48 3.60 2.68
C HIS A 64 11.52 4.33 4.01
N CYS A 65 11.82 3.61 5.09
CA CYS A 65 11.89 4.20 6.42
C CYS A 65 13.33 4.55 6.79
N GLN A 66 13.53 5.76 7.32
CA GLN A 66 14.86 6.21 7.71
C GLN A 66 14.93 6.48 9.21
N VAL A 67 16.03 6.08 9.83
CA VAL A 67 16.24 6.29 11.25
C VAL A 67 16.82 7.68 11.51
N ASN A 68 16.20 8.41 12.41
CA ASN A 68 16.68 9.75 12.74
C ASN A 68 17.96 9.69 13.56
N GLU A 1 -18.88 -10.09 -12.41
CA GLU A 1 -19.33 -10.16 -11.00
C GLU A 1 -18.16 -10.44 -10.05
N ALA A 2 -17.35 -11.41 -10.41
CA ALA A 2 -16.19 -11.79 -9.59
C ALA A 2 -15.35 -12.85 -10.29
N GLU A 3 -14.96 -13.89 -9.55
CA GLU A 3 -14.15 -14.97 -10.11
C GLU A 3 -12.83 -14.44 -10.63
N PHE A 4 -12.14 -13.67 -9.80
CA PHE A 4 -10.85 -13.08 -10.16
C PHE A 4 -11.01 -12.07 -11.30
N VAL A 5 -10.33 -10.93 -11.16
CA VAL A 5 -10.39 -9.88 -12.18
C VAL A 5 -9.30 -8.85 -11.94
N ARG A 6 -8.08 -9.33 -11.68
CA ARG A 6 -6.93 -8.47 -11.44
C ARG A 6 -7.08 -7.69 -10.13
N ILE A 7 -6.02 -7.67 -9.34
CA ILE A 7 -6.01 -6.95 -8.08
C ILE A 7 -4.61 -6.42 -7.77
N CYS A 8 -4.53 -5.17 -7.34
CA CYS A 8 -3.26 -4.53 -7.02
C CYS A 8 -2.44 -5.37 -6.05
N SER A 9 -1.14 -5.45 -6.29
CA SER A 9 -0.22 -6.22 -5.45
C SER A 9 -0.44 -5.91 -3.97
N LYS A 10 -0.61 -6.96 -3.18
CA LYS A 10 -0.83 -6.81 -1.74
C LYS A 10 0.50 -6.69 -1.01
N SER A 11 1.60 -6.67 -1.76
CA SER A 11 2.93 -6.56 -1.18
C SER A 11 3.10 -5.24 -0.45
N TYR A 12 2.55 -4.17 -1.01
CA TYR A 12 2.64 -2.84 -0.41
C TYR A 12 2.11 -2.85 1.02
N LEU A 13 1.05 -3.61 1.25
CA LEU A 13 0.45 -3.72 2.57
C LEU A 13 1.47 -4.13 3.62
N THR A 14 2.43 -4.96 3.23
CA THR A 14 3.47 -5.42 4.14
C THR A 14 4.70 -4.52 4.08
N LEU A 15 5.15 -4.08 5.25
CA LEU A 15 6.32 -3.21 5.34
C LEU A 15 7.15 -3.49 6.58
N GLU A 16 8.46 -3.58 6.40
CA GLU A 16 9.37 -3.83 7.52
C GLU A 16 9.53 -2.57 8.36
N ASN A 17 9.40 -2.73 9.68
CA ASN A 17 9.52 -1.60 10.61
C ASN A 17 8.54 -0.50 10.23
N GLY A 18 7.33 -0.90 9.83
CA GLY A 18 6.31 0.06 9.46
C GLY A 18 4.97 -0.57 9.21
N LYS A 19 3.92 0.21 9.45
CA LYS A 19 2.55 -0.25 9.27
C LYS A 19 1.89 0.49 8.11
N VAL A 20 1.09 -0.22 7.33
CA VAL A 20 0.42 0.40 6.19
C VAL A 20 -1.07 0.59 6.46
N PHE A 21 -1.60 1.75 6.07
CA PHE A 21 -3.00 2.07 6.26
C PHE A 21 -3.75 1.97 4.95
N LEU A 22 -4.99 1.48 4.99
CA LEU A 22 -5.78 1.32 3.78
C LEU A 22 -7.25 1.05 4.10
N THR A 23 -8.12 1.49 3.20
CA THR A 23 -9.56 1.30 3.36
C THR A 23 -10.28 1.43 2.02
N GLY A 24 -11.20 0.51 1.77
CA GLY A 24 -11.95 0.54 0.52
C GLY A 24 -11.99 -0.81 -0.16
N GLY A 25 -13.17 -1.19 -0.66
CA GLY A 25 -13.32 -2.46 -1.33
C GLY A 25 -13.16 -3.66 -0.39
N ASP A 26 -13.98 -4.68 -0.62
CA ASP A 26 -13.93 -5.89 0.19
C ASP A 26 -13.88 -7.11 -0.72
N LEU A 27 -14.69 -7.07 -1.77
CA LEU A 27 -14.74 -8.15 -2.74
C LEU A 27 -14.62 -7.60 -4.16
N PRO A 28 -13.61 -8.08 -4.93
CA PRO A 28 -12.66 -9.09 -4.46
C PRO A 28 -11.53 -8.48 -3.63
N ALA A 29 -11.85 -7.42 -2.88
CA ALA A 29 -10.87 -6.74 -2.04
C ALA A 29 -9.81 -6.05 -2.87
N LEU A 30 -9.32 -4.93 -2.37
CA LEU A 30 -8.30 -4.14 -3.08
C LEU A 30 -8.87 -3.65 -4.40
N ASP A 31 -10.16 -3.34 -4.40
CA ASP A 31 -10.84 -2.85 -5.59
C ASP A 31 -10.49 -1.38 -5.88
N GLY A 32 -9.18 -1.08 -5.90
CA GLY A 32 -8.74 0.27 -6.16
C GLY A 32 -9.02 1.21 -5.00
N ALA A 33 -8.77 0.72 -3.78
CA ALA A 33 -8.99 1.52 -2.58
C ALA A 33 -7.88 2.54 -2.37
N ARG A 34 -7.80 3.08 -1.16
CA ARG A 34 -6.77 4.06 -0.82
C ARG A 34 -5.79 3.47 0.19
N VAL A 35 -4.53 3.87 0.09
CA VAL A 35 -3.51 3.36 1.00
C VAL A 35 -2.51 4.46 1.40
N GLU A 36 -2.14 4.48 2.67
CA GLU A 36 -1.20 5.46 3.19
C GLU A 36 -0.14 4.78 4.04
N PHE A 37 1.09 4.78 3.55
CA PHE A 37 2.19 4.15 4.26
C PHE A 37 2.56 4.94 5.52
N ARG A 38 3.13 4.24 6.49
CA ARG A 38 3.53 4.86 7.75
C ARG A 38 4.55 4.01 8.48
N CYS A 39 5.65 4.64 8.89
CA CYS A 39 6.72 3.94 9.59
C CYS A 39 6.47 3.96 11.10
N ASP A 40 6.82 2.86 11.77
CA ASP A 40 6.64 2.76 13.22
C ASP A 40 7.28 3.95 13.95
N PRO A 41 6.71 4.33 15.11
CA PRO A 41 7.21 5.46 15.91
C PRO A 41 8.70 5.36 16.23
N ASP A 42 9.53 5.67 15.24
CA ASP A 42 10.98 5.63 15.40
C ASP A 42 11.65 5.99 14.07
N PHE A 43 11.04 5.52 12.98
CA PHE A 43 11.56 5.80 11.64
C PHE A 43 10.62 6.76 10.92
N HIS A 44 11.19 7.68 10.14
CA HIS A 44 10.38 8.66 9.42
C HIS A 44 10.22 8.25 7.96
N LEU A 45 8.98 8.31 7.48
CA LEU A 45 8.68 7.95 6.09
C LEU A 45 9.10 9.07 5.15
N VAL A 46 9.93 8.74 4.17
CA VAL A 46 10.42 9.73 3.21
C VAL A 46 10.34 9.21 1.78
N GLY A 47 9.13 8.92 1.31
CA GLY A 47 9.00 8.42 -0.05
C GLY A 47 7.56 8.43 -0.56
N SER A 48 7.14 7.33 -1.15
CA SER A 48 5.81 7.20 -1.70
C SER A 48 4.78 7.01 -0.58
N SER A 49 4.78 7.93 0.37
CA SER A 49 3.87 7.88 1.50
C SER A 49 2.42 7.70 1.03
N ARG A 50 2.05 8.43 -0.02
CA ARG A 50 0.69 8.33 -0.56
C ARG A 50 0.67 7.43 -1.80
N SER A 51 -0.28 6.50 -1.83
CA SER A 51 -0.42 5.56 -2.93
C SER A 51 -1.88 5.13 -3.07
N VAL A 52 -2.29 4.76 -4.28
CA VAL A 52 -3.67 4.36 -4.50
C VAL A 52 -3.77 3.12 -5.41
N CYS A 53 -4.60 2.17 -4.99
CA CYS A 53 -4.81 0.94 -5.75
C CYS A 53 -5.67 1.23 -6.99
N SER A 54 -5.50 0.43 -8.03
CA SER A 54 -6.26 0.60 -9.26
C SER A 54 -6.35 -0.70 -10.05
N GLN A 55 -6.15 -0.63 -11.36
CA GLN A 55 -6.21 -1.81 -12.21
C GLN A 55 -5.29 -2.90 -11.70
N GLY A 56 -4.11 -2.50 -11.21
CA GLY A 56 -3.16 -3.45 -10.70
C GLY A 56 -1.95 -2.77 -10.08
N GLN A 57 -1.37 -1.82 -10.79
CA GLN A 57 -0.23 -1.07 -10.30
C GLN A 57 -0.68 0.10 -9.44
N TRP A 58 0.07 0.37 -8.37
CA TRP A 58 -0.27 1.47 -7.47
C TRP A 58 0.30 2.78 -8.01
N SER A 59 -0.37 3.89 -7.68
CA SER A 59 0.05 5.21 -8.14
C SER A 59 1.55 5.39 -7.97
N THR A 60 2.03 5.23 -6.75
CA THR A 60 3.46 5.37 -6.47
C THR A 60 4.02 4.09 -5.86
N PRO A 61 5.29 3.75 -6.19
CA PRO A 61 5.94 2.54 -5.69
C PRO A 61 5.98 2.48 -4.16
N LYS A 62 6.86 1.64 -3.64
CA LYS A 62 7.00 1.49 -2.19
C LYS A 62 8.10 2.39 -1.65
N PRO A 63 7.79 3.23 -0.64
CA PRO A 63 8.77 4.15 -0.05
C PRO A 63 9.82 3.41 0.78
N HIS A 64 10.42 4.13 1.74
CA HIS A 64 11.43 3.54 2.60
C HIS A 64 11.47 4.26 3.96
N CYS A 65 11.69 3.50 5.03
CA CYS A 65 11.75 4.07 6.36
C CYS A 65 13.19 4.28 6.80
N GLN A 66 13.48 5.47 7.34
CA GLN A 66 14.83 5.78 7.80
C GLN A 66 14.85 6.02 9.30
N VAL A 67 15.90 5.55 9.96
CA VAL A 67 16.03 5.73 11.41
C VAL A 67 16.52 7.13 11.72
N ASN A 68 15.87 7.78 12.67
CA ASN A 68 16.24 9.14 13.04
C ASN A 68 17.63 9.16 13.68
N GLU A 1 -6.74 -24.28 -13.53
CA GLU A 1 -6.45 -22.92 -13.01
C GLU A 1 -5.45 -22.19 -13.90
N ALA A 2 -5.71 -20.91 -14.15
CA ALA A 2 -4.83 -20.09 -14.99
C ALA A 2 -5.26 -18.63 -14.95
N GLU A 3 -6.55 -18.39 -15.20
CA GLU A 3 -7.09 -17.04 -15.19
C GLU A 3 -7.22 -16.52 -13.77
N PHE A 4 -6.90 -15.24 -13.58
CA PHE A 4 -6.98 -14.62 -12.26
C PHE A 4 -7.01 -13.09 -12.37
N VAL A 5 -7.80 -12.46 -11.51
CA VAL A 5 -7.94 -11.01 -11.50
C VAL A 5 -6.60 -10.34 -11.21
N ARG A 6 -6.32 -9.26 -11.93
CA ARG A 6 -5.08 -8.51 -11.75
C ARG A 6 -5.13 -7.63 -10.51
N ILE A 7 -5.53 -8.21 -9.38
CA ILE A 7 -5.61 -7.48 -8.13
C ILE A 7 -4.29 -6.80 -7.80
N CYS A 8 -4.37 -5.57 -7.30
CA CYS A 8 -3.18 -4.80 -6.94
C CYS A 8 -2.27 -5.60 -6.01
N SER A 9 -0.97 -5.57 -6.29
CA SER A 9 0.02 -6.29 -5.49
C SER A 9 -0.18 -6.03 -4.00
N LYS A 10 -0.27 -7.12 -3.23
CA LYS A 10 -0.45 -7.03 -1.79
C LYS A 10 0.90 -6.90 -1.07
N SER A 11 1.98 -7.04 -1.84
CA SER A 11 3.33 -6.95 -1.28
C SER A 11 3.53 -5.65 -0.51
N TYR A 12 2.89 -4.59 -0.98
CA TYR A 12 3.00 -3.28 -0.32
C TYR A 12 2.57 -3.36 1.14
N LEU A 13 1.57 -4.17 1.44
CA LEU A 13 1.05 -4.31 2.79
C LEU A 13 1.95 -5.18 3.67
N THR A 14 3.26 -5.07 3.49
CA THR A 14 4.23 -5.84 4.28
C THR A 14 5.52 -5.05 4.50
N LEU A 15 5.40 -3.92 5.19
CA LEU A 15 6.56 -3.07 5.45
C LEU A 15 7.21 -3.39 6.79
N GLU A 16 8.52 -3.60 6.77
CA GLU A 16 9.27 -3.90 7.98
C GLU A 16 9.42 -2.63 8.82
N ASN A 17 9.22 -2.77 10.13
CA ASN A 17 9.32 -1.63 11.03
C ASN A 17 8.32 -0.56 10.63
N GLY A 18 7.11 -0.98 10.29
CA GLY A 18 6.09 -0.05 9.88
C GLY A 18 4.73 -0.72 9.73
N LYS A 19 3.70 0.11 9.67
CA LYS A 19 2.32 -0.38 9.52
C LYS A 19 1.66 0.27 8.32
N VAL A 20 0.86 -0.51 7.59
CA VAL A 20 0.18 0.01 6.42
C VAL A 20 -1.33 0.14 6.67
N PHE A 21 -1.89 1.25 6.21
CA PHE A 21 -3.31 1.53 6.38
C PHE A 21 -4.05 1.39 5.05
N LEU A 22 -5.26 0.85 5.11
CA LEU A 22 -6.05 0.65 3.89
C LEU A 22 -7.55 0.78 4.18
N THR A 23 -8.25 1.46 3.28
CA THR A 23 -9.69 1.66 3.42
C THR A 23 -10.37 1.65 2.06
N GLY A 24 -11.31 0.72 1.89
CA GLY A 24 -12.03 0.62 0.63
C GLY A 24 -12.46 -0.80 0.33
N GLY A 25 -11.55 -1.75 0.57
CA GLY A 25 -11.85 -3.14 0.33
C GLY A 25 -10.67 -4.04 0.68
N ASP A 26 -10.42 -5.04 -0.17
CA ASP A 26 -9.32 -5.97 0.06
C ASP A 26 -9.22 -6.98 -1.08
N LEU A 27 -10.29 -7.75 -1.25
CA LEU A 27 -10.33 -8.77 -2.28
C LEU A 27 -11.76 -8.98 -2.80
N PRO A 28 -11.95 -9.02 -4.12
CA PRO A 28 -10.86 -8.86 -5.09
C PRO A 28 -10.45 -7.40 -5.27
N ALA A 29 -10.79 -6.57 -4.28
CA ALA A 29 -10.46 -5.14 -4.31
C ALA A 29 -10.89 -4.52 -5.64
N LEU A 30 -10.04 -3.65 -6.20
CA LEU A 30 -10.34 -3.00 -7.48
C LEU A 30 -11.63 -2.19 -7.39
N ASP A 31 -11.63 -1.18 -6.53
CA ASP A 31 -12.80 -0.34 -6.35
C ASP A 31 -12.43 0.97 -5.62
N GLY A 32 -11.41 1.64 -6.14
CA GLY A 32 -10.96 2.89 -5.55
C GLY A 32 -10.41 2.72 -4.15
N ALA A 33 -9.64 1.66 -3.94
CA ALA A 33 -9.04 1.38 -2.63
C ALA A 33 -7.85 2.30 -2.38
N ARG A 34 -7.80 2.87 -1.17
CA ARG A 34 -6.71 3.77 -0.79
C ARG A 34 -5.84 3.15 0.29
N VAL A 35 -4.54 3.41 0.23
CA VAL A 35 -3.60 2.88 1.22
C VAL A 35 -2.54 3.91 1.59
N GLU A 36 -2.16 3.93 2.87
CA GLU A 36 -1.16 4.88 3.34
C GLU A 36 -0.13 4.18 4.23
N PHE A 37 1.14 4.28 3.86
CA PHE A 37 2.22 3.67 4.63
C PHE A 37 2.58 4.53 5.84
N ARG A 38 2.99 3.87 6.92
CA ARG A 38 3.36 4.58 8.15
C ARG A 38 4.57 3.92 8.80
N CYS A 39 5.57 4.73 9.15
CA CYS A 39 6.77 4.22 9.79
C CYS A 39 6.67 4.30 11.31
N ASP A 40 7.17 3.28 12.00
CA ASP A 40 7.14 3.24 13.46
C ASP A 40 7.95 4.40 14.04
N PRO A 41 7.70 4.75 15.33
CA PRO A 41 8.40 5.83 16.00
C PRO A 41 9.90 5.83 15.70
N ASP A 42 10.50 7.01 15.68
CA ASP A 42 11.92 7.17 15.37
C ASP A 42 12.17 7.07 13.87
N PHE A 43 11.28 6.40 13.16
CA PHE A 43 11.41 6.26 11.71
C PHE A 43 10.36 7.10 10.99
N HIS A 44 10.79 7.82 9.96
CA HIS A 44 9.89 8.66 9.19
C HIS A 44 9.91 8.26 7.71
N LEU A 45 8.73 8.14 7.12
CA LEU A 45 8.61 7.76 5.72
C LEU A 45 8.98 8.93 4.81
N VAL A 46 9.85 8.67 3.84
CA VAL A 46 10.30 9.71 2.91
C VAL A 46 10.27 9.23 1.46
N GLY A 47 9.08 8.99 0.93
CA GLY A 47 8.98 8.53 -0.45
C GLY A 47 7.54 8.37 -0.91
N SER A 48 7.26 7.24 -1.58
CA SER A 48 5.93 6.95 -2.08
C SER A 48 5.00 6.57 -0.94
N SER A 49 4.83 7.50 0.01
CA SER A 49 3.99 7.28 1.17
C SER A 49 2.56 6.89 0.80
N ARG A 50 1.94 7.65 -0.10
CA ARG A 50 0.57 7.37 -0.51
C ARG A 50 0.51 6.62 -1.84
N SER A 51 -0.42 5.68 -1.94
CA SER A 51 -0.60 4.89 -3.16
C SER A 51 -2.06 4.45 -3.30
N VAL A 52 -2.55 4.38 -4.54
CA VAL A 52 -3.93 3.98 -4.78
C VAL A 52 -4.03 2.81 -5.75
N CYS A 53 -4.86 1.83 -5.41
CA CYS A 53 -5.06 0.66 -6.26
C CYS A 53 -5.85 1.03 -7.52
N SER A 54 -5.50 0.40 -8.63
CA SER A 54 -6.16 0.66 -9.89
C SER A 54 -6.16 -0.59 -10.77
N GLN A 55 -5.83 -0.44 -12.05
CA GLN A 55 -5.79 -1.58 -12.96
C GLN A 55 -4.92 -2.70 -12.39
N GLY A 56 -3.86 -2.30 -11.70
CA GLY A 56 -2.96 -3.27 -11.09
C GLY A 56 -1.83 -2.58 -10.36
N GLN A 57 -1.19 -1.62 -11.01
CA GLN A 57 -0.09 -0.87 -10.42
C GLN A 57 -0.61 0.22 -9.51
N TRP A 58 0.10 0.47 -8.41
CA TRP A 58 -0.30 1.51 -7.47
C TRP A 58 0.22 2.86 -7.93
N SER A 59 -0.49 3.93 -7.58
CA SER A 59 -0.10 5.28 -7.98
C SER A 59 1.40 5.48 -7.81
N THR A 60 1.93 4.99 -6.70
CA THR A 60 3.36 5.10 -6.41
C THR A 60 3.87 3.82 -5.74
N PRO A 61 5.12 3.42 -6.02
CA PRO A 61 5.71 2.20 -5.45
C PRO A 61 5.77 2.24 -3.93
N LYS A 62 6.69 1.46 -3.36
CA LYS A 62 6.86 1.38 -1.92
C LYS A 62 8.05 2.23 -1.47
N PRO A 63 7.83 3.16 -0.52
CA PRO A 63 8.89 4.03 0.00
C PRO A 63 9.84 3.29 0.94
N HIS A 64 10.39 4.03 1.90
CA HIS A 64 11.32 3.44 2.87
C HIS A 64 11.32 4.23 4.18
N CYS A 65 11.53 3.54 5.29
CA CYS A 65 11.58 4.17 6.60
C CYS A 65 13.00 4.44 7.03
N GLN A 66 13.28 5.66 7.45
CA GLN A 66 14.62 6.05 7.89
C GLN A 66 14.69 6.23 9.39
N VAL A 67 15.76 5.71 9.99
CA VAL A 67 15.97 5.81 11.43
C VAL A 67 16.61 7.16 11.78
N ASN A 68 16.07 8.23 11.22
CA ASN A 68 16.58 9.57 11.45
C ASN A 68 18.08 9.63 11.17
N GLU A 1 -17.78 -17.97 -17.09
CA GLU A 1 -16.74 -18.83 -16.47
C GLU A 1 -15.79 -17.99 -15.61
N ALA A 2 -14.50 -18.32 -15.67
CA ALA A 2 -13.50 -17.61 -14.89
C ALA A 2 -13.40 -16.14 -15.30
N GLU A 3 -13.34 -15.25 -14.31
CA GLU A 3 -13.25 -13.82 -14.56
C GLU A 3 -13.09 -13.06 -13.25
N PHE A 4 -12.14 -12.12 -13.23
CA PHE A 4 -11.88 -11.32 -12.04
C PHE A 4 -10.88 -10.20 -12.32
N VAL A 5 -11.10 -9.05 -11.71
CA VAL A 5 -10.22 -7.90 -11.89
C VAL A 5 -8.86 -8.16 -11.24
N ARG A 6 -7.80 -7.72 -11.90
CA ARG A 6 -6.45 -7.91 -11.38
C ARG A 6 -6.31 -7.30 -9.99
N ILE A 7 -6.15 -8.15 -8.99
CA ILE A 7 -6.01 -7.71 -7.61
C ILE A 7 -4.74 -6.89 -7.41
N CYS A 8 -4.81 -5.91 -6.51
CA CYS A 8 -3.66 -5.06 -6.22
C CYS A 8 -2.43 -5.90 -5.89
N SER A 9 -1.26 -5.44 -6.32
CA SER A 9 -0.02 -6.17 -6.07
C SER A 9 0.11 -6.59 -4.61
N LYS A 10 0.32 -7.89 -4.39
CA LYS A 10 0.45 -8.44 -3.06
C LYS A 10 1.87 -8.24 -2.51
N SER A 11 2.13 -7.07 -1.93
CA SER A 11 3.45 -6.79 -1.39
C SER A 11 3.46 -5.49 -0.59
N TYR A 12 2.82 -4.46 -1.13
CA TYR A 12 2.75 -3.16 -0.46
C TYR A 12 2.07 -3.25 0.90
N LEU A 13 0.97 -4.01 0.96
CA LEU A 13 0.23 -4.17 2.20
C LEU A 13 1.16 -4.55 3.36
N THR A 14 2.25 -5.25 3.05
CA THR A 14 3.20 -5.66 4.07
C THR A 14 4.39 -4.70 4.12
N LEU A 15 4.68 -4.19 5.31
CA LEU A 15 5.80 -3.26 5.48
C LEU A 15 6.47 -3.47 6.83
N GLU A 16 7.76 -3.76 6.81
CA GLU A 16 8.52 -3.96 8.05
C GLU A 16 8.74 -2.62 8.74
N ASN A 17 8.54 -2.60 10.06
CA ASN A 17 8.70 -1.36 10.82
C ASN A 17 7.75 -0.29 10.29
N GLY A 18 6.54 -0.70 9.93
CA GLY A 18 5.55 0.23 9.41
C GLY A 18 4.19 -0.41 9.24
N LYS A 19 3.16 0.40 9.24
CA LYS A 19 1.80 -0.08 9.09
C LYS A 19 1.19 0.35 7.77
N VAL A 20 0.44 -0.54 7.14
CA VAL A 20 -0.20 -0.25 5.86
C VAL A 20 -1.72 -0.18 6.03
N PHE A 21 -2.32 0.91 5.54
CA PHE A 21 -3.76 1.11 5.66
C PHE A 21 -4.44 1.05 4.29
N LEU A 22 -4.41 -0.12 3.66
CA LEU A 22 -5.01 -0.31 2.35
C LEU A 22 -6.54 -0.41 2.44
N THR A 23 -7.15 0.49 3.20
CA THR A 23 -8.60 0.51 3.37
C THR A 23 -9.28 1.05 2.13
N GLY A 24 -10.35 0.37 1.69
CA GLY A 24 -11.08 0.81 0.53
C GLY A 24 -11.93 -0.28 -0.10
N GLY A 25 -11.30 -1.40 -0.42
CA GLY A 25 -12.02 -2.50 -1.03
C GLY A 25 -12.73 -3.39 -0.03
N ASP A 26 -12.82 -4.68 -0.35
CA ASP A 26 -13.48 -5.66 0.50
C ASP A 26 -13.42 -7.03 -0.15
N LEU A 27 -12.21 -7.59 -0.23
CA LEU A 27 -11.99 -8.89 -0.86
C LEU A 27 -13.18 -9.83 -0.63
N PRO A 28 -13.77 -10.36 -1.71
CA PRO A 28 -13.34 -10.07 -3.09
C PRO A 28 -13.82 -8.70 -3.58
N ALA A 29 -12.99 -7.69 -3.40
CA ALA A 29 -13.31 -6.33 -3.83
C ALA A 29 -12.14 -5.38 -3.55
N LEU A 30 -12.02 -4.35 -4.37
CA LEU A 30 -10.93 -3.37 -4.21
C LEU A 30 -11.14 -2.15 -5.10
N ASP A 31 -12.38 -1.71 -5.23
CA ASP A 31 -12.70 -0.55 -6.04
C ASP A 31 -12.25 0.74 -5.35
N GLY A 32 -11.43 1.52 -6.04
CA GLY A 32 -10.94 2.77 -5.49
C GLY A 32 -10.29 2.59 -4.13
N ALA A 33 -9.52 1.50 -3.99
CA ALA A 33 -8.85 1.21 -2.73
C ALA A 33 -7.68 2.17 -2.50
N ARG A 34 -7.69 2.84 -1.35
CA ARG A 34 -6.63 3.79 -1.00
C ARG A 34 -5.84 3.26 0.19
N VAL A 35 -4.53 3.51 0.20
CA VAL A 35 -3.70 3.05 1.29
C VAL A 35 -2.76 4.14 1.81
N GLU A 36 -2.77 4.31 3.13
CA GLU A 36 -1.94 5.29 3.80
C GLU A 36 -0.68 4.63 4.36
N PHE A 37 0.47 5.29 4.18
CA PHE A 37 1.73 4.74 4.66
C PHE A 37 2.32 5.59 5.79
N ARG A 38 2.92 4.93 6.76
CA ARG A 38 3.54 5.59 7.90
C ARG A 38 4.48 4.65 8.62
N CYS A 39 5.73 5.09 8.79
CA CYS A 39 6.74 4.28 9.47
C CYS A 39 6.73 4.52 10.98
N ASP A 40 6.91 3.44 11.73
CA ASP A 40 6.92 3.52 13.20
C ASP A 40 7.95 4.53 13.69
N PRO A 41 7.83 4.98 14.95
CA PRO A 41 8.75 5.95 15.55
C PRO A 41 10.21 5.54 15.36
N ASP A 42 11.13 6.49 15.59
CA ASP A 42 12.56 6.25 15.42
C ASP A 42 12.93 6.22 13.94
N PHE A 43 11.92 6.04 13.09
CA PHE A 43 12.13 5.99 11.65
C PHE A 43 11.13 6.92 10.96
N HIS A 44 11.62 7.76 10.05
CA HIS A 44 10.75 8.69 9.33
C HIS A 44 10.48 8.20 7.92
N LEU A 45 9.20 8.05 7.57
CA LEU A 45 8.83 7.61 6.23
C LEU A 45 8.90 8.79 5.28
N VAL A 46 9.76 8.68 4.26
CA VAL A 46 9.93 9.75 3.29
C VAL A 46 10.01 9.21 1.86
N GLY A 47 8.87 8.84 1.29
CA GLY A 47 8.88 8.31 -0.06
C GLY A 47 7.49 8.13 -0.63
N SER A 48 6.74 9.23 -0.72
CA SER A 48 5.39 9.17 -1.25
C SER A 48 4.58 8.12 -0.51
N SER A 49 4.33 8.38 0.77
CA SER A 49 3.60 7.47 1.63
C SER A 49 2.13 7.40 1.27
N ARG A 50 1.82 7.46 -0.03
CA ARG A 50 0.45 7.39 -0.52
C ARG A 50 0.38 6.55 -1.79
N SER A 51 -0.58 5.63 -1.84
CA SER A 51 -0.74 4.76 -3.00
C SER A 51 -2.21 4.35 -3.17
N VAL A 52 -2.63 4.16 -4.42
CA VAL A 52 -4.00 3.77 -4.70
C VAL A 52 -4.08 2.88 -5.93
N CYS A 53 -4.81 1.77 -5.82
CA CYS A 53 -4.98 0.84 -6.92
C CYS A 53 -5.73 1.51 -8.06
N SER A 54 -5.43 1.12 -9.29
CA SER A 54 -6.09 1.70 -10.46
C SER A 54 -6.19 0.70 -11.60
N GLN A 55 -5.22 -0.21 -11.67
CA GLN A 55 -5.19 -1.22 -12.72
C GLN A 55 -4.12 -2.26 -12.43
N GLY A 56 -4.17 -2.85 -11.24
CA GLY A 56 -3.18 -3.86 -10.87
C GLY A 56 -1.80 -3.25 -10.69
N GLN A 57 -1.76 -2.10 -10.04
CA GLN A 57 -0.51 -1.39 -9.80
C GLN A 57 -0.74 -0.20 -8.88
N TRP A 58 0.14 -0.01 -7.91
CA TRP A 58 0.02 1.10 -6.97
C TRP A 58 0.62 2.37 -7.55
N SER A 59 0.00 3.51 -7.24
CA SER A 59 0.46 4.79 -7.74
C SER A 59 1.95 4.99 -7.50
N THR A 60 2.40 4.77 -6.28
CA THR A 60 3.81 4.94 -5.94
C THR A 60 4.38 3.73 -5.20
N PRO A 61 5.59 3.30 -5.57
CA PRO A 61 6.27 2.16 -4.94
C PRO A 61 6.57 2.39 -3.47
N LYS A 62 6.76 1.30 -2.73
CA LYS A 62 7.05 1.37 -1.30
C LYS A 62 8.23 2.29 -1.02
N PRO A 63 8.10 3.17 -0.01
CA PRO A 63 9.15 4.12 0.38
C PRO A 63 10.25 3.47 1.20
N HIS A 64 10.82 4.25 2.14
CA HIS A 64 11.88 3.74 3.00
C HIS A 64 11.91 4.51 4.31
N CYS A 65 12.33 3.84 5.39
CA CYS A 65 12.40 4.47 6.71
C CYS A 65 13.80 4.99 6.98
N GLN A 66 13.87 6.23 7.47
CA GLN A 66 15.15 6.87 7.79
C GLN A 66 15.41 6.85 9.28
N VAL A 67 16.65 6.55 9.66
CA VAL A 67 17.04 6.51 11.07
C VAL A 67 16.81 7.86 11.74
N ASN A 68 16.19 7.83 12.91
CA ASN A 68 15.91 9.05 13.66
C ASN A 68 17.20 9.78 14.01
N GLU A 1 -19.85 -17.24 -15.09
CA GLU A 1 -18.38 -17.17 -15.25
C GLU A 1 -17.89 -15.73 -15.29
N ALA A 2 -18.26 -14.95 -14.27
CA ALA A 2 -17.86 -13.56 -14.18
C ALA A 2 -16.35 -13.42 -14.26
N GLU A 3 -15.88 -12.53 -15.12
CA GLU A 3 -14.44 -12.30 -15.28
C GLU A 3 -13.85 -11.69 -14.02
N PHE A 4 -12.75 -12.27 -13.54
CA PHE A 4 -12.09 -11.79 -12.34
C PHE A 4 -11.37 -10.47 -12.60
N VAL A 5 -10.24 -10.27 -11.91
CA VAL A 5 -9.46 -9.05 -12.05
C VAL A 5 -8.18 -9.14 -11.23
N ARG A 6 -7.06 -8.74 -11.84
CA ARG A 6 -5.76 -8.78 -11.17
C ARG A 6 -5.71 -7.79 -10.02
N ILE A 7 -5.50 -8.30 -8.81
CA ILE A 7 -5.42 -7.45 -7.63
C ILE A 7 -4.01 -6.89 -7.44
N CYS A 8 -3.93 -5.66 -6.94
CA CYS A 8 -2.63 -5.02 -6.72
C CYS A 8 -1.73 -5.91 -5.86
N SER A 9 -0.45 -5.94 -6.19
CA SER A 9 0.52 -6.75 -5.47
C SER A 9 0.39 -6.55 -3.96
N LYS A 10 0.30 -7.67 -3.23
CA LYS A 10 0.17 -7.62 -1.78
C LYS A 10 1.53 -7.42 -1.11
N SER A 11 2.54 -7.10 -1.91
CA SER A 11 3.88 -6.88 -1.38
C SER A 11 3.93 -5.61 -0.53
N TYR A 12 3.22 -4.58 -0.99
CA TYR A 12 3.18 -3.30 -0.29
C TYR A 12 2.58 -3.45 1.11
N LEU A 13 1.63 -4.38 1.24
CA LEU A 13 0.96 -4.61 2.52
C LEU A 13 1.95 -4.68 3.67
N THR A 14 3.04 -5.42 3.46
CA THR A 14 4.08 -5.55 4.48
C THR A 14 5.16 -4.49 4.28
N LEU A 15 5.62 -3.90 5.38
CA LEU A 15 6.64 -2.87 5.30
C LEU A 15 7.57 -2.95 6.51
N GLU A 16 8.88 -3.08 6.25
CA GLU A 16 9.87 -3.17 7.31
C GLU A 16 9.87 -1.90 8.17
N ASN A 17 9.71 -2.08 9.47
CA ASN A 17 9.67 -0.95 10.39
C ASN A 17 8.56 0.01 9.99
N GLY A 18 7.43 -0.55 9.57
CA GLY A 18 6.30 0.26 9.15
C GLY A 18 5.01 -0.53 9.14
N LYS A 19 3.90 0.16 8.88
CA LYS A 19 2.59 -0.48 8.84
C LYS A 19 1.73 0.08 7.72
N VAL A 20 1.04 -0.79 7.02
CA VAL A 20 0.17 -0.38 5.92
C VAL A 20 -1.30 -0.55 6.28
N PHE A 21 -2.09 0.49 6.02
CA PHE A 21 -3.52 0.46 6.32
C PHE A 21 -4.33 0.46 5.04
N LEU A 22 -5.32 -0.43 4.97
CA LEU A 22 -6.17 -0.52 3.80
C LEU A 22 -7.56 0.01 4.12
N THR A 23 -8.08 0.86 3.23
CA THR A 23 -9.40 1.43 3.43
C THR A 23 -9.96 1.98 2.13
N GLY A 24 -11.19 1.60 1.80
CA GLY A 24 -11.81 2.07 0.58
C GLY A 24 -12.91 1.15 0.11
N GLY A 25 -12.69 -0.15 0.23
CA GLY A 25 -13.67 -1.13 -0.19
C GLY A 25 -13.40 -2.50 0.40
N ASP A 26 -13.35 -3.52 -0.46
CA ASP A 26 -13.10 -4.88 -0.01
C ASP A 26 -12.98 -5.80 -1.22
N LEU A 27 -11.95 -6.65 -1.21
CA LEU A 27 -11.70 -7.58 -2.30
C LEU A 27 -13.01 -8.22 -2.77
N PRO A 28 -13.18 -8.40 -4.09
CA PRO A 28 -12.18 -8.03 -5.08
C PRO A 28 -12.31 -6.58 -5.57
N ALA A 29 -12.50 -5.65 -4.64
CA ALA A 29 -12.62 -4.24 -5.02
C ALA A 29 -11.33 -3.72 -5.62
N LEU A 30 -11.44 -2.80 -6.58
CA LEU A 30 -10.27 -2.22 -7.23
C LEU A 30 -10.48 -0.73 -7.46
N ASP A 31 -11.61 -0.38 -8.07
CA ASP A 31 -11.94 1.01 -8.35
C ASP A 31 -12.40 1.74 -7.09
N GLY A 32 -11.69 1.55 -5.99
CA GLY A 32 -12.06 2.22 -4.75
C GLY A 32 -11.31 1.70 -3.54
N ALA A 33 -9.99 1.85 -3.56
CA ALA A 33 -9.17 1.39 -2.45
C ALA A 33 -7.81 2.07 -2.44
N ARG A 34 -7.47 2.68 -1.31
CA ARG A 34 -6.19 3.37 -1.15
C ARG A 34 -5.53 2.99 0.17
N VAL A 35 -4.26 2.60 0.11
CA VAL A 35 -3.52 2.22 1.30
C VAL A 35 -2.67 3.37 1.83
N GLU A 36 -2.75 3.60 3.14
CA GLU A 36 -1.99 4.67 3.77
C GLU A 36 -0.72 4.11 4.42
N PHE A 37 0.42 4.67 4.05
CA PHE A 37 1.70 4.24 4.60
C PHE A 37 2.09 5.08 5.81
N ARG A 38 2.71 4.43 6.79
CA ARG A 38 3.17 5.12 7.99
C ARG A 38 4.26 4.31 8.68
N CYS A 39 5.38 4.98 8.96
CA CYS A 39 6.51 4.33 9.59
C CYS A 39 6.41 4.41 11.12
N ASP A 40 6.88 3.35 11.78
CA ASP A 40 6.86 3.29 13.24
C ASP A 40 7.51 4.53 13.84
N PRO A 41 7.10 4.92 15.06
CA PRO A 41 7.64 6.08 15.76
C PRO A 41 9.17 6.10 15.72
N ASP A 42 9.74 7.30 15.87
CA ASP A 42 11.19 7.49 15.85
C ASP A 42 11.70 7.48 14.40
N PHE A 43 11.08 6.67 13.56
CA PHE A 43 11.46 6.59 12.15
C PHE A 43 10.40 7.24 11.28
N HIS A 44 10.82 8.04 10.31
CA HIS A 44 9.87 8.72 9.41
C HIS A 44 9.98 8.20 7.98
N LEU A 45 8.83 7.94 7.37
CA LEU A 45 8.79 7.44 6.00
C LEU A 45 8.98 8.60 5.02
N VAL A 46 9.86 8.40 4.04
CA VAL A 46 10.14 9.43 3.04
C VAL A 46 10.02 8.89 1.62
N GLY A 47 8.79 8.75 1.14
CA GLY A 47 8.58 8.25 -0.21
C GLY A 47 7.13 8.02 -0.53
N SER A 48 6.81 6.79 -0.94
CA SER A 48 5.44 6.41 -1.29
C SER A 48 4.55 6.33 -0.06
N SER A 49 4.42 7.44 0.65
CA SER A 49 3.61 7.51 1.86
C SER A 49 2.16 7.11 1.54
N ARG A 50 1.77 7.26 0.29
CA ARG A 50 0.40 6.91 -0.13
C ARG A 50 0.43 6.25 -1.51
N SER A 51 -0.40 5.22 -1.68
CA SER A 51 -0.47 4.50 -2.96
C SER A 51 -1.88 4.04 -3.28
N VAL A 52 -2.34 4.35 -4.49
CA VAL A 52 -3.68 3.97 -4.92
C VAL A 52 -3.65 2.67 -5.74
N CYS A 53 -4.54 1.75 -5.41
CA CYS A 53 -4.63 0.46 -6.10
C CYS A 53 -5.40 0.62 -7.42
N SER A 54 -5.00 1.59 -8.23
CA SER A 54 -5.65 1.84 -9.52
C SER A 54 -5.17 0.87 -10.60
N GLN A 55 -6.12 0.34 -11.36
CA GLN A 55 -5.82 -0.60 -12.45
C GLN A 55 -4.90 -1.72 -11.99
N GLY A 56 -5.24 -2.32 -10.85
CA GLY A 56 -4.43 -3.42 -10.32
C GLY A 56 -2.95 -3.04 -10.23
N GLN A 57 -2.68 -1.84 -9.73
CA GLN A 57 -1.31 -1.36 -9.60
C GLN A 57 -1.27 -0.14 -8.69
N TRP A 58 -0.23 -0.04 -7.87
CA TRP A 58 -0.09 1.08 -6.95
C TRP A 58 0.52 2.29 -7.64
N SER A 59 0.01 3.47 -7.31
CA SER A 59 0.50 4.71 -7.90
C SER A 59 1.99 4.89 -7.67
N THR A 60 2.43 4.76 -6.41
CA THR A 60 3.83 4.91 -6.07
C THR A 60 4.41 3.64 -5.47
N PRO A 61 5.60 3.22 -5.93
CA PRO A 61 6.29 2.01 -5.44
C PRO A 61 6.72 2.14 -3.98
N LYS A 62 6.66 1.03 -3.25
CA LYS A 62 7.05 1.01 -1.84
C LYS A 62 8.37 1.73 -1.62
N PRO A 63 8.42 2.70 -0.68
CA PRO A 63 9.62 3.47 -0.38
C PRO A 63 10.50 2.84 0.69
N HIS A 64 11.06 3.68 1.54
CA HIS A 64 11.93 3.24 2.63
C HIS A 64 11.89 4.24 3.78
N CYS A 65 12.01 3.75 5.01
CA CYS A 65 11.97 4.62 6.18
C CYS A 65 13.39 4.96 6.66
N GLN A 66 13.62 6.24 6.93
CA GLN A 66 14.92 6.71 7.38
C GLN A 66 14.90 6.99 8.89
N VAL A 67 15.95 6.55 9.58
CA VAL A 67 16.06 6.76 11.02
C VAL A 67 16.72 8.09 11.32
N ASN A 68 16.14 8.85 12.24
CA ASN A 68 16.69 10.14 12.61
C ASN A 68 18.00 9.98 13.37
#